data_6EN5
#
_entry.id   6EN5
#
_cell.length_a   74.167
_cell.length_b   103.447
_cell.length_c   115.446
_cell.angle_alpha   84.86
_cell.angle_beta   85.49
_cell.angle_gamma   81.99
#
_symmetry.space_group_name_H-M   'P 1'
#
loop_
_entity.id
_entity.type
_entity.pdbx_description
1 polymer 'Angiotensin-converting enzyme'
2 branched 2-acetamido-2-deoxy-beta-D-glucopyranose-(1-4)-2-acetamido-2-deoxy-beta-D-glucopyranose
3 branched beta-D-mannopyranose-(1-4)-2-acetamido-2-deoxy-beta-D-glucopyranose-(1-4)-[alpha-L-fucopyranose-(1-6)]2-acetamido-2-deoxy-beta-D-glucopyranose
4 branched 2-acetamido-2-deoxy-beta-D-glucopyranose-(1-4)-[alpha-L-fucopyranose-(1-6)]2-acetamido-2-deoxy-beta-D-glucopyranose
5 branched beta-D-mannopyranose-(1-4)-2-acetamido-2-deoxy-beta-D-glucopyranose-(1-4)-2-acetamido-2-deoxy-beta-D-glucopyranose
6 branched alpha-D-mannopyranose-(1-3)-[alpha-D-mannopyranose-(1-6)]beta-D-mannopyranose-(1-4)-2-acetamido-2-deoxy-beta-D-glucopyranose-(1-4)-[alpha-L-fucopyranose-(1-6)]2-acetamido-2-deoxy-beta-D-glucopyranose
7 non-polymer 'ZINC ION'
8 non-polymer '(2~{S})-1-[(2~{S})-2-[[(1~{S})-1-[(2~{S})-1-[(2~{S})-2-azanyl-4-oxidanyl-4-oxidanylidene-butanoyl]pyrrolidin-2-yl]-2-oxidanyl-2-oxidanylidene-ethyl]amino]propanoyl]pyrrolidine-2-carboxylic acid'
9 non-polymer 'CHLORIDE ION'
10 non-polymer 'MAGNESIUM ION'
11 non-polymer DI(HYDROXYETHYL)ETHER
12 non-polymer 1,2-ETHANEDIOL
13 non-polymer 'ACETATE ION'
14 non-polymer 3,6,9,12,15,18,21,24,27,30,33,36,39-TRIDECAOXAHENTETRACONTANE-1,41-DIOL
15 non-polymer 'TRIETHYLENE GLYCOL'
16 non-polymer 'TETRAETHYLENE GLYCOL'
17 non-polymer 3,6,9,12,15,18,21,24,27-NONAOXANONACOSANE-1,29-DIOL
18 water water
#
_entity_poly.entity_id   1
_entity_poly.type   'polypeptide(L)'
_entity_poly.pdbx_seq_one_letter_code
;LDPGLQPGQFSADEAGAQLFAQSYQSSAEQVLFQSVAASWAHDTNITAENARRQEEAALLSQEFAEAWGQKAKELYEPIW
QQFTDPQLRRIIGAVRTLGSANLPLAKRQQYNALLSQMSRIYSTAKVCLPQKTATCWSLDPDLTNILASSRSYAMLLFAW
EGWHNAAGIPLKPLYEDFTALSNEAYKQDGFTDTGAYWRSWYNSPTFEDDLEHLYQQLEPLYLNLHAFVRRALHRRYGDR
YINLRGPIPAHLLGDMWAQSWENIYDMVVPFPDKPNLDVTSTMLQQGWQATHMFRVAEEFFTSLELSPMPPEFWEGSMLE
KPADGREVVCHASAWDFYNRKDFRIKQCTRVTMDQLSTVHHEMGHIQYYLQYKDLPVSLRRGANPGFHEAIGDVLALSVS
TPEHLHKIGLLDRVTNDTESDINYLLKMALEKIAFLPFGYLVDQWRWGVFSGRTPPSRYNFDWWYLRTKYQGICPPVTRN
ETHFDAGAKFHVPNVTPYIRYFVSFVLQFQFHEALCKEAGYEGPLHQCDIYRSTKAGAKLRKVLRAGSSRPWQEVLKDMV
GLDALDAQPLLKYFQLVTQWLQEQNQQNGEVLGWPEYQWHPPLPDNYPEGIDLVTDEAEASKFVEEYDL
;
_entity_poly.pdbx_strand_id   A,B,C,D
#
# COMPACT_ATOMS: atom_id res chain seq x y z
N LEU A 1 -66.53 -23.36 -25.42
CA LEU A 1 -66.80 -22.35 -24.36
C LEU A 1 -68.30 -22.13 -24.18
N ASP A 2 -68.76 -22.15 -22.93
CA ASP A 2 -70.17 -21.92 -22.67
C ASP A 2 -70.59 -20.59 -23.30
N PRO A 3 -71.69 -20.55 -24.05
CA PRO A 3 -72.11 -19.29 -24.68
C PRO A 3 -72.31 -18.15 -23.68
N GLY A 4 -72.71 -18.46 -22.45
CA GLY A 4 -72.87 -17.41 -21.45
C GLY A 4 -71.59 -16.69 -21.13
N LEU A 5 -70.45 -17.26 -21.51
CA LEU A 5 -69.14 -16.65 -21.28
C LEU A 5 -68.58 -15.99 -22.53
N GLN A 6 -69.33 -16.02 -23.68
CA GLN A 6 -68.85 -15.43 -24.92
C GLN A 6 -69.30 -13.97 -25.04
N PRO A 7 -68.55 -13.12 -25.73
CA PRO A 7 -68.96 -11.72 -25.87
C PRO A 7 -70.19 -11.54 -26.76
N GLY A 8 -70.99 -10.52 -26.43
CA GLY A 8 -72.07 -10.08 -27.28
C GLY A 8 -71.59 -9.05 -28.30
N GLN A 9 -72.47 -8.12 -28.65
CA GLN A 9 -72.13 -7.10 -29.64
C GLN A 9 -71.95 -5.73 -28.99
N PHE A 10 -70.92 -5.03 -29.46
CA PHE A 10 -70.54 -3.72 -28.93
C PHE A 10 -70.09 -2.82 -30.08
N SER A 11 -70.34 -1.52 -29.94
CA SER A 11 -69.95 -0.55 -30.95
C SER A 11 -68.44 -0.30 -30.92
N ALA A 12 -67.89 0.03 -32.09
CA ALA A 12 -66.45 0.25 -32.27
C ALA A 12 -66.08 1.71 -31.97
N ASP A 13 -66.30 2.10 -30.72
CA ASP A 13 -65.96 3.45 -30.25
C ASP A 13 -65.78 3.38 -28.73
N GLU A 14 -65.42 4.52 -28.12
CA GLU A 14 -65.16 4.53 -26.68
C GLU A 14 -66.40 4.17 -25.88
N ALA A 15 -67.59 4.57 -26.35
CA ALA A 15 -68.82 4.21 -25.66
C ALA A 15 -69.03 2.70 -25.64
N GLY A 16 -68.77 2.03 -26.78
CA GLY A 16 -68.89 0.58 -26.82
C GLY A 16 -67.84 -0.14 -25.99
N ALA A 17 -66.60 0.36 -26.01
CA ALA A 17 -65.51 -0.26 -25.25
C ALA A 17 -65.76 -0.22 -23.75
N GLN A 18 -66.40 0.84 -23.22
CA GLN A 18 -66.73 0.83 -21.80
C GLN A 18 -67.67 -0.32 -21.45
N LEU A 19 -68.67 -0.57 -22.30
CA LEU A 19 -69.60 -1.67 -22.03
C LEU A 19 -68.92 -3.03 -22.22
N PHE A 20 -68.04 -3.13 -23.23
CA PHE A 20 -67.25 -4.35 -23.45
C PHE A 20 -66.43 -4.68 -22.20
N ALA A 21 -65.79 -3.67 -21.64
CA ALA A 21 -64.95 -3.89 -20.46
C ALA A 21 -65.78 -4.37 -19.28
N GLN A 22 -66.97 -3.78 -19.07
CA GLN A 22 -67.81 -4.23 -17.95
C GLN A 22 -68.27 -5.65 -18.15
N SER A 23 -68.63 -6.01 -19.39
CA SER A 23 -69.11 -7.37 -19.65
C SER A 23 -67.98 -8.38 -19.52
N TYR A 24 -66.81 -8.04 -20.03
CA TYR A 24 -65.64 -8.88 -19.85
C TYR A 24 -65.40 -9.16 -18.37
N GLN A 25 -65.45 -8.11 -17.55
CA GLN A 25 -65.19 -8.25 -16.12
C GLN A 25 -66.11 -9.28 -15.48
N SER A 26 -67.40 -9.25 -15.83
CA SER A 26 -68.35 -10.16 -15.20
C SER A 26 -67.99 -11.62 -15.47
N SER A 27 -67.57 -11.96 -16.68
CA SER A 27 -67.26 -13.34 -16.98
C SER A 27 -65.82 -13.72 -16.60
N ALA A 28 -64.88 -12.78 -16.65
CA ALA A 28 -63.48 -13.11 -16.36
C ALA A 28 -63.29 -13.53 -14.90
N GLU A 29 -64.00 -12.90 -13.97
CA GLU A 29 -63.87 -13.28 -12.57
C GLU A 29 -64.25 -14.75 -12.38
N GLN A 30 -65.23 -15.24 -13.16
N GLN A 30 -65.22 -15.23 -13.17
CA GLN A 30 -65.62 -16.63 -13.08
CA GLN A 30 -65.62 -16.63 -13.08
C GLN A 30 -64.53 -17.55 -13.63
C GLN A 30 -64.55 -17.56 -13.64
N VAL A 31 -63.97 -17.20 -14.79
CA VAL A 31 -62.97 -18.06 -15.43
C VAL A 31 -61.67 -18.06 -14.63
N LEU A 32 -61.26 -16.91 -14.11
CA LEU A 32 -60.04 -16.82 -13.30
C LEU A 32 -60.17 -17.60 -12.00
N PHE A 33 -61.29 -17.44 -11.29
CA PHE A 33 -61.49 -18.17 -10.03
C PHE A 33 -61.36 -19.68 -10.25
N GLN A 34 -62.00 -20.22 -11.30
CA GLN A 34 -61.94 -21.67 -11.51
C GLN A 34 -60.50 -22.11 -11.81
N SER A 35 -59.74 -21.28 -12.51
CA SER A 35 -58.35 -21.63 -12.82
C SER A 35 -57.48 -21.59 -11.56
N VAL A 36 -57.60 -20.55 -10.73
CA VAL A 36 -56.81 -20.47 -9.49
C VAL A 36 -57.20 -21.57 -8.54
N ALA A 37 -58.49 -21.88 -8.44
CA ALA A 37 -58.95 -22.95 -7.57
C ALA A 37 -58.37 -24.30 -7.99
N ALA A 38 -58.34 -24.55 -9.29
CA ALA A 38 -57.79 -25.83 -9.76
C ALA A 38 -56.29 -25.90 -9.49
N SER A 39 -55.59 -24.78 -9.65
CA SER A 39 -54.16 -24.75 -9.33
C SER A 39 -53.91 -24.96 -7.83
N TRP A 40 -54.76 -24.38 -6.98
CA TRP A 40 -54.63 -24.57 -5.54
C TRP A 40 -54.81 -26.04 -5.16
N ALA A 41 -55.82 -26.69 -5.73
CA ALA A 41 -56.09 -28.09 -5.41
C ALA A 41 -54.93 -29.00 -5.81
N HIS A 42 -54.23 -28.67 -6.91
CA HIS A 42 -53.06 -29.44 -7.33
C HIS A 42 -51.84 -29.11 -6.47
N ASP A 43 -51.55 -27.82 -6.28
CA ASP A 43 -50.32 -27.44 -5.57
C ASP A 43 -50.35 -27.83 -4.08
N THR A 44 -51.53 -28.02 -3.49
CA THR A 44 -51.64 -28.54 -2.13
C THR A 44 -51.90 -30.04 -2.09
N ASN A 45 -51.88 -30.73 -3.23
CA ASN A 45 -52.20 -32.16 -3.29
C ASN A 45 -51.82 -32.68 -4.67
N ILE A 46 -50.53 -32.91 -4.91
CA ILE A 46 -50.08 -33.24 -6.25
C ILE A 46 -50.48 -34.67 -6.58
N THR A 47 -51.36 -34.82 -7.58
CA THR A 47 -51.79 -36.13 -8.07
C THR A 47 -52.06 -36.03 -9.56
N ALA A 48 -52.10 -37.20 -10.22
CA ALA A 48 -52.39 -37.20 -11.66
C ALA A 48 -53.78 -36.64 -11.95
N GLU A 49 -54.77 -36.94 -11.08
CA GLU A 49 -56.13 -36.45 -11.31
C GLU A 49 -56.23 -34.94 -11.13
N ASN A 50 -55.53 -34.38 -10.13
CA ASN A 50 -55.60 -32.93 -9.95
C ASN A 50 -54.85 -32.20 -11.07
N ALA A 51 -53.81 -32.83 -11.63
CA ALA A 51 -53.17 -32.27 -12.81
C ALA A 51 -54.12 -32.27 -14.01
N ARG A 52 -54.88 -33.35 -14.20
CA ARG A 52 -55.86 -33.36 -15.28
C ARG A 52 -56.87 -32.23 -15.13
N ARG A 53 -57.40 -32.03 -13.93
CA ARG A 53 -58.40 -30.99 -13.71
C ARG A 53 -57.81 -29.59 -13.94
N GLN A 54 -56.57 -29.38 -13.56
CA GLN A 54 -55.93 -28.09 -13.76
C GLN A 54 -55.69 -27.81 -15.25
N GLU A 55 -55.33 -28.85 -16.03
CA GLU A 55 -55.15 -28.65 -17.46
C GLU A 55 -56.49 -28.36 -18.15
N GLU A 56 -57.57 -28.98 -17.67
CA GLU A 56 -58.89 -28.69 -18.21
C GLU A 56 -59.27 -27.23 -17.94
N ALA A 57 -58.99 -26.74 -16.74
CA ALA A 57 -59.29 -25.35 -16.40
C ALA A 57 -58.45 -24.40 -17.23
N ALA A 58 -57.19 -24.75 -17.47
CA ALA A 58 -56.32 -23.92 -18.31
C ALA A 58 -56.83 -23.83 -19.74
N LEU A 59 -57.32 -24.95 -20.28
CA LEU A 59 -57.83 -24.94 -21.64
C LEU A 59 -59.06 -24.03 -21.77
N LEU A 60 -59.93 -24.06 -20.78
CA LEU A 60 -61.10 -23.19 -20.78
C LEU A 60 -60.68 -21.72 -20.74
N SER A 61 -59.67 -21.39 -19.91
CA SER A 61 -59.17 -20.02 -19.88
C SER A 61 -58.61 -19.60 -21.24
N GLN A 62 -57.97 -20.51 -21.96
CA GLN A 62 -57.48 -20.16 -23.30
C GLN A 62 -58.63 -19.90 -24.28
N GLU A 63 -59.71 -20.70 -24.23
CA GLU A 63 -60.86 -20.42 -25.10
C GLU A 63 -61.46 -19.06 -24.79
N PHE A 64 -61.60 -18.75 -23.49
CA PHE A 64 -62.10 -17.44 -23.06
C PHE A 64 -61.22 -16.32 -23.57
N ALA A 65 -59.89 -16.43 -23.37
CA ALA A 65 -58.98 -15.37 -23.78
C ALA A 65 -59.03 -15.17 -25.28
N GLU A 66 -59.16 -16.25 -26.05
CA GLU A 66 -59.25 -16.10 -27.49
C GLU A 66 -60.54 -15.40 -27.90
N ALA A 67 -61.67 -15.75 -27.30
CA ALA A 67 -62.94 -15.19 -27.73
C ALA A 67 -63.00 -13.67 -27.47
N TRP A 68 -62.65 -13.25 -26.26
CA TRP A 68 -62.70 -11.83 -25.93
C TRP A 68 -61.55 -11.07 -26.55
N GLY A 69 -60.39 -11.73 -26.68
CA GLY A 69 -59.26 -11.09 -27.33
C GLY A 69 -59.46 -10.82 -28.80
N GLN A 70 -60.00 -11.79 -29.54
CA GLN A 70 -60.23 -11.53 -30.95
C GLN A 70 -61.30 -10.48 -31.16
N LYS A 71 -62.30 -10.43 -30.29
CA LYS A 71 -63.31 -9.38 -30.41
C LYS A 71 -62.69 -8.01 -30.11
N ALA A 72 -61.86 -7.90 -29.07
CA ALA A 72 -61.22 -6.63 -28.77
C ALA A 72 -60.38 -6.15 -29.95
N LYS A 73 -59.63 -7.04 -30.59
CA LYS A 73 -58.82 -6.60 -31.72
C LYS A 73 -59.69 -6.18 -32.89
N GLU A 74 -60.74 -6.95 -33.17
CA GLU A 74 -61.62 -6.64 -34.29
C GLU A 74 -62.24 -5.26 -34.14
N LEU A 75 -62.67 -4.91 -32.93
CA LEU A 75 -63.40 -3.66 -32.69
C LEU A 75 -62.50 -2.45 -32.43
N TYR A 76 -61.36 -2.63 -31.75
CA TYR A 76 -60.65 -1.49 -31.18
C TYR A 76 -59.16 -1.41 -31.50
N GLU A 77 -58.59 -2.38 -32.23
CA GLU A 77 -57.13 -2.38 -32.42
C GLU A 77 -56.59 -1.04 -32.93
N PRO A 78 -57.24 -0.34 -33.86
CA PRO A 78 -56.70 0.94 -34.34
C PRO A 78 -57.01 2.15 -33.46
N ILE A 79 -57.83 2.02 -32.40
CA ILE A 79 -58.31 3.20 -31.70
C ILE A 79 -58.13 3.16 -30.18
N TRP A 80 -57.86 2.00 -29.56
CA TRP A 80 -57.83 1.95 -28.10
C TRP A 80 -56.74 2.84 -27.51
N GLN A 81 -55.64 3.04 -28.21
CA GLN A 81 -54.55 3.84 -27.65
C GLN A 81 -54.90 5.31 -27.51
N GLN A 82 -55.96 5.77 -28.17
CA GLN A 82 -56.38 7.17 -28.07
C GLN A 82 -57.61 7.38 -27.17
N PHE A 83 -58.13 6.35 -26.51
CA PHE A 83 -59.27 6.54 -25.61
C PHE A 83 -58.91 7.51 -24.49
N THR A 84 -59.93 8.24 -24.00
CA THR A 84 -59.71 9.28 -22.97
C THR A 84 -59.55 8.70 -21.57
N ASP A 85 -60.08 7.50 -21.31
CA ASP A 85 -60.05 6.87 -19.99
C ASP A 85 -58.79 6.02 -19.88
N PRO A 86 -57.82 6.37 -19.02
CA PRO A 86 -56.57 5.58 -18.98
C PRO A 86 -56.75 4.17 -18.41
N GLN A 87 -57.72 3.96 -17.51
CA GLN A 87 -58.02 2.60 -17.08
C GLN A 87 -58.52 1.75 -18.24
N LEU A 88 -59.38 2.34 -19.07
CA LEU A 88 -59.92 1.61 -20.21
C LEU A 88 -58.83 1.26 -21.20
N ARG A 89 -57.90 2.18 -21.46
CA ARG A 89 -56.77 1.88 -22.34
C ARG A 89 -56.02 0.64 -21.86
N ARG A 90 -55.81 0.53 -20.54
CA ARG A 90 -55.05 -0.58 -19.98
C ARG A 90 -55.83 -1.88 -20.06
N ILE A 91 -57.14 -1.82 -19.85
CA ILE A 91 -57.97 -3.03 -19.94
C ILE A 91 -57.96 -3.58 -21.36
N ILE A 92 -58.23 -2.71 -22.34
CA ILE A 92 -58.30 -3.20 -23.71
C ILE A 92 -56.93 -3.68 -24.17
N GLY A 93 -55.88 -2.95 -23.79
CA GLY A 93 -54.53 -3.35 -24.16
C GLY A 93 -54.15 -4.71 -23.61
N ALA A 94 -54.63 -5.05 -22.41
CA ALA A 94 -54.37 -6.36 -21.84
C ALA A 94 -55.14 -7.45 -22.58
N VAL A 95 -56.43 -7.22 -22.83
CA VAL A 95 -57.29 -8.24 -23.42
C VAL A 95 -56.85 -8.58 -24.85
N ARG A 96 -56.29 -7.62 -25.59
CA ARG A 96 -55.90 -7.90 -26.97
C ARG A 96 -54.63 -8.76 -27.10
N THR A 97 -53.98 -9.09 -25.99
CA THR A 97 -52.80 -9.94 -25.96
C THR A 97 -53.22 -11.34 -25.54
N LEU A 98 -53.14 -12.29 -26.46
CA LEU A 98 -53.70 -13.63 -26.26
C LEU A 98 -52.73 -14.63 -25.63
N GLY A 99 -51.42 -14.45 -25.81
CA GLY A 99 -50.50 -15.41 -25.20
C GLY A 99 -50.72 -16.82 -25.75
N SER A 100 -50.75 -17.80 -24.85
CA SER A 100 -50.88 -19.19 -25.27
C SER A 100 -52.19 -19.46 -26.01
N ALA A 101 -53.20 -18.61 -25.86
CA ALA A 101 -54.44 -18.77 -26.59
C ALA A 101 -54.26 -18.57 -28.09
N ASN A 102 -53.12 -18.04 -28.54
CA ASN A 102 -52.83 -18.00 -29.98
C ASN A 102 -52.54 -19.39 -30.55
N LEU A 103 -52.17 -20.36 -29.71
CA LEU A 103 -51.80 -21.68 -30.22
C LEU A 103 -53.04 -22.44 -30.69
N PRO A 104 -52.91 -23.30 -31.72
CA PRO A 104 -53.97 -24.23 -32.05
C PRO A 104 -54.12 -25.29 -30.97
N LEU A 105 -55.28 -25.96 -30.98
CA LEU A 105 -55.68 -26.83 -29.88
C LEU A 105 -54.59 -27.81 -29.46
N ALA A 106 -53.99 -28.52 -30.43
CA ALA A 106 -53.04 -29.58 -30.08
C ALA A 106 -51.82 -29.00 -29.38
N LYS A 107 -51.39 -27.81 -29.78
CA LYS A 107 -50.25 -27.18 -29.12
C LYS A 107 -50.64 -26.55 -27.80
N ARG A 108 -51.91 -26.12 -27.66
CA ARG A 108 -52.40 -25.71 -26.34
C ARG A 108 -52.31 -26.87 -25.36
N GLN A 109 -52.77 -28.04 -25.79
CA GLN A 109 -52.72 -29.21 -24.90
C GLN A 109 -51.28 -29.57 -24.55
N GLN A 110 -50.38 -29.55 -25.54
N GLN A 110 -50.39 -29.58 -25.55
CA GLN A 110 -48.97 -29.84 -25.26
CA GLN A 110 -48.97 -29.83 -25.29
C GLN A 110 -48.38 -28.81 -24.30
C GLN A 110 -48.43 -28.82 -24.28
N TYR A 111 -48.69 -27.53 -24.51
CA TYR A 111 -48.19 -26.47 -23.63
C TYR A 111 -48.65 -26.67 -22.20
N ASN A 112 -49.96 -26.88 -21.99
CA ASN A 112 -50.47 -27.04 -20.63
C ASN A 112 -49.88 -28.28 -19.97
N ALA A 113 -49.69 -29.36 -20.74
CA ALA A 113 -49.13 -30.58 -20.15
C ALA A 113 -47.67 -30.38 -19.73
N LEU A 114 -46.90 -29.64 -20.51
CA LEU A 114 -45.51 -29.37 -20.13
C LEU A 114 -45.43 -28.60 -18.82
N LEU A 115 -46.28 -27.57 -18.65
CA LEU A 115 -46.27 -26.83 -17.40
C LEU A 115 -46.56 -27.76 -16.23
N SER A 116 -47.54 -28.67 -16.37
CA SER A 116 -47.88 -29.57 -15.29
C SER A 116 -46.73 -30.54 -14.99
N GLN A 117 -46.11 -31.12 -16.02
N GLN A 117 -46.12 -31.12 -16.04
CA GLN A 117 -45.08 -32.11 -15.74
CA GLN A 117 -45.07 -32.10 -15.84
C GLN A 117 -43.80 -31.47 -15.24
C GLN A 117 -43.82 -31.47 -15.25
N MET A 118 -43.47 -30.27 -15.71
CA MET A 118 -42.28 -29.59 -15.17
C MET A 118 -42.49 -29.23 -13.71
N SER A 119 -43.71 -28.81 -13.35
CA SER A 119 -44.01 -28.52 -11.95
C SER A 119 -43.86 -29.75 -11.08
N ARG A 120 -44.41 -30.88 -11.54
CA ARG A 120 -44.33 -32.14 -10.78
C ARG A 120 -42.89 -32.57 -10.57
N ILE A 121 -42.06 -32.51 -11.62
CA ILE A 121 -40.68 -32.96 -11.49
C ILE A 121 -39.96 -32.16 -10.43
N TYR A 122 -40.09 -30.83 -10.47
CA TYR A 122 -39.36 -29.99 -9.52
C TYR A 122 -39.83 -30.25 -8.09
N SER A 123 -41.15 -30.31 -7.87
CA SER A 123 -41.66 -30.35 -6.50
C SER A 123 -41.74 -31.74 -5.91
N THR A 124 -41.52 -32.82 -6.69
CA THR A 124 -41.44 -34.17 -6.14
C THR A 124 -40.05 -34.79 -6.19
N ALA A 125 -39.04 -34.08 -6.70
CA ALA A 125 -37.69 -34.64 -6.79
C ALA A 125 -37.13 -34.90 -5.39
N LYS A 126 -36.38 -35.99 -5.25
CA LYS A 126 -35.79 -36.41 -3.99
C LYS A 126 -34.34 -36.81 -4.20
N VAL A 127 -33.56 -36.78 -3.12
CA VAL A 127 -32.18 -37.25 -3.10
C VAL A 127 -32.11 -38.46 -2.16
N CYS A 128 -31.81 -39.63 -2.70
CA CYS A 128 -31.79 -40.85 -1.91
C CYS A 128 -30.35 -41.23 -1.56
N LEU A 129 -30.19 -41.85 -0.39
CA LEU A 129 -28.87 -42.17 0.14
C LEU A 129 -28.46 -43.59 -0.22
N PRO A 130 -27.19 -43.95 0.01
CA PRO A 130 -26.72 -45.32 -0.17
C PRO A 130 -27.15 -46.24 0.98
N CYS A 136 -35.26 -41.14 1.68
CA CYS A 136 -35.01 -40.06 0.73
C CYS A 136 -35.26 -38.63 1.22
N TRP A 137 -34.40 -37.69 0.86
CA TRP A 137 -34.49 -36.31 1.32
C TRP A 137 -35.24 -35.44 0.33
N SER A 138 -36.11 -34.56 0.83
CA SER A 138 -36.80 -33.57 0.02
C SER A 138 -36.07 -32.22 0.11
N LEU A 139 -36.36 -31.34 -0.84
CA LEU A 139 -35.72 -30.02 -0.81
C LEU A 139 -36.10 -29.27 0.45
N ASP A 140 -37.39 -29.28 0.78
CA ASP A 140 -37.93 -28.56 1.93
C ASP A 140 -38.64 -29.57 2.82
N PRO A 141 -38.16 -29.83 4.05
CA PRO A 141 -37.10 -29.14 4.81
C PRO A 141 -35.66 -29.69 4.68
N ASP A 142 -35.48 -30.92 4.16
CA ASP A 142 -34.25 -31.66 4.43
C ASP A 142 -33.02 -31.00 3.79
N LEU A 143 -33.01 -30.85 2.46
CA LEU A 143 -31.84 -30.31 1.78
C LEU A 143 -31.63 -28.85 2.13
N THR A 144 -32.72 -28.08 2.28
CA THR A 144 -32.60 -26.69 2.74
C THR A 144 -31.86 -26.62 4.08
N ASN A 145 -32.16 -27.52 5.02
CA ASN A 145 -31.54 -27.47 6.33
C ASN A 145 -30.06 -27.86 6.27
N ILE A 146 -29.71 -28.83 5.41
CA ILE A 146 -28.29 -29.20 5.25
C ILE A 146 -27.49 -28.02 4.69
N LEU A 147 -27.96 -27.41 3.60
CA LEU A 147 -27.24 -26.29 3.01
C LEU A 147 -27.09 -25.15 3.99
N ALA A 148 -28.08 -24.96 4.87
CA ALA A 148 -28.04 -23.83 5.82
C ALA A 148 -27.11 -24.05 7.01
N SER A 149 -26.97 -25.30 7.48
N SER A 149 -26.98 -25.29 7.49
CA SER A 149 -26.35 -25.55 8.78
CA SER A 149 -26.30 -25.52 8.78
C SER A 149 -25.19 -26.54 8.78
C SER A 149 -25.17 -26.54 8.77
N SER A 150 -25.10 -27.45 7.81
CA SER A 150 -23.97 -28.39 7.78
C SER A 150 -22.69 -27.65 7.43
N ARG A 151 -21.60 -27.98 8.16
CA ARG A 151 -20.28 -27.47 7.83
C ARG A 151 -19.34 -28.59 7.40
N SER A 152 -19.89 -29.71 6.92
CA SER A 152 -19.11 -30.81 6.38
C SER A 152 -19.08 -30.69 4.85
N TYR A 153 -17.87 -30.48 4.30
CA TYR A 153 -17.75 -30.27 2.86
C TYR A 153 -18.42 -31.40 2.08
N ALA A 154 -18.21 -32.65 2.51
CA ALA A 154 -18.70 -33.78 1.73
C ALA A 154 -20.21 -33.96 1.86
N MET A 155 -20.79 -33.59 3.00
CA MET A 155 -22.23 -33.67 3.15
C MET A 155 -22.91 -32.60 2.31
N LEU A 156 -22.35 -31.39 2.30
CA LEU A 156 -22.89 -30.31 1.46
C LEU A 156 -22.82 -30.69 -0.02
N LEU A 157 -21.72 -31.32 -0.42
CA LEU A 157 -21.55 -31.72 -1.81
C LEU A 157 -22.56 -32.76 -2.21
N PHE A 158 -22.77 -33.77 -1.38
CA PHE A 158 -23.78 -34.79 -1.68
C PHE A 158 -25.16 -34.16 -1.87
N ALA A 159 -25.51 -33.18 -1.05
CA ALA A 159 -26.82 -32.53 -1.18
C ALA A 159 -26.89 -31.66 -2.45
N TRP A 160 -25.85 -30.86 -2.72
CA TRP A 160 -25.84 -29.97 -3.89
C TRP A 160 -25.87 -30.78 -5.19
N GLU A 161 -24.97 -31.76 -5.31
CA GLU A 161 -24.93 -32.59 -6.51
C GLU A 161 -26.22 -33.38 -6.67
N GLY A 162 -26.69 -33.99 -5.58
CA GLY A 162 -27.89 -34.79 -5.67
C GLY A 162 -29.08 -34.00 -6.15
N TRP A 163 -29.26 -32.77 -5.64
CA TRP A 163 -30.39 -31.96 -6.03
C TRP A 163 -30.28 -31.53 -7.49
N HIS A 164 -29.13 -31.00 -7.91
CA HIS A 164 -29.04 -30.51 -9.28
C HIS A 164 -29.23 -31.65 -10.29
N ASN A 165 -28.72 -32.85 -9.98
CA ASN A 165 -28.92 -33.98 -10.88
C ASN A 165 -30.38 -34.43 -10.91
N ALA A 166 -31.02 -34.53 -9.74
CA ALA A 166 -32.38 -35.08 -9.66
C ALA A 166 -33.40 -34.17 -10.33
N ALA A 167 -33.30 -32.87 -10.09
CA ALA A 167 -34.28 -31.94 -10.67
C ALA A 167 -33.92 -31.54 -12.10
N GLY A 168 -32.64 -31.27 -12.37
CA GLY A 168 -32.26 -30.68 -13.66
C GLY A 168 -32.28 -31.61 -14.85
N ILE A 169 -31.67 -32.79 -14.69
CA ILE A 169 -31.49 -33.70 -15.82
C ILE A 169 -32.81 -34.02 -16.51
N PRO A 170 -33.86 -34.47 -15.81
CA PRO A 170 -35.10 -34.80 -16.53
C PRO A 170 -35.88 -33.59 -17.05
N LEU A 171 -35.62 -32.37 -16.56
CA LEU A 171 -36.37 -31.22 -17.06
C LEU A 171 -35.95 -30.78 -18.47
N LYS A 172 -34.72 -31.07 -18.90
CA LYS A 172 -34.20 -30.40 -20.10
C LYS A 172 -35.03 -30.63 -21.35
N PRO A 173 -35.40 -31.86 -21.72
CA PRO A 173 -36.18 -32.01 -22.96
C PRO A 173 -37.52 -31.31 -22.94
N LEU A 174 -38.17 -31.30 -21.77
CA LEU A 174 -39.44 -30.59 -21.64
C LEU A 174 -39.24 -29.08 -21.79
N TYR A 175 -38.15 -28.54 -21.22
CA TYR A 175 -37.95 -27.09 -21.28
C TYR A 175 -37.65 -26.62 -22.69
N GLU A 176 -36.96 -27.43 -23.50
N GLU A 176 -36.96 -27.43 -23.50
CA GLU A 176 -36.76 -27.12 -24.91
CA GLU A 176 -36.77 -27.07 -24.91
C GLU A 176 -38.10 -26.96 -25.61
C GLU A 176 -38.11 -26.95 -25.63
N ASP A 177 -39.00 -27.91 -25.41
CA ASP A 177 -40.31 -27.88 -26.06
C ASP A 177 -41.13 -26.69 -25.57
N PHE A 178 -41.08 -26.39 -24.27
CA PHE A 178 -41.83 -25.24 -23.74
C PHE A 178 -41.37 -23.94 -24.37
N THR A 179 -40.04 -23.73 -24.46
CA THR A 179 -39.51 -22.50 -25.04
C THR A 179 -40.00 -22.27 -26.46
N ALA A 180 -39.97 -23.31 -27.29
CA ALA A 180 -40.40 -23.12 -28.68
C ALA A 180 -41.88 -22.76 -28.75
N LEU A 181 -42.72 -23.46 -27.98
CA LEU A 181 -44.17 -23.18 -28.01
C LEU A 181 -44.47 -21.79 -27.44
N SER A 182 -43.79 -21.40 -26.37
CA SER A 182 -44.00 -20.07 -25.81
C SER A 182 -43.69 -18.99 -26.85
N ASN A 183 -42.56 -19.12 -27.54
CA ASN A 183 -42.19 -18.13 -28.55
C ASN A 183 -43.22 -18.09 -29.68
N GLU A 184 -43.64 -19.25 -30.17
CA GLU A 184 -44.64 -19.28 -31.24
C GLU A 184 -45.90 -18.53 -30.83
N ALA A 185 -46.28 -18.65 -29.56
CA ALA A 185 -47.49 -18.01 -29.06
C ALA A 185 -47.37 -16.49 -29.05
N TYR A 186 -46.30 -15.95 -28.46
CA TYR A 186 -46.19 -14.50 -28.28
C TYR A 186 -45.77 -13.79 -29.57
N LYS A 187 -45.19 -14.52 -30.52
CA LYS A 187 -44.90 -13.95 -31.83
C LYS A 187 -46.17 -13.43 -32.51
N GLN A 188 -47.32 -14.10 -32.28
CA GLN A 188 -48.58 -13.67 -32.88
C GLN A 188 -49.16 -12.43 -32.21
N ASP A 189 -48.67 -12.05 -31.04
CA ASP A 189 -49.07 -10.81 -30.40
C ASP A 189 -48.16 -9.66 -30.81
N GLY A 190 -47.19 -9.92 -31.70
CA GLY A 190 -46.30 -8.88 -32.19
C GLY A 190 -44.92 -8.84 -31.56
N PHE A 191 -44.59 -9.77 -30.67
CA PHE A 191 -43.31 -9.74 -29.96
C PHE A 191 -42.28 -10.66 -30.61
N THR A 192 -41.02 -10.22 -30.64
CA THR A 192 -40.00 -11.01 -31.30
C THR A 192 -39.75 -12.35 -30.60
N ASP A 193 -39.88 -12.38 -29.27
CA ASP A 193 -39.79 -13.61 -28.50
C ASP A 193 -40.41 -13.35 -27.12
N THR A 194 -40.55 -14.42 -26.33
CA THR A 194 -41.24 -14.30 -25.04
C THR A 194 -40.54 -13.30 -24.11
N GLY A 195 -39.21 -13.23 -24.16
CA GLY A 195 -38.50 -12.29 -23.31
C GLY A 195 -38.84 -10.84 -23.59
N ALA A 196 -39.05 -10.50 -24.87
CA ALA A 196 -39.47 -9.15 -25.22
C ALA A 196 -40.85 -8.82 -24.64
N TYR A 197 -41.75 -9.80 -24.60
CA TYR A 197 -43.04 -9.59 -23.94
C TYR A 197 -42.85 -9.35 -22.44
N TRP A 198 -42.03 -10.20 -21.79
CA TRP A 198 -41.81 -10.01 -20.35
C TRP A 198 -41.23 -8.62 -20.06
N ARG A 199 -40.24 -8.18 -20.84
CA ARG A 199 -39.62 -6.88 -20.60
C ARG A 199 -40.60 -5.72 -20.86
N SER A 200 -41.60 -5.92 -21.73
CA SER A 200 -42.51 -4.84 -22.07
C SER A 200 -43.33 -4.36 -20.88
N TRP A 201 -43.47 -5.17 -19.82
CA TRP A 201 -44.23 -4.77 -18.65
C TRP A 201 -43.69 -3.52 -17.97
N TYR A 202 -42.41 -3.21 -18.16
CA TYR A 202 -41.80 -2.06 -17.50
C TYR A 202 -41.93 -0.78 -18.32
N ASN A 203 -42.43 -0.88 -19.55
CA ASN A 203 -42.74 0.26 -20.41
C ASN A 203 -41.63 1.31 -20.37
N SER A 204 -40.41 0.85 -20.67
CA SER A 204 -39.21 1.69 -20.69
C SER A 204 -38.32 1.26 -21.86
N PRO A 205 -38.08 2.12 -22.85
CA PRO A 205 -37.24 1.70 -23.99
C PRO A 205 -35.77 1.48 -23.62
N THR A 206 -35.30 1.98 -22.48
CA THR A 206 -33.90 1.81 -22.09
C THR A 206 -33.73 0.82 -20.92
N PHE A 207 -34.69 -0.09 -20.73
CA PHE A 207 -34.70 -1.00 -19.58
C PHE A 207 -33.36 -1.72 -19.41
N GLU A 208 -32.89 -2.42 -20.44
CA GLU A 208 -31.70 -3.23 -20.26
C GLU A 208 -30.46 -2.38 -19.99
N ASP A 209 -30.31 -1.25 -20.69
CA ASP A 209 -29.19 -0.36 -20.39
C ASP A 209 -29.26 0.21 -18.98
N ASP A 210 -30.48 0.55 -18.53
CA ASP A 210 -30.64 1.13 -17.19
C ASP A 210 -30.25 0.12 -16.12
N LEU A 211 -30.64 -1.15 -16.29
CA LEU A 211 -30.23 -2.20 -15.35
C LEU A 211 -28.72 -2.35 -15.30
N GLU A 212 -28.06 -2.37 -16.48
CA GLU A 212 -26.62 -2.58 -16.52
C GLU A 212 -25.88 -1.45 -15.81
N HIS A 213 -26.34 -0.21 -15.97
CA HIS A 213 -25.73 0.91 -15.26
C HIS A 213 -25.92 0.78 -13.76
N LEU A 214 -27.11 0.36 -13.31
CA LEU A 214 -27.31 0.11 -11.89
C LEU A 214 -26.33 -0.94 -11.39
N TYR A 215 -26.16 -2.04 -12.13
CA TYR A 215 -25.27 -3.06 -11.61
C TYR A 215 -23.82 -2.56 -11.53
N GLN A 216 -23.37 -1.71 -12.47
CA GLN A 216 -22.02 -1.17 -12.38
C GLN A 216 -21.78 -0.42 -11.07
N GLN A 217 -22.79 0.29 -10.56
CA GLN A 217 -22.66 1.00 -9.29
C GLN A 217 -22.61 0.06 -8.09
N LEU A 218 -23.25 -1.11 -8.21
CA LEU A 218 -23.36 -2.03 -7.09
C LEU A 218 -22.22 -3.05 -7.05
N GLU A 219 -21.58 -3.33 -8.20
CA GLU A 219 -20.62 -4.43 -8.24
C GLU A 219 -19.49 -4.31 -7.23
N PRO A 220 -18.89 -3.14 -7.01
CA PRO A 220 -17.79 -3.06 -6.02
C PRO A 220 -18.20 -3.52 -4.64
N LEU A 221 -19.45 -3.25 -4.22
CA LEU A 221 -19.91 -3.73 -2.93
C LEU A 221 -19.91 -5.25 -2.89
N TYR A 222 -20.40 -5.89 -3.96
CA TYR A 222 -20.38 -7.36 -4.03
C TYR A 222 -18.95 -7.90 -4.04
N LEU A 223 -18.05 -7.29 -4.82
CA LEU A 223 -16.69 -7.83 -4.91
C LEU A 223 -16.02 -7.82 -3.54
N ASN A 224 -16.25 -6.79 -2.75
CA ASN A 224 -15.63 -6.72 -1.44
C ASN A 224 -16.27 -7.70 -0.45
N LEU A 225 -17.61 -7.85 -0.49
CA LEU A 225 -18.22 -8.88 0.35
C LEU A 225 -17.71 -10.25 -0.01
N HIS A 226 -17.64 -10.55 -1.31
CA HIS A 226 -17.17 -11.84 -1.80
C HIS A 226 -15.77 -12.16 -1.29
N ALA A 227 -14.84 -11.21 -1.40
CA ALA A 227 -13.45 -11.48 -0.97
C ALA A 227 -13.37 -11.72 0.54
N PHE A 228 -14.16 -10.97 1.33
CA PHE A 228 -14.16 -11.12 2.78
C PHE A 228 -14.71 -12.49 3.19
N VAL A 229 -15.82 -12.92 2.58
CA VAL A 229 -16.40 -14.23 2.87
C VAL A 229 -15.48 -15.37 2.38
N ARG A 230 -14.86 -15.20 1.20
CA ARG A 230 -13.94 -16.23 0.70
C ARG A 230 -12.81 -16.46 1.69
N ARG A 231 -12.30 -15.39 2.30
CA ARG A 231 -11.25 -15.51 3.31
C ARG A 231 -11.73 -16.32 4.50
N ALA A 232 -12.94 -16.05 5.00
CA ALA A 232 -13.49 -16.81 6.11
C ALA A 232 -13.65 -18.28 5.75
N LEU A 233 -14.10 -18.58 4.52
CA LEU A 233 -14.24 -19.97 4.10
C LEU A 233 -12.88 -20.66 4.03
N HIS A 234 -11.85 -19.93 3.60
CA HIS A 234 -10.51 -20.51 3.55
C HIS A 234 -10.03 -20.92 4.95
N ARG A 235 -10.33 -20.10 5.96
CA ARG A 235 -9.91 -20.48 7.32
C ARG A 235 -10.60 -21.76 7.79
N ARG A 236 -11.82 -22.01 7.30
N ARG A 236 -11.82 -22.01 7.32
CA ARG A 236 -12.59 -23.18 7.74
CA ARG A 236 -12.56 -23.19 7.76
C ARG A 236 -12.22 -24.43 6.94
C ARG A 236 -12.23 -24.44 6.94
N TYR A 237 -12.20 -24.33 5.60
CA TYR A 237 -12.08 -25.50 4.76
C TYR A 237 -10.66 -25.74 4.23
N GLY A 238 -9.82 -24.71 4.22
CA GLY A 238 -8.42 -24.88 3.89
C GLY A 238 -8.11 -24.70 2.41
N ASP A 239 -6.81 -24.65 2.13
CA ASP A 239 -6.30 -24.34 0.80
C ASP A 239 -6.65 -25.40 -0.23
N ARG A 240 -6.96 -26.62 0.19
CA ARG A 240 -7.32 -27.66 -0.77
C ARG A 240 -8.64 -27.35 -1.46
N TYR A 241 -9.59 -26.77 -0.73
CA TYR A 241 -10.95 -26.58 -1.23
C TYR A 241 -11.31 -25.13 -1.50
N ILE A 242 -10.46 -24.17 -1.13
CA ILE A 242 -10.70 -22.75 -1.34
C ILE A 242 -9.46 -22.15 -1.98
N ASN A 243 -9.65 -21.51 -3.14
CA ASN A 243 -8.61 -20.78 -3.86
C ASN A 243 -8.83 -19.29 -3.64
N LEU A 244 -7.88 -18.63 -2.96
CA LEU A 244 -8.05 -17.22 -2.63
C LEU A 244 -8.00 -16.31 -3.87
N ARG A 245 -7.71 -16.85 -5.05
CA ARG A 245 -7.75 -16.05 -6.27
C ARG A 245 -8.70 -16.63 -7.31
N GLY A 246 -9.59 -17.54 -6.91
CA GLY A 246 -10.56 -18.14 -7.79
C GLY A 246 -11.99 -18.09 -7.28
N PRO A 247 -12.91 -18.65 -8.07
CA PRO A 247 -14.33 -18.65 -7.69
C PRO A 247 -14.58 -19.55 -6.48
N ILE A 248 -15.60 -19.18 -5.70
CA ILE A 248 -16.00 -19.95 -4.51
C ILE A 248 -16.81 -21.16 -4.94
N PRO A 249 -16.56 -22.37 -4.39
CA PRO A 249 -17.43 -23.51 -4.69
C PRO A 249 -18.88 -23.23 -4.31
N ALA A 250 -19.82 -23.59 -5.20
CA ALA A 250 -21.19 -23.07 -5.16
C ALA A 250 -22.05 -23.67 -4.05
N HIS A 251 -21.56 -24.64 -3.27
CA HIS A 251 -22.36 -25.29 -2.24
C HIS A 251 -22.02 -24.83 -0.81
N LEU A 252 -21.14 -23.84 -0.64
CA LEU A 252 -20.58 -23.50 0.67
C LEU A 252 -21.13 -22.22 1.29
N LEU A 253 -22.15 -21.61 0.69
CA LEU A 253 -22.58 -20.25 1.05
C LEU A 253 -23.96 -20.18 1.72
N GLY A 254 -24.49 -21.31 2.18
CA GLY A 254 -25.65 -21.33 3.04
C GLY A 254 -26.97 -21.64 2.37
N ASP A 255 -26.97 -21.82 1.05
CA ASP A 255 -28.15 -21.78 0.21
C ASP A 255 -27.90 -22.64 -1.02
N MET A 256 -28.93 -23.39 -1.45
CA MET A 256 -28.76 -24.31 -2.59
C MET A 256 -28.33 -23.58 -3.87
N TRP A 257 -28.71 -22.30 -4.04
CA TRP A 257 -28.39 -21.51 -5.22
C TRP A 257 -27.31 -20.48 -4.96
N ALA A 258 -26.72 -20.49 -3.77
CA ALA A 258 -25.77 -19.47 -3.34
C ALA A 258 -26.35 -18.07 -3.50
N GLN A 259 -27.69 -17.94 -3.40
CA GLN A 259 -28.33 -16.66 -3.75
C GLN A 259 -28.40 -15.68 -2.59
N SER A 260 -28.37 -16.16 -1.36
CA SER A 260 -28.16 -15.28 -0.22
C SER A 260 -27.40 -16.08 0.82
N TRP A 261 -26.61 -15.37 1.61
CA TRP A 261 -25.59 -15.99 2.44
C TRP A 261 -25.84 -15.79 3.94
N GLU A 262 -27.03 -15.36 4.36
CA GLU A 262 -27.24 -15.08 5.78
C GLU A 262 -27.06 -16.32 6.66
N ASN A 263 -27.20 -17.53 6.10
CA ASN A 263 -27.08 -18.73 6.91
C ASN A 263 -25.65 -19.12 7.28
N ILE A 264 -24.62 -18.46 6.72
CA ILE A 264 -23.24 -18.64 7.19
C ILE A 264 -22.78 -17.43 8.01
N TYR A 265 -23.71 -16.60 8.50
CA TYR A 265 -23.37 -15.46 9.32
C TYR A 265 -22.47 -15.84 10.50
N ASP A 266 -22.73 -16.99 11.12
CA ASP A 266 -21.96 -17.33 12.30
C ASP A 266 -20.50 -17.65 11.97
N MET A 267 -20.18 -17.92 10.71
N MET A 267 -20.19 -17.92 10.70
CA MET A 267 -18.80 -18.15 10.31
CA MET A 267 -18.82 -18.15 10.28
C MET A 267 -18.05 -16.87 9.94
C MET A 267 -18.06 -16.84 10.05
N VAL A 268 -18.75 -15.78 9.67
CA VAL A 268 -18.12 -14.55 9.20
C VAL A 268 -18.34 -13.35 10.12
N VAL A 269 -19.13 -13.49 11.18
CA VAL A 269 -19.49 -12.35 12.03
C VAL A 269 -18.24 -11.56 12.43
N PRO A 270 -18.18 -10.25 12.16
CA PRO A 270 -16.94 -9.50 12.46
C PRO A 270 -16.58 -9.45 13.94
N PHE A 271 -17.55 -9.33 14.84
CA PHE A 271 -17.29 -9.14 16.26
C PHE A 271 -18.08 -10.19 17.03
N PRO A 272 -17.56 -11.41 17.11
CA PRO A 272 -18.36 -12.53 17.65
C PRO A 272 -18.67 -12.45 19.13
N ASP A 273 -18.00 -11.57 19.89
CA ASP A 273 -18.29 -11.46 21.32
C ASP A 273 -19.55 -10.66 21.62
N LYS A 274 -20.17 -10.06 20.61
CA LYS A 274 -21.38 -9.26 20.78
C LYS A 274 -22.63 -10.13 20.78
N PRO A 275 -23.80 -9.55 21.07
CA PRO A 275 -25.04 -10.33 21.06
C PRO A 275 -25.32 -10.92 19.68
N ASN A 276 -25.89 -12.13 19.68
CA ASN A 276 -26.19 -12.86 18.46
C ASN A 276 -27.42 -12.25 17.78
N LEU A 277 -27.20 -11.66 16.60
CA LEU A 277 -28.28 -10.99 15.86
C LEU A 277 -29.15 -11.96 15.08
N ASP A 278 -28.81 -13.25 15.04
CA ASP A 278 -29.70 -14.29 14.51
C ASP A 278 -30.53 -14.85 15.65
N VAL A 279 -31.82 -14.51 15.67
CA VAL A 279 -32.69 -14.80 16.81
C VAL A 279 -33.39 -16.16 16.70
N THR A 280 -32.95 -16.99 15.75
CA THR A 280 -33.59 -18.30 15.57
C THR A 280 -33.61 -19.11 16.86
N SER A 281 -32.47 -19.18 17.56
CA SER A 281 -32.43 -20.02 18.77
C SER A 281 -33.40 -19.50 19.84
N THR A 282 -33.59 -18.18 19.92
CA THR A 282 -34.55 -17.62 20.86
C THR A 282 -35.99 -17.93 20.45
N MET A 283 -36.28 -17.88 19.14
CA MET A 283 -37.62 -18.26 18.68
C MET A 283 -37.96 -19.69 19.10
N LEU A 284 -36.99 -20.61 18.94
CA LEU A 284 -37.24 -22.01 19.30
C LEU A 284 -37.37 -22.18 20.80
N GLN A 285 -36.51 -21.50 21.57
CA GLN A 285 -36.59 -21.59 23.02
C GLN A 285 -37.93 -21.09 23.54
N GLN A 286 -38.48 -20.02 22.93
CA GLN A 286 -39.77 -19.48 23.36
C GLN A 286 -40.97 -20.23 22.82
N GLY A 287 -40.78 -21.23 21.96
CA GLY A 287 -41.90 -22.01 21.47
C GLY A 287 -42.72 -21.39 20.35
N TRP A 288 -42.12 -20.50 19.56
CA TRP A 288 -42.84 -19.95 18.40
C TRP A 288 -43.24 -21.06 17.43
N GLN A 289 -44.41 -20.90 16.82
CA GLN A 289 -44.89 -21.77 15.74
C GLN A 289 -45.34 -20.92 14.55
N ALA A 290 -45.71 -21.59 13.46
CA ALA A 290 -46.12 -20.87 12.25
C ALA A 290 -47.20 -19.83 12.53
N THR A 291 -48.21 -20.21 13.32
CA THR A 291 -49.31 -19.27 13.58
C THR A 291 -48.82 -18.00 14.25
N HIS A 292 -47.90 -18.11 15.21
CA HIS A 292 -47.41 -16.91 15.87
C HIS A 292 -46.67 -16.01 14.89
N MET A 293 -45.89 -16.63 13.98
CA MET A 293 -45.14 -15.83 13.02
C MET A 293 -46.08 -15.05 12.11
N PHE A 294 -47.17 -15.67 11.65
CA PHE A 294 -48.10 -14.95 10.78
C PHE A 294 -48.88 -13.87 11.55
N ARG A 295 -49.24 -14.13 12.81
CA ARG A 295 -49.96 -13.11 13.59
C ARG A 295 -49.07 -11.92 13.93
N VAL A 296 -47.78 -12.18 14.20
CA VAL A 296 -46.87 -11.07 14.48
C VAL A 296 -46.65 -10.23 13.22
N ALA A 297 -46.56 -10.87 12.04
CA ALA A 297 -46.46 -10.10 10.80
C ALA A 297 -47.72 -9.27 10.56
N GLU A 298 -48.89 -9.86 10.73
CA GLU A 298 -50.14 -9.14 10.58
C GLU A 298 -50.18 -7.90 11.48
N GLU A 299 -49.72 -8.02 12.72
CA GLU A 299 -49.82 -6.88 13.63
C GLU A 299 -48.93 -5.73 13.21
N PHE A 300 -47.81 -5.98 12.51
CA PHE A 300 -47.04 -4.86 11.95
C PHE A 300 -47.86 -4.11 10.92
N PHE A 301 -48.54 -4.84 10.02
CA PHE A 301 -49.41 -4.19 9.03
C PHE A 301 -50.51 -3.36 9.70
N THR A 302 -51.19 -3.93 10.70
CA THR A 302 -52.27 -3.16 11.34
C THR A 302 -51.74 -1.97 12.15
N SER A 303 -50.49 -2.03 12.64
CA SER A 303 -49.91 -0.88 13.33
C SER A 303 -49.79 0.33 12.41
N LEU A 304 -49.70 0.09 11.11
CA LEU A 304 -49.67 1.13 10.08
C LEU A 304 -51.06 1.51 9.60
N GLU A 305 -52.09 0.95 10.20
CA GLU A 305 -53.47 1.13 9.73
C GLU A 305 -53.67 0.60 8.32
N LEU A 306 -52.95 -0.46 7.97
CA LEU A 306 -53.30 -1.26 6.80
C LEU A 306 -54.23 -2.38 7.25
N SER A 307 -54.66 -3.23 6.31
CA SER A 307 -55.76 -4.14 6.60
C SER A 307 -55.26 -5.41 7.31
N PRO A 308 -56.02 -5.93 8.28
CA PRO A 308 -55.73 -7.26 8.81
C PRO A 308 -56.05 -8.32 7.75
N MET A 309 -55.56 -9.54 8.00
CA MET A 309 -55.93 -10.66 7.13
C MET A 309 -57.39 -11.06 7.41
N PRO A 310 -58.22 -11.29 6.39
CA PRO A 310 -59.65 -11.61 6.63
C PRO A 310 -59.85 -13.07 7.06
N PRO A 311 -61.05 -13.40 7.56
CA PRO A 311 -61.31 -14.79 7.97
C PRO A 311 -61.02 -15.84 6.90
N GLU A 312 -61.37 -15.55 5.65
CA GLU A 312 -61.12 -16.47 4.54
C GLU A 312 -59.63 -16.83 4.42
N PHE A 313 -58.74 -15.91 4.77
CA PHE A 313 -57.29 -16.17 4.76
C PHE A 313 -56.89 -17.21 5.82
N TRP A 314 -57.37 -17.04 7.06
CA TRP A 314 -57.02 -17.97 8.13
C TRP A 314 -57.71 -19.33 7.93
N GLU A 315 -58.90 -19.33 7.38
CA GLU A 315 -59.61 -20.60 7.19
C GLU A 315 -59.05 -21.39 6.02
N GLY A 316 -58.52 -20.70 4.99
CA GLY A 316 -58.12 -21.38 3.77
C GLY A 316 -56.64 -21.65 3.54
N SER A 317 -55.75 -20.92 4.23
CA SER A 317 -54.33 -21.00 3.94
C SER A 317 -53.71 -22.32 4.44
N MET A 318 -52.59 -22.71 3.83
CA MET A 318 -51.77 -23.85 4.25
C MET A 318 -50.48 -23.26 4.81
N LEU A 319 -50.35 -23.25 6.14
CA LEU A 319 -49.23 -22.58 6.79
C LEU A 319 -48.17 -23.52 7.34
N GLU A 320 -48.37 -24.84 7.22
CA GLU A 320 -47.37 -25.85 7.57
C GLU A 320 -47.41 -26.94 6.50
N LYS A 321 -46.28 -27.63 6.33
CA LYS A 321 -46.24 -28.80 5.46
C LYS A 321 -47.19 -29.89 5.99
N PRO A 322 -48.08 -30.45 5.17
CA PRO A 322 -48.99 -31.49 5.69
C PRO A 322 -48.25 -32.71 6.21
N ALA A 323 -48.73 -33.22 7.34
CA ALA A 323 -48.11 -34.38 7.98
C ALA A 323 -48.67 -35.70 7.50
N ASP A 324 -49.71 -35.70 6.67
CA ASP A 324 -50.23 -36.93 6.08
C ASP A 324 -49.38 -37.42 4.90
N GLY A 325 -48.20 -36.81 4.68
CA GLY A 325 -47.31 -37.25 3.64
C GLY A 325 -47.71 -36.87 2.23
N ARG A 326 -48.87 -36.24 2.04
CA ARG A 326 -49.21 -35.63 0.76
C ARG A 326 -47.99 -35.03 0.10
N GLU A 327 -47.91 -35.16 -1.23
CA GLU A 327 -46.96 -34.35 -1.97
C GLU A 327 -47.59 -32.98 -2.21
N VAL A 328 -46.82 -31.92 -1.91
CA VAL A 328 -47.24 -30.54 -2.12
C VAL A 328 -46.09 -29.77 -2.76
N VAL A 329 -46.44 -28.63 -3.36
CA VAL A 329 -45.45 -27.63 -3.73
C VAL A 329 -45.14 -26.82 -2.48
N CYS A 330 -43.95 -27.02 -1.90
CA CYS A 330 -43.62 -26.30 -0.67
C CYS A 330 -43.14 -24.88 -0.90
N HIS A 331 -42.67 -24.53 -2.11
CA HIS A 331 -42.14 -23.18 -2.36
C HIS A 331 -43.20 -22.14 -2.00
N ALA A 332 -42.84 -21.22 -1.10
CA ALA A 332 -43.84 -20.28 -0.55
C ALA A 332 -44.47 -19.40 -1.63
N SER A 333 -45.79 -19.20 -1.54
CA SER A 333 -46.47 -18.39 -2.54
C SER A 333 -47.77 -17.78 -1.99
N ALA A 334 -48.16 -16.66 -2.60
CA ALA A 334 -49.35 -15.89 -2.25
C ALA A 334 -50.36 -15.97 -3.39
N TRP A 335 -51.65 -16.03 -3.06
CA TRP A 335 -52.72 -16.38 -3.97
C TRP A 335 -53.89 -15.40 -3.90
N ASP A 336 -54.19 -14.74 -5.03
CA ASP A 336 -55.41 -13.97 -5.27
C ASP A 336 -56.36 -14.80 -6.12
N PHE A 337 -57.59 -15.06 -5.63
CA PHE A 337 -58.54 -15.89 -6.39
C PHE A 337 -59.46 -15.10 -7.30
N TYR A 338 -59.29 -13.77 -7.35
CA TYR A 338 -60.00 -12.86 -8.25
C TYR A 338 -61.51 -12.82 -8.01
N ASN A 339 -61.97 -13.19 -6.81
CA ASN A 339 -63.37 -13.05 -6.44
C ASN A 339 -63.57 -12.02 -5.32
N ARG A 340 -62.53 -11.27 -4.96
CA ARG A 340 -62.59 -10.21 -3.95
C ARG A 340 -62.85 -10.73 -2.54
N LYS A 341 -62.73 -12.03 -2.32
CA LYS A 341 -63.01 -12.64 -1.02
C LYS A 341 -61.95 -13.62 -0.56
N ASP A 342 -61.48 -14.51 -1.44
CA ASP A 342 -60.50 -15.54 -1.08
C ASP A 342 -59.09 -15.09 -1.43
N PHE A 343 -58.21 -15.13 -0.42
CA PHE A 343 -56.81 -14.75 -0.50
C PHE A 343 -56.06 -15.70 0.43
N ARG A 344 -54.94 -16.29 -0.02
CA ARG A 344 -54.30 -17.34 0.75
C ARG A 344 -52.78 -17.32 0.56
N ILE A 345 -52.08 -17.81 1.58
CA ILE A 345 -50.67 -18.16 1.47
C ILE A 345 -50.54 -19.67 1.61
N LYS A 346 -49.62 -20.26 0.82
CA LYS A 346 -49.25 -21.67 0.85
C LYS A 346 -47.74 -21.75 1.17
N GLN A 347 -47.39 -22.08 2.42
CA GLN A 347 -46.00 -22.07 2.85
C GLN A 347 -45.75 -23.24 3.82
N CYS A 348 -44.67 -23.99 3.56
CA CYS A 348 -44.21 -25.05 4.48
C CYS A 348 -43.32 -24.44 5.55
N THR A 349 -43.93 -23.61 6.40
CA THR A 349 -43.21 -22.72 7.30
C THR A 349 -42.34 -23.49 8.29
N ARG A 350 -41.10 -23.03 8.46
CA ARG A 350 -40.18 -23.51 9.50
C ARG A 350 -39.88 -22.36 10.46
N VAL A 351 -39.55 -22.70 11.71
CA VAL A 351 -39.37 -21.68 12.75
C VAL A 351 -37.91 -21.23 12.71
N THR A 352 -37.65 -20.19 11.91
CA THR A 352 -36.33 -19.58 11.82
C THR A 352 -36.50 -18.09 11.53
N MET A 353 -35.41 -17.36 11.74
CA MET A 353 -35.44 -15.92 11.47
C MET A 353 -35.63 -15.63 9.98
N ASP A 354 -34.95 -16.37 9.10
CA ASP A 354 -35.12 -16.03 7.69
C ASP A 354 -36.51 -16.44 7.18
N GLN A 355 -37.15 -17.43 7.81
CA GLN A 355 -38.54 -17.73 7.49
C GLN A 355 -39.49 -16.65 8.00
N LEU A 356 -39.17 -15.97 9.10
CA LEU A 356 -39.98 -14.85 9.54
C LEU A 356 -39.97 -13.74 8.49
N SER A 357 -38.81 -13.50 7.85
CA SER A 357 -38.76 -12.56 6.74
C SER A 357 -39.60 -13.02 5.56
N THR A 358 -39.52 -14.31 5.19
CA THR A 358 -40.34 -14.83 4.09
C THR A 358 -41.84 -14.67 4.38
N VAL A 359 -42.25 -14.85 5.63
CA VAL A 359 -43.64 -14.61 6.00
C VAL A 359 -44.03 -13.17 5.67
N HIS A 360 -43.16 -12.20 6.00
CA HIS A 360 -43.45 -10.78 5.69
C HIS A 360 -43.49 -10.56 4.18
N HIS A 361 -42.57 -11.19 3.44
CA HIS A 361 -42.57 -11.09 1.97
C HIS A 361 -43.91 -11.53 1.39
N GLU A 362 -44.39 -12.71 1.78
CA GLU A 362 -45.67 -13.21 1.24
C GLU A 362 -46.86 -12.36 1.70
N MET A 363 -46.89 -11.95 2.98
CA MET A 363 -48.02 -11.14 3.43
C MET A 363 -48.03 -9.77 2.74
N GLY A 364 -46.87 -9.27 2.33
CA GLY A 364 -46.85 -8.09 1.49
C GLY A 364 -47.63 -8.26 0.20
N HIS A 365 -47.53 -9.44 -0.45
CA HIS A 365 -48.35 -9.72 -1.63
C HIS A 365 -49.84 -9.69 -1.28
N ILE A 366 -50.23 -10.37 -0.19
CA ILE A 366 -51.64 -10.39 0.21
C ILE A 366 -52.18 -8.98 0.44
N GLN A 367 -51.40 -8.15 1.14
CA GLN A 367 -51.88 -6.79 1.43
C GLN A 367 -52.13 -6.02 0.13
N TYR A 368 -51.26 -6.17 -0.88
CA TYR A 368 -51.52 -5.55 -2.17
C TYR A 368 -52.87 -6.01 -2.72
N TYR A 369 -53.11 -7.33 -2.70
CA TYR A 369 -54.38 -7.87 -3.22
C TYR A 369 -55.57 -7.24 -2.51
N LEU A 370 -55.50 -7.16 -1.17
CA LEU A 370 -56.62 -6.62 -0.39
C LEU A 370 -56.88 -5.15 -0.76
N GLN A 371 -55.82 -4.39 -1.01
CA GLN A 371 -55.97 -2.95 -1.26
C GLN A 371 -56.49 -2.65 -2.66
N TYR A 372 -56.24 -3.48 -3.68
CA TYR A 372 -56.71 -3.15 -5.02
C TYR A 372 -57.87 -4.04 -5.50
N LYS A 373 -58.54 -4.75 -4.59
CA LYS A 373 -59.53 -5.75 -5.00
C LYS A 373 -60.74 -5.15 -5.71
N ASP A 374 -61.00 -3.85 -5.56
CA ASP A 374 -62.18 -3.29 -6.20
C ASP A 374 -61.89 -2.66 -7.54
N LEU A 375 -60.66 -2.76 -8.02
CA LEU A 375 -60.37 -2.36 -9.39
C LEU A 375 -60.87 -3.40 -10.40
N PRO A 376 -60.98 -3.00 -11.66
CA PRO A 376 -61.23 -3.99 -12.72
C PRO A 376 -60.15 -5.06 -12.71
N VAL A 377 -60.55 -6.31 -13.03
CA VAL A 377 -59.67 -7.44 -12.79
C VAL A 377 -58.34 -7.26 -13.52
N SER A 378 -58.37 -6.66 -14.72
CA SER A 378 -57.13 -6.51 -15.52
C SER A 378 -56.10 -5.62 -14.85
N LEU A 379 -56.52 -4.77 -13.90
CA LEU A 379 -55.63 -3.83 -13.24
C LEU A 379 -55.25 -4.27 -11.83
N ARG A 380 -55.62 -5.50 -11.44
CA ARG A 380 -55.29 -6.04 -10.12
C ARG A 380 -53.87 -6.64 -10.19
N ARG A 381 -52.90 -5.74 -10.26
N ARG A 381 -52.91 -5.73 -10.31
CA ARG A 381 -51.49 -6.11 -10.30
CA ARG A 381 -51.49 -6.05 -10.43
C ARG A 381 -50.69 -4.91 -9.81
C ARG A 381 -50.71 -4.92 -9.75
N GLY A 382 -49.38 -5.11 -9.61
CA GLY A 382 -48.53 -4.04 -9.11
C GLY A 382 -48.28 -2.97 -10.17
N ALA A 383 -47.85 -1.78 -9.73
CA ALA A 383 -47.55 -0.73 -10.70
C ALA A 383 -46.52 -1.23 -11.72
N ASN A 384 -45.52 -2.00 -11.25
CA ASN A 384 -44.83 -2.98 -12.10
C ASN A 384 -44.46 -4.19 -11.23
N PRO A 385 -43.98 -5.30 -11.79
CA PRO A 385 -43.78 -6.49 -10.92
C PRO A 385 -42.79 -6.27 -9.78
N GLY A 386 -41.83 -5.36 -9.95
CA GLY A 386 -40.88 -5.06 -8.89
C GLY A 386 -41.55 -4.42 -7.68
N PHE A 387 -42.59 -3.60 -7.92
CA PHE A 387 -43.37 -3.02 -6.80
C PHE A 387 -43.97 -4.13 -5.94
N HIS A 388 -44.57 -5.16 -6.55
CA HIS A 388 -45.21 -6.24 -5.79
C HIS A 388 -44.19 -6.95 -4.91
N GLU A 389 -42.99 -7.18 -5.44
CA GLU A 389 -41.98 -7.88 -4.65
C GLU A 389 -41.44 -7.04 -3.49
N ALA A 390 -41.52 -5.72 -3.55
CA ALA A 390 -40.84 -4.89 -2.55
C ALA A 390 -41.67 -4.64 -1.29
N ILE A 391 -43.00 -4.81 -1.31
CA ILE A 391 -43.84 -4.33 -0.19
C ILE A 391 -43.45 -5.01 1.12
N GLY A 392 -43.47 -6.35 1.13
CA GLY A 392 -43.20 -7.06 2.36
C GLY A 392 -41.76 -6.93 2.82
N ASP A 393 -40.82 -6.89 1.87
CA ASP A 393 -39.41 -6.71 2.25
C ASP A 393 -39.19 -5.39 2.98
N VAL A 394 -39.90 -4.32 2.58
CA VAL A 394 -39.74 -3.02 3.22
C VAL A 394 -40.11 -3.10 4.70
N LEU A 395 -41.25 -3.73 5.01
CA LEU A 395 -41.62 -3.91 6.43
C LEU A 395 -40.58 -4.76 7.14
N ALA A 396 -40.06 -5.80 6.47
CA ALA A 396 -39.08 -6.67 7.09
C ALA A 396 -37.77 -5.95 7.40
N LEU A 397 -37.44 -4.88 6.67
CA LEU A 397 -36.25 -4.11 7.01
C LEU A 397 -36.39 -3.47 8.40
N SER A 398 -37.60 -2.99 8.74
CA SER A 398 -37.86 -2.44 10.08
C SER A 398 -37.85 -3.53 11.14
N VAL A 399 -38.46 -4.69 10.85
CA VAL A 399 -38.57 -5.77 11.82
C VAL A 399 -37.19 -6.29 12.23
N SER A 400 -36.22 -6.30 11.30
N SER A 400 -36.22 -6.28 11.29
CA SER A 400 -34.94 -6.92 11.60
CA SER A 400 -34.91 -6.87 11.53
C SER A 400 -34.01 -6.02 12.40
C SER A 400 -34.03 -6.03 12.43
N THR A 401 -34.34 -4.76 12.62
CA THR A 401 -33.47 -3.89 13.40
C THR A 401 -33.35 -4.42 14.83
N PRO A 402 -32.16 -4.37 15.45
CA PRO A 402 -32.04 -4.82 16.84
C PRO A 402 -33.01 -4.13 17.78
N GLU A 403 -33.31 -2.85 17.55
CA GLU A 403 -34.27 -2.14 18.38
C GLU A 403 -35.67 -2.74 18.25
N HIS A 404 -36.11 -3.07 17.02
CA HIS A 404 -37.44 -3.67 16.89
C HIS A 404 -37.47 -5.07 17.49
N LEU A 405 -36.43 -5.86 17.26
CA LEU A 405 -36.38 -7.22 17.81
C LEU A 405 -36.49 -7.18 19.33
N HIS A 406 -35.90 -6.17 19.96
CA HIS A 406 -36.06 -6.01 21.40
C HIS A 406 -37.51 -5.74 21.78
N LYS A 407 -38.21 -4.90 21.00
CA LYS A 407 -39.60 -4.58 21.29
C LYS A 407 -40.49 -5.82 21.30
N ILE A 408 -40.22 -6.81 20.46
CA ILE A 408 -41.06 -8.00 20.36
C ILE A 408 -40.45 -9.19 21.10
N GLY A 409 -39.48 -8.95 21.98
CA GLY A 409 -39.02 -9.97 22.92
C GLY A 409 -38.04 -10.98 22.38
N LEU A 410 -37.41 -10.72 21.24
CA LEU A 410 -36.52 -11.69 20.62
C LEU A 410 -35.04 -11.34 20.80
N LEU A 411 -34.73 -10.23 21.45
CA LEU A 411 -33.34 -9.78 21.62
C LEU A 411 -33.28 -8.99 22.92
N ASP A 412 -32.74 -9.60 23.97
CA ASP A 412 -32.77 -8.95 25.28
C ASP A 412 -31.77 -7.80 25.37
N ARG A 413 -30.49 -8.10 25.20
CA ARG A 413 -29.47 -7.08 25.38
C ARG A 413 -29.52 -6.07 24.24
N VAL A 414 -29.33 -4.79 24.59
CA VAL A 414 -29.39 -3.68 23.65
C VAL A 414 -28.11 -2.87 23.76
N THR A 415 -27.54 -2.50 22.62
CA THR A 415 -26.33 -1.67 22.61
C THR A 415 -26.26 -0.87 21.31
N ASN A 416 -25.62 0.31 21.36
CA ASN A 416 -25.50 1.19 20.19
C ASN A 416 -24.06 1.70 20.06
N ASP A 417 -23.16 0.83 19.61
CA ASP A 417 -21.76 1.15 19.39
C ASP A 417 -21.37 0.74 17.97
N THR A 418 -20.14 1.11 17.57
CA THR A 418 -19.75 0.94 16.18
C THR A 418 -19.66 -0.53 15.80
N GLU A 419 -19.18 -1.38 16.72
CA GLU A 419 -19.06 -2.80 16.42
C GLU A 419 -20.42 -3.45 16.21
N SER A 420 -21.42 -3.06 17.02
CA SER A 420 -22.76 -3.61 16.84
C SER A 420 -23.36 -3.17 15.51
N ASP A 421 -23.09 -1.92 15.09
CA ASP A 421 -23.54 -1.45 13.78
C ASP A 421 -22.90 -2.25 12.64
N ILE A 422 -21.60 -2.53 12.73
CA ILE A 422 -20.94 -3.32 11.68
C ILE A 422 -21.50 -4.73 11.62
N ASN A 423 -21.75 -5.36 12.78
CA ASN A 423 -22.32 -6.71 12.80
C ASN A 423 -23.67 -6.74 12.10
N TYR A 424 -24.54 -5.79 12.41
CA TYR A 424 -25.88 -5.76 11.82
C TYR A 424 -25.80 -5.54 10.31
N LEU A 425 -25.01 -4.54 9.87
CA LEU A 425 -24.91 -4.24 8.45
C LEU A 425 -24.26 -5.37 7.65
N LEU A 426 -23.29 -6.08 8.23
CA LEU A 426 -22.73 -7.25 7.56
C LEU A 426 -23.78 -8.36 7.42
N LYS A 427 -24.56 -8.61 8.48
CA LYS A 427 -25.62 -9.60 8.40
C LYS A 427 -26.63 -9.23 7.32
N MET A 428 -27.00 -7.95 7.22
CA MET A 428 -27.92 -7.52 6.18
C MET A 428 -27.27 -7.57 4.79
N ALA A 429 -25.95 -7.35 4.69
CA ALA A 429 -25.29 -7.45 3.37
C ALA A 429 -25.29 -8.88 2.86
N LEU A 430 -25.12 -9.87 3.75
CA LEU A 430 -25.21 -11.27 3.36
C LEU A 430 -26.57 -11.59 2.75
N GLU A 431 -27.64 -10.93 3.24
CA GLU A 431 -29.00 -11.19 2.76
C GLU A 431 -29.30 -10.43 1.48
N LYS A 432 -28.84 -9.18 1.39
CA LYS A 432 -29.25 -8.28 0.32
C LYS A 432 -28.18 -8.06 -0.75
N ILE A 433 -26.92 -7.80 -0.37
CA ILE A 433 -25.89 -7.51 -1.37
C ILE A 433 -25.48 -8.79 -2.12
N ALA A 434 -25.38 -9.93 -1.42
CA ALA A 434 -25.02 -11.18 -2.10
C ALA A 434 -26.05 -11.59 -3.16
N PHE A 435 -27.32 -11.23 -2.97
CA PHE A 435 -28.38 -11.60 -3.91
C PHE A 435 -28.26 -10.84 -5.24
N LEU A 436 -27.71 -9.62 -5.23
CA LEU A 436 -27.76 -8.75 -6.42
C LEU A 436 -27.25 -9.40 -7.71
N PRO A 437 -26.06 -10.00 -7.76
CA PRO A 437 -25.64 -10.66 -9.02
C PRO A 437 -26.56 -11.78 -9.47
N PHE A 438 -27.12 -12.57 -8.53
CA PHE A 438 -28.03 -13.64 -8.90
C PHE A 438 -29.35 -13.09 -9.43
N GLY A 439 -29.93 -12.11 -8.75
CA GLY A 439 -31.14 -11.50 -9.26
C GLY A 439 -30.98 -10.90 -10.64
N TYR A 440 -29.77 -10.42 -10.95
CA TYR A 440 -29.50 -9.83 -12.26
C TYR A 440 -29.30 -10.90 -13.34
N LEU A 441 -28.61 -12.01 -13.02
CA LEU A 441 -28.18 -12.94 -14.09
C LEU A 441 -29.27 -13.92 -14.56
N VAL A 442 -30.25 -14.27 -13.72
CA VAL A 442 -31.18 -15.35 -14.08
C VAL A 442 -31.90 -15.03 -15.39
N ASP A 443 -32.43 -13.81 -15.53
CA ASP A 443 -33.14 -13.49 -16.77
C ASP A 443 -32.20 -13.06 -17.91
N GLN A 444 -30.95 -12.69 -17.63
N GLN A 444 -30.95 -12.69 -17.63
CA GLN A 444 -29.98 -12.63 -18.72
CA GLN A 444 -29.98 -12.62 -18.72
C GLN A 444 -29.84 -13.98 -19.40
C GLN A 444 -29.85 -13.98 -19.40
N TRP A 445 -29.80 -15.06 -18.61
CA TRP A 445 -29.75 -16.40 -19.19
C TRP A 445 -31.04 -16.70 -19.97
N ARG A 446 -32.19 -16.44 -19.36
CA ARG A 446 -33.46 -16.86 -19.97
C ARG A 446 -33.80 -15.99 -21.18
N TRP A 447 -33.46 -14.69 -21.14
CA TRP A 447 -33.66 -13.85 -22.33
C TRP A 447 -32.84 -14.38 -23.51
N GLY A 448 -31.61 -14.83 -23.26
CA GLY A 448 -30.82 -15.42 -24.36
C GLY A 448 -31.36 -16.74 -24.86
N VAL A 449 -31.98 -17.54 -24.00
CA VAL A 449 -32.65 -18.75 -24.46
C VAL A 449 -33.86 -18.40 -25.33
N PHE A 450 -34.68 -17.45 -24.88
CA PHE A 450 -35.87 -17.08 -25.66
C PHE A 450 -35.47 -16.49 -27.01
N SER A 451 -34.38 -15.71 -27.07
CA SER A 451 -33.97 -15.08 -28.32
C SER A 451 -33.27 -16.03 -29.29
N GLY A 452 -32.89 -17.23 -28.84
CA GLY A 452 -32.14 -18.17 -29.66
C GLY A 452 -30.63 -18.00 -29.58
N ARG A 453 -30.12 -16.98 -28.89
CA ARG A 453 -28.67 -16.86 -28.76
C ARG A 453 -28.08 -18.01 -27.96
N THR A 454 -28.86 -18.58 -27.04
CA THR A 454 -28.47 -19.76 -26.27
C THR A 454 -29.38 -20.91 -26.69
N PRO A 455 -28.96 -21.76 -27.65
CA PRO A 455 -29.74 -22.95 -27.99
C PRO A 455 -29.57 -24.06 -26.98
N PRO A 456 -30.36 -25.13 -27.06
CA PRO A 456 -30.19 -26.25 -26.09
C PRO A 456 -28.76 -26.76 -25.94
N SER A 457 -27.98 -26.77 -27.02
CA SER A 457 -26.60 -27.25 -26.97
C SER A 457 -25.68 -26.41 -26.09
N ARG A 458 -26.14 -25.22 -25.63
CA ARG A 458 -25.34 -24.36 -24.74
C ARG A 458 -26.11 -23.92 -23.48
N TYR A 459 -27.18 -24.62 -23.08
CA TYR A 459 -27.90 -24.21 -21.86
C TYR A 459 -26.99 -24.13 -20.64
N ASN A 460 -26.19 -25.17 -20.40
CA ASN A 460 -25.40 -25.22 -19.17
C ASN A 460 -24.08 -24.46 -19.29
N PHE A 461 -23.44 -24.53 -20.46
CA PHE A 461 -22.27 -23.71 -20.77
C PHE A 461 -22.55 -22.22 -20.51
N ASP A 462 -23.68 -21.71 -21.00
CA ASP A 462 -24.00 -20.30 -20.84
C ASP A 462 -24.51 -19.96 -19.44
N TRP A 463 -25.21 -20.89 -18.77
CA TRP A 463 -25.57 -20.70 -17.36
C TRP A 463 -24.31 -20.53 -16.51
N TRP A 464 -23.35 -21.43 -16.65
CA TRP A 464 -22.18 -21.34 -15.79
C TRP A 464 -21.24 -20.20 -16.19
N TYR A 465 -21.23 -19.77 -17.47
CA TYR A 465 -20.55 -18.52 -17.82
C TYR A 465 -21.07 -17.36 -16.98
N LEU A 466 -22.41 -17.21 -16.90
CA LEU A 466 -23.01 -16.10 -16.17
C LEU A 466 -22.83 -16.25 -14.66
N ARG A 467 -22.98 -17.47 -14.12
CA ARG A 467 -22.79 -17.68 -12.69
C ARG A 467 -21.38 -17.28 -12.26
N THR A 468 -20.37 -17.67 -13.05
CA THR A 468 -18.97 -17.30 -12.74
C THR A 468 -18.75 -15.80 -12.98
N LYS A 469 -19.21 -15.28 -14.12
CA LYS A 469 -19.02 -13.87 -14.44
C LYS A 469 -19.54 -12.95 -13.34
N TYR A 470 -20.76 -13.19 -12.86
CA TYR A 470 -21.44 -12.30 -11.93
C TYR A 470 -21.26 -12.70 -10.46
N GLN A 471 -21.53 -13.96 -10.11
CA GLN A 471 -21.45 -14.36 -8.71
C GLN A 471 -20.04 -14.81 -8.30
N GLY A 472 -19.16 -15.14 -9.23
CA GLY A 472 -17.84 -15.63 -8.82
C GLY A 472 -17.87 -16.96 -8.08
N ILE A 473 -18.68 -17.91 -8.54
CA ILE A 473 -18.75 -19.25 -7.99
C ILE A 473 -18.47 -20.28 -9.09
N CYS A 474 -18.23 -21.51 -8.67
CA CYS A 474 -17.96 -22.59 -9.62
C CYS A 474 -18.66 -23.86 -9.13
N PRO A 475 -19.06 -24.74 -10.04
CA PRO A 475 -19.67 -25.99 -9.62
C PRO A 475 -18.64 -26.87 -8.92
N PRO A 476 -19.01 -27.54 -7.81
CA PRO A 476 -18.01 -28.33 -7.06
C PRO A 476 -17.80 -29.72 -7.62
N VAL A 477 -18.60 -30.15 -8.61
CA VAL A 477 -18.32 -31.31 -9.45
C VAL A 477 -18.43 -30.88 -10.90
N THR A 478 -17.81 -31.68 -11.78
CA THR A 478 -17.82 -31.41 -13.22
C THR A 478 -19.24 -31.52 -13.76
N ARG A 479 -19.58 -30.61 -14.67
CA ARG A 479 -20.87 -30.57 -15.33
C ARG A 479 -20.66 -30.67 -16.85
N ASN A 480 -21.69 -31.13 -17.54
CA ASN A 480 -21.73 -31.16 -19.00
C ASN A 480 -23.16 -30.85 -19.44
N GLU A 481 -23.42 -30.88 -20.76
CA GLU A 481 -24.72 -30.42 -21.26
C GLU A 481 -25.85 -31.43 -21.06
N THR A 482 -25.58 -32.62 -20.51
CA THR A 482 -26.67 -33.45 -20.03
C THR A 482 -27.29 -32.87 -18.77
N HIS A 483 -26.50 -32.17 -17.97
CA HIS A 483 -26.99 -31.44 -16.81
C HIS A 483 -27.70 -30.18 -17.27
N PHE A 484 -28.71 -29.76 -16.48
CA PHE A 484 -29.51 -28.59 -16.79
C PHE A 484 -29.71 -27.86 -15.44
N ASP A 485 -28.63 -27.21 -14.97
CA ASP A 485 -28.58 -26.69 -13.62
C ASP A 485 -29.51 -25.48 -13.44
N ALA A 486 -29.80 -24.73 -14.51
CA ALA A 486 -30.85 -23.70 -14.40
C ALA A 486 -32.20 -24.30 -14.01
N GLY A 487 -32.49 -25.53 -14.45
CA GLY A 487 -33.78 -26.14 -14.15
C GLY A 487 -33.98 -26.52 -12.69
N ALA A 488 -32.89 -26.58 -11.91
CA ALA A 488 -32.97 -26.89 -10.49
C ALA A 488 -33.29 -25.68 -9.62
N LYS A 489 -33.66 -24.54 -10.24
CA LYS A 489 -34.15 -23.36 -9.54
C LYS A 489 -35.64 -23.18 -9.82
N PHE A 490 -36.46 -23.06 -8.76
CA PHE A 490 -37.93 -23.08 -8.88
C PHE A 490 -38.48 -22.31 -10.08
N HIS A 491 -38.08 -21.04 -10.24
CA HIS A 491 -38.74 -20.16 -11.19
C HIS A 491 -38.56 -20.58 -12.66
N VAL A 492 -37.59 -21.43 -12.97
CA VAL A 492 -37.38 -21.83 -14.35
C VAL A 492 -38.43 -22.85 -14.78
N PRO A 493 -38.54 -24.04 -14.18
CA PRO A 493 -39.64 -24.95 -14.56
C PRO A 493 -41.03 -24.39 -14.27
N ASN A 494 -41.17 -23.51 -13.28
CA ASN A 494 -42.48 -22.95 -12.95
C ASN A 494 -42.75 -21.63 -13.70
N VAL A 495 -41.90 -21.27 -14.66
CA VAL A 495 -42.11 -20.18 -15.61
C VAL A 495 -42.54 -18.90 -14.91
N THR A 496 -41.78 -18.47 -13.90
CA THR A 496 -41.99 -17.16 -13.27
C THR A 496 -40.82 -16.23 -13.57
N PRO A 497 -41.05 -15.03 -14.12
CA PRO A 497 -39.92 -14.12 -14.37
C PRO A 497 -39.17 -13.73 -13.10
N TYR A 498 -37.89 -13.35 -13.29
CA TYR A 498 -36.96 -13.13 -12.18
C TYR A 498 -36.43 -11.69 -12.05
N ILE A 499 -36.43 -10.88 -13.11
CA ILE A 499 -35.79 -9.56 -13.00
C ILE A 499 -36.55 -8.68 -12.01
N ARG A 500 -37.83 -8.99 -11.75
CA ARG A 500 -38.59 -8.33 -10.69
C ARG A 500 -37.84 -8.30 -9.35
N TYR A 501 -37.06 -9.36 -9.04
CA TYR A 501 -36.38 -9.43 -7.75
C TYR A 501 -35.16 -8.52 -7.69
N PHE A 502 -34.42 -8.39 -8.79
CA PHE A 502 -33.34 -7.39 -8.85
C PHE A 502 -33.91 -5.97 -8.72
N VAL A 503 -34.95 -5.67 -9.47
CA VAL A 503 -35.62 -4.36 -9.35
C VAL A 503 -36.04 -4.13 -7.90
N SER A 504 -36.67 -5.13 -7.27
CA SER A 504 -37.16 -4.98 -5.89
C SER A 504 -36.03 -4.70 -4.90
N PHE A 505 -34.89 -5.39 -5.05
CA PHE A 505 -33.84 -5.24 -4.04
C PHE A 505 -33.21 -3.85 -4.09
N VAL A 506 -33.32 -3.15 -5.23
CA VAL A 506 -32.96 -1.72 -5.29
C VAL A 506 -34.11 -0.85 -4.80
N LEU A 507 -35.32 -1.10 -5.31
CA LEU A 507 -36.49 -0.27 -5.00
C LEU A 507 -36.83 -0.25 -3.51
N GLN A 508 -36.68 -1.38 -2.81
CA GLN A 508 -37.13 -1.44 -1.43
C GLN A 508 -36.37 -0.45 -0.54
N PHE A 509 -35.11 -0.13 -0.89
CA PHE A 509 -34.37 0.89 -0.13
C PHE A 509 -34.84 2.31 -0.48
N GLN A 510 -35.30 2.56 -1.71
CA GLN A 510 -35.96 3.82 -2.02
C GLN A 510 -37.24 3.99 -1.21
N PHE A 511 -38.05 2.93 -1.12
CA PHE A 511 -39.29 2.95 -0.33
C PHE A 511 -38.97 3.18 1.15
N HIS A 512 -37.97 2.47 1.67
CA HIS A 512 -37.61 2.57 3.09
C HIS A 512 -37.23 4.01 3.44
N GLU A 513 -36.39 4.64 2.60
CA GLU A 513 -35.99 6.03 2.84
C GLU A 513 -37.20 6.97 2.84
N ALA A 514 -38.12 6.79 1.90
CA ALA A 514 -39.28 7.67 1.80
C ALA A 514 -40.23 7.49 3.00
N LEU A 515 -40.47 6.25 3.42
CA LEU A 515 -41.39 6.01 4.53
C LEU A 515 -40.78 6.44 5.86
N CYS A 516 -39.46 6.25 6.01
CA CYS A 516 -38.79 6.71 7.23
C CYS A 516 -38.85 8.23 7.34
N LYS A 517 -38.70 8.95 6.23
CA LYS A 517 -38.88 10.40 6.25
C LYS A 517 -40.30 10.79 6.62
N GLU A 518 -41.29 10.13 6.00
CA GLU A 518 -42.68 10.47 6.30
C GLU A 518 -43.03 10.17 7.76
N ALA A 519 -42.36 9.19 8.37
CA ALA A 519 -42.60 8.86 9.76
C ALA A 519 -41.98 9.85 10.74
N GLY A 520 -41.18 10.78 10.25
CA GLY A 520 -40.49 11.73 11.12
C GLY A 520 -39.22 11.21 11.74
N TYR A 521 -38.68 10.09 11.25
CA TYR A 521 -37.44 9.54 11.81
C TYR A 521 -36.25 10.34 11.32
N GLU A 522 -35.28 10.55 12.20
CA GLU A 522 -34.14 11.42 11.89
C GLU A 522 -32.77 10.80 12.19
N GLY A 523 -32.70 9.55 12.62
CA GLY A 523 -31.43 8.91 12.82
C GLY A 523 -30.86 8.28 11.55
N PRO A 524 -29.85 7.43 11.72
CA PRO A 524 -29.29 6.71 10.55
C PRO A 524 -30.33 5.84 9.88
N LEU A 525 -30.28 5.79 8.54
CA LEU A 525 -31.30 5.08 7.77
C LEU A 525 -31.39 3.62 8.19
N HIS A 526 -30.26 2.98 8.48
CA HIS A 526 -30.30 1.55 8.80
C HIS A 526 -30.78 1.26 10.22
N GLN A 527 -31.12 2.28 11.01
CA GLN A 527 -31.72 2.09 12.34
C GLN A 527 -33.18 2.53 12.39
N CYS A 528 -33.77 2.88 11.25
CA CYS A 528 -35.18 3.27 11.20
C CYS A 528 -36.10 2.08 11.45
N ASP A 529 -37.18 2.33 12.19
CA ASP A 529 -38.28 1.38 12.36
C ASP A 529 -39.60 2.14 12.19
N ILE A 530 -40.38 1.80 11.15
CA ILE A 530 -41.63 2.52 10.90
C ILE A 530 -42.84 1.97 11.66
N TYR A 531 -42.63 0.98 12.53
CA TYR A 531 -43.71 0.43 13.34
C TYR A 531 -44.55 1.54 13.97
N ARG A 532 -45.87 1.42 13.87
CA ARG A 532 -46.88 2.29 14.47
C ARG A 532 -46.92 3.69 13.84
N SER A 533 -46.28 3.89 12.68
CA SER A 533 -46.38 5.17 11.96
C SER A 533 -47.59 5.15 11.03
N THR A 534 -48.68 5.80 11.45
CA THR A 534 -49.86 5.85 10.61
C THR A 534 -49.64 6.74 9.39
N LYS A 535 -48.75 7.73 9.49
CA LYS A 535 -48.44 8.55 8.31
C LYS A 535 -47.72 7.72 7.25
N ALA A 536 -46.73 6.92 7.65
CA ALA A 536 -46.10 6.04 6.68
C ALA A 536 -47.11 5.08 6.06
N GLY A 537 -48.01 4.54 6.89
CA GLY A 537 -49.05 3.65 6.37
C GLY A 537 -49.91 4.28 5.29
N ALA A 538 -50.27 5.56 5.45
CA ALA A 538 -51.14 6.21 4.47
C ALA A 538 -50.42 6.42 3.14
N LYS A 539 -49.11 6.72 3.19
CA LYS A 539 -48.32 6.89 1.98
C LYS A 539 -48.17 5.57 1.23
N LEU A 540 -47.94 4.47 1.95
CA LEU A 540 -47.90 3.15 1.31
C LEU A 540 -49.28 2.75 0.78
N ARG A 541 -50.35 3.03 1.54
CA ARG A 541 -51.68 2.64 1.10
C ARG A 541 -52.04 3.27 -0.25
N LYS A 542 -51.62 4.51 -0.48
CA LYS A 542 -51.91 5.18 -1.75
C LYS A 542 -51.33 4.40 -2.93
N VAL A 543 -50.10 3.92 -2.81
CA VAL A 543 -49.48 3.10 -3.85
C VAL A 543 -50.28 1.83 -4.08
N LEU A 544 -50.63 1.14 -2.99
CA LEU A 544 -51.22 -0.20 -3.13
C LEU A 544 -52.59 -0.13 -3.78
N ARG A 545 -53.39 0.89 -3.46
CA ARG A 545 -54.74 1.00 -4.00
C ARG A 545 -54.78 1.33 -5.48
N ALA A 546 -53.67 1.82 -6.05
CA ALA A 546 -53.61 2.17 -7.47
C ALA A 546 -53.51 0.96 -8.41
N GLY A 547 -53.09 -0.20 -7.92
CA GLY A 547 -52.92 -1.31 -8.87
C GLY A 547 -51.99 -0.92 -10.00
N SER A 548 -52.35 -1.31 -11.24
CA SER A 548 -51.63 -0.89 -12.43
C SER A 548 -52.38 0.22 -13.18
N SER A 549 -53.19 1.02 -12.47
CA SER A 549 -53.99 2.07 -13.11
C SER A 549 -53.15 3.25 -13.57
N ARG A 550 -51.97 3.48 -12.97
CA ARG A 550 -51.18 4.63 -13.34
C ARG A 550 -49.78 4.19 -13.77
N PRO A 551 -49.10 4.96 -14.63
CA PRO A 551 -47.71 4.62 -15.00
C PRO A 551 -46.85 4.52 -13.75
N TRP A 552 -46.01 3.47 -13.68
CA TRP A 552 -45.23 3.26 -12.46
C TRP A 552 -44.25 4.41 -12.21
N GLN A 553 -43.73 5.03 -13.28
CA GLN A 553 -42.83 6.17 -13.09
C GLN A 553 -43.52 7.31 -12.35
N GLU A 554 -44.81 7.52 -12.63
CA GLU A 554 -45.55 8.59 -11.97
C GLU A 554 -45.91 8.23 -10.53
N VAL A 555 -46.24 6.97 -10.26
CA VAL A 555 -46.50 6.52 -8.90
C VAL A 555 -45.23 6.66 -8.06
N LEU A 556 -44.09 6.28 -8.63
CA LEU A 556 -42.81 6.35 -7.90
C LEU A 556 -42.46 7.79 -7.57
N LYS A 557 -42.69 8.71 -8.52
CA LYS A 557 -42.38 10.12 -8.26
C LYS A 557 -43.23 10.67 -7.10
N ASP A 558 -44.53 10.36 -7.10
CA ASP A 558 -45.37 10.75 -5.97
C ASP A 558 -44.85 10.20 -4.65
N MET A 559 -44.32 8.97 -4.65
CA MET A 559 -43.97 8.31 -3.40
C MET A 559 -42.63 8.79 -2.85
N VAL A 560 -41.59 8.82 -3.69
CA VAL A 560 -40.22 9.05 -3.22
C VAL A 560 -39.61 10.32 -3.79
N GLY A 561 -40.29 11.02 -4.68
CA GLY A 561 -39.77 12.25 -5.24
C GLY A 561 -38.94 12.09 -6.50
N LEU A 562 -38.82 10.88 -7.03
CA LEU A 562 -38.01 10.62 -8.21
C LEU A 562 -38.77 9.65 -9.11
N ASP A 563 -38.61 9.80 -10.43
CA ASP A 563 -39.38 8.99 -11.36
C ASP A 563 -38.58 7.82 -11.95
N ALA A 564 -37.51 7.37 -11.28
CA ALA A 564 -36.67 6.31 -11.81
C ALA A 564 -36.07 5.48 -10.68
N LEU A 565 -35.71 4.23 -11.01
CA LEU A 565 -34.89 3.41 -10.11
C LEU A 565 -33.57 4.10 -9.82
N ASP A 566 -33.13 4.03 -8.56
CA ASP A 566 -31.94 4.76 -8.12
C ASP A 566 -31.26 3.96 -7.02
N ALA A 567 -29.96 3.74 -7.16
CA ALA A 567 -29.19 2.94 -6.21
C ALA A 567 -28.72 3.73 -4.98
N GLN A 568 -28.87 5.04 -4.96
CA GLN A 568 -28.25 5.80 -3.88
C GLN A 568 -28.84 5.47 -2.50
N PRO A 569 -30.15 5.24 -2.33
CA PRO A 569 -30.65 4.86 -0.99
C PRO A 569 -30.03 3.56 -0.48
N LEU A 570 -29.86 2.55 -1.35
CA LEU A 570 -29.17 1.34 -0.93
C LEU A 570 -27.73 1.62 -0.53
N LEU A 571 -27.01 2.43 -1.31
CA LEU A 571 -25.62 2.74 -0.96
C LEU A 571 -25.56 3.49 0.37
N LYS A 572 -26.50 4.41 0.59
CA LYS A 572 -26.54 5.19 1.83
C LYS A 572 -26.78 4.28 3.03
N TYR A 573 -27.69 3.31 2.90
CA TYR A 573 -27.97 2.36 3.97
C TYR A 573 -26.72 1.58 4.38
N PHE A 574 -25.93 1.13 3.39
CA PHE A 574 -24.81 0.22 3.66
C PHE A 574 -23.47 0.93 3.82
N GLN A 575 -23.44 2.26 3.72
CA GLN A 575 -22.18 3.02 3.63
C GLN A 575 -21.13 2.59 4.66
N LEU A 576 -21.52 2.40 5.92
CA LEU A 576 -20.52 2.12 6.95
C LEU A 576 -19.81 0.79 6.73
N VAL A 577 -20.56 -0.25 6.34
CA VAL A 577 -19.94 -1.56 6.15
C VAL A 577 -19.25 -1.63 4.78
N THR A 578 -19.71 -0.86 3.80
CA THR A 578 -18.99 -0.77 2.53
C THR A 578 -17.56 -0.28 2.76
N GLN A 579 -17.42 0.77 3.57
CA GLN A 579 -16.10 1.30 3.89
C GLN A 579 -15.29 0.32 4.72
N TRP A 580 -15.91 -0.28 5.73
CA TRP A 580 -15.22 -1.22 6.61
C TRP A 580 -14.69 -2.43 5.84
N LEU A 581 -15.54 -3.01 4.98
CA LEU A 581 -15.10 -4.18 4.21
C LEU A 581 -13.94 -3.83 3.27
N GLN A 582 -14.01 -2.66 2.66
CA GLN A 582 -12.94 -2.24 1.76
C GLN A 582 -11.62 -2.10 2.52
N GLU A 583 -11.68 -1.52 3.73
CA GLU A 583 -10.48 -1.40 4.54
C GLU A 583 -9.94 -2.75 4.99
N GLN A 584 -10.82 -3.67 5.41
CA GLN A 584 -10.36 -4.98 5.85
C GLN A 584 -9.66 -5.73 4.72
N ASN A 585 -10.23 -5.69 3.51
CA ASN A 585 -9.65 -6.47 2.42
C ASN A 585 -8.27 -5.93 2.03
N GLN A 586 -8.11 -4.60 2.03
CA GLN A 586 -6.80 -4.01 1.75
C GLN A 586 -5.77 -4.44 2.79
N GLN A 587 -6.14 -4.37 4.07
CA GLN A 587 -5.22 -4.76 5.15
C GLN A 587 -4.77 -6.21 5.02
N ASN A 588 -5.65 -7.08 4.55
N ASN A 588 -5.65 -7.10 4.56
CA ASN A 588 -5.34 -8.50 4.41
CA ASN A 588 -5.33 -8.50 4.42
C ASN A 588 -4.77 -8.85 3.05
C ASN A 588 -4.76 -8.85 3.04
N GLY A 589 -4.58 -7.86 2.18
CA GLY A 589 -3.98 -8.12 0.87
C GLY A 589 -4.80 -9.02 -0.04
N GLU A 590 -6.13 -8.91 0.02
CA GLU A 590 -6.96 -9.75 -0.83
C GLU A 590 -6.85 -9.32 -2.29
N VAL A 591 -7.07 -10.28 -3.17
CA VAL A 591 -7.38 -10.00 -4.58
C VAL A 591 -8.89 -9.89 -4.69
N LEU A 592 -9.38 -8.74 -5.19
CA LEU A 592 -10.80 -8.59 -5.49
C LEU A 592 -11.07 -9.21 -6.86
N GLY A 593 -12.05 -10.10 -6.92
CA GLY A 593 -12.31 -10.86 -8.12
C GLY A 593 -11.75 -12.27 -8.04
N TRP A 594 -11.75 -12.93 -9.21
CA TRP A 594 -11.40 -14.33 -9.32
C TRP A 594 -10.64 -14.57 -10.63
N PRO A 595 -9.40 -14.09 -10.72
CA PRO A 595 -8.63 -14.22 -11.97
C PRO A 595 -8.31 -15.65 -12.40
N GLU A 596 -8.26 -16.61 -11.47
CA GLU A 596 -8.11 -18.02 -11.85
C GLU A 596 -9.50 -18.60 -12.17
N TYR A 597 -10.05 -18.10 -13.28
CA TYR A 597 -11.44 -18.36 -13.64
C TYR A 597 -11.71 -19.81 -14.03
N GLN A 598 -10.67 -20.61 -14.32
CA GLN A 598 -10.80 -22.03 -14.68
C GLN A 598 -10.83 -22.96 -13.48
N TRP A 599 -10.56 -22.47 -12.28
CA TRP A 599 -10.34 -23.34 -11.14
C TRP A 599 -11.63 -23.98 -10.65
N HIS A 600 -11.53 -25.26 -10.32
CA HIS A 600 -12.59 -26.03 -9.65
C HIS A 600 -11.94 -26.81 -8.51
N PRO A 601 -12.67 -27.06 -7.43
CA PRO A 601 -12.08 -27.80 -6.29
C PRO A 601 -11.97 -29.29 -6.61
N PRO A 602 -11.09 -30.02 -5.94
CA PRO A 602 -11.04 -31.47 -6.12
C PRO A 602 -12.18 -32.17 -5.38
N LEU A 603 -12.35 -33.46 -5.70
CA LEU A 603 -13.30 -34.29 -4.97
C LEU A 603 -12.74 -34.70 -3.61
N PRO A 604 -13.59 -34.85 -2.60
CA PRO A 604 -13.12 -35.39 -1.33
C PRO A 604 -12.65 -36.83 -1.46
N ASP A 605 -11.74 -37.22 -0.58
CA ASP A 605 -11.29 -38.60 -0.53
C ASP A 605 -12.49 -39.51 -0.30
N ASN A 606 -12.55 -40.61 -1.05
CA ASN A 606 -13.59 -41.61 -0.83
C ASN A 606 -14.98 -41.05 -1.11
N TYR A 607 -15.10 -40.13 -2.07
CA TYR A 607 -16.42 -39.59 -2.34
C TYR A 607 -17.13 -40.45 -3.38
N PRO A 608 -18.42 -40.78 -3.22
CA PRO A 608 -19.38 -40.40 -2.17
C PRO A 608 -19.48 -41.33 -0.95
N GLU A 609 -18.64 -42.36 -0.85
CA GLU A 609 -18.71 -43.26 0.31
C GLU A 609 -18.34 -42.53 1.60
N GLY A 610 -19.35 -42.02 2.31
CA GLY A 610 -19.11 -41.34 3.57
C GLY A 610 -20.35 -40.65 4.12
N LEU B 1 4.41 22.24 -39.30
CA LEU B 1 4.08 21.66 -40.62
C LEU B 1 4.74 22.53 -41.72
N ASP B 2 5.43 21.90 -42.66
CA ASP B 2 6.08 22.66 -43.73
C ASP B 2 5.06 23.55 -44.43
N PRO B 3 5.44 24.78 -44.82
CA PRO B 3 4.45 25.68 -45.45
C PRO B 3 3.74 25.09 -46.66
N GLY B 4 4.43 24.30 -47.47
CA GLY B 4 3.79 23.71 -48.64
C GLY B 4 2.68 22.72 -48.32
N LEU B 5 2.62 22.24 -47.08
CA LEU B 5 1.64 21.24 -46.67
C LEU B 5 0.45 21.81 -45.92
N GLN B 6 0.41 23.13 -45.69
CA GLN B 6 -0.65 23.75 -44.92
C GLN B 6 -1.85 24.11 -45.82
N PRO B 7 -3.08 24.02 -45.33
CA PRO B 7 -4.23 24.42 -46.16
C PRO B 7 -4.36 25.94 -46.34
N GLY B 8 -4.78 26.34 -47.55
CA GLY B 8 -5.08 27.72 -47.92
C GLY B 8 -6.50 28.20 -47.71
N GLN B 9 -6.99 29.05 -48.62
CA GLN B 9 -8.31 29.69 -48.53
C GLN B 9 -9.28 29.11 -49.55
N PHE B 10 -10.56 28.96 -49.14
CA PHE B 10 -11.61 28.41 -50.00
C PHE B 10 -12.96 29.02 -49.59
N SER B 11 -13.88 29.13 -50.56
CA SER B 11 -15.20 29.68 -50.26
C SER B 11 -16.02 28.67 -49.47
N ALA B 12 -16.90 29.17 -48.60
CA ALA B 12 -17.70 28.32 -47.72
C ALA B 12 -19.02 27.90 -48.38
N ASP B 13 -18.88 27.19 -49.49
CA ASP B 13 -20.03 26.66 -50.19
C ASP B 13 -19.59 25.40 -50.94
N GLU B 14 -20.53 24.73 -51.61
CA GLU B 14 -20.21 23.45 -52.24
C GLU B 14 -19.13 23.61 -53.29
N ALA B 15 -19.17 24.70 -54.05
CA ALA B 15 -18.17 24.95 -55.08
C ALA B 15 -16.80 25.17 -54.45
N GLY B 16 -16.74 25.88 -53.32
CA GLY B 16 -15.47 25.99 -52.61
C GLY B 16 -14.99 24.65 -52.10
N ALA B 17 -15.92 23.82 -51.61
CA ALA B 17 -15.56 22.51 -51.09
C ALA B 17 -14.96 21.62 -52.17
N GLN B 18 -15.42 21.75 -53.42
CA GLN B 18 -14.80 20.98 -54.49
C GLN B 18 -13.31 21.35 -54.63
N LEU B 19 -12.99 22.64 -54.53
CA LEU B 19 -11.60 23.08 -54.62
C LEU B 19 -10.78 22.67 -53.40
N PHE B 20 -11.38 22.76 -52.21
CA PHE B 20 -10.74 22.28 -50.99
C PHE B 20 -10.39 20.80 -51.10
N ALA B 21 -11.32 20.00 -51.61
CA ALA B 21 -11.09 18.57 -51.74
C ALA B 21 -9.95 18.27 -52.70
N GLN B 22 -9.88 19.00 -53.83
CA GLN B 22 -8.81 18.75 -54.78
C GLN B 22 -7.46 19.05 -54.14
N SER B 23 -7.38 20.15 -53.38
CA SER B 23 -6.13 20.56 -52.78
C SER B 23 -5.73 19.63 -51.63
N TYR B 24 -6.71 19.18 -50.85
CA TYR B 24 -6.43 18.21 -49.80
C TYR B 24 -5.75 16.96 -50.34
N GLN B 25 -6.30 16.37 -51.40
CA GLN B 25 -5.71 15.16 -51.99
C GLN B 25 -4.26 15.40 -52.42
N SER B 26 -3.99 16.57 -52.98
CA SER B 26 -2.68 16.83 -53.59
C SER B 26 -1.54 16.76 -52.58
N SER B 27 -1.77 17.23 -51.35
CA SER B 27 -0.69 17.30 -50.36
C SER B 27 -0.47 15.95 -49.66
N ALA B 28 -1.52 15.14 -49.58
CA ALA B 28 -1.47 13.91 -48.81
C ALA B 28 -0.44 12.91 -49.33
N GLU B 29 -0.20 12.87 -50.65
CA GLU B 29 0.74 11.88 -51.18
C GLU B 29 2.10 11.98 -50.53
N GLN B 30 2.58 13.21 -50.30
CA GLN B 30 3.92 13.34 -49.73
C GLN B 30 3.92 12.90 -48.27
N VAL B 31 2.83 13.19 -47.55
CA VAL B 31 2.74 12.85 -46.13
C VAL B 31 2.58 11.34 -45.96
N LEU B 32 1.71 10.74 -46.78
CA LEU B 32 1.55 9.29 -46.76
C LEU B 32 2.83 8.57 -47.13
N PHE B 33 3.52 9.02 -48.19
CA PHE B 33 4.76 8.36 -48.59
C PHE B 33 5.78 8.38 -47.45
N GLN B 34 5.99 9.53 -46.80
CA GLN B 34 7.02 9.55 -45.76
C GLN B 34 6.68 8.60 -44.62
N SER B 35 5.38 8.45 -44.34
CA SER B 35 4.95 7.53 -43.28
C SER B 35 5.17 6.07 -43.69
N VAL B 36 4.75 5.71 -44.90
CA VAL B 36 4.93 4.32 -45.33
C VAL B 36 6.41 3.97 -45.39
N ALA B 37 7.24 4.90 -45.86
CA ALA B 37 8.67 4.63 -45.97
C ALA B 37 9.32 4.37 -44.62
N ALA B 38 8.95 5.17 -43.60
CA ALA B 38 9.50 4.97 -42.27
C ALA B 38 9.02 3.63 -41.68
N SER B 39 7.76 3.28 -41.91
CA SER B 39 7.27 2.00 -41.44
C SER B 39 8.00 0.84 -42.12
N TRP B 40 8.29 0.96 -43.42
CA TRP B 40 9.05 -0.08 -44.10
C TRP B 40 10.44 -0.23 -43.48
N ALA B 41 11.09 0.89 -43.20
CA ALA B 41 12.44 0.83 -42.64
C ALA B 41 12.47 0.14 -41.28
N HIS B 42 11.39 0.30 -40.48
CA HIS B 42 11.29 -0.36 -39.19
C HIS B 42 10.94 -1.84 -39.33
N ASP B 43 9.92 -2.15 -40.13
CA ASP B 43 9.43 -3.53 -40.22
C ASP B 43 10.44 -4.47 -40.88
N THR B 44 11.37 -3.96 -41.70
CA THR B 44 12.45 -4.76 -42.25
C THR B 44 13.74 -4.64 -41.46
N ASN B 45 13.72 -3.94 -40.32
CA ASN B 45 14.92 -3.73 -39.51
C ASN B 45 14.50 -3.14 -38.15
N ILE B 46 14.02 -3.98 -37.24
CA ILE B 46 13.45 -3.49 -35.98
C ILE B 46 14.60 -3.03 -35.07
N THR B 47 14.65 -1.72 -34.80
CA THR B 47 15.63 -1.14 -33.90
C THR B 47 14.97 0.02 -33.16
N ALA B 48 15.59 0.40 -32.04
CA ALA B 48 15.06 1.54 -31.28
C ALA B 48 15.09 2.81 -32.11
N GLU B 49 16.13 3.00 -32.92
CA GLU B 49 16.24 4.20 -33.73
C GLU B 49 15.20 4.23 -34.85
N ASN B 50 14.93 3.08 -35.47
CA ASN B 50 13.93 3.07 -36.54
C ASN B 50 12.52 3.23 -35.99
N ALA B 51 12.27 2.76 -34.76
CA ALA B 51 11.00 3.03 -34.10
C ALA B 51 10.83 4.54 -33.82
N ARG B 52 11.90 5.19 -33.35
CA ARG B 52 11.84 6.64 -33.14
C ARG B 52 11.51 7.38 -34.44
N ARG B 53 12.17 7.02 -35.54
CA ARG B 53 11.91 7.69 -36.81
C ARG B 53 10.48 7.45 -37.29
N GLN B 54 9.96 6.24 -37.08
CA GLN B 54 8.58 5.97 -37.48
C GLN B 54 7.59 6.76 -36.62
N GLU B 55 7.91 6.92 -35.32
CA GLU B 55 7.01 7.69 -34.46
C GLU B 55 7.01 9.16 -34.84
N GLU B 56 8.18 9.69 -35.23
CA GLU B 56 8.25 11.05 -35.74
C GLU B 56 7.42 11.21 -37.02
N ALA B 57 7.47 10.22 -37.92
CA ALA B 57 6.68 10.29 -39.15
C ALA B 57 5.19 10.23 -38.86
N ALA B 58 4.79 9.41 -37.89
CA ALA B 58 3.39 9.34 -37.47
C ALA B 58 2.91 10.65 -36.84
N LEU B 59 3.76 11.34 -36.08
CA LEU B 59 3.37 12.64 -35.51
C LEU B 59 3.09 13.67 -36.60
N LEU B 60 3.92 13.67 -37.65
CA LEU B 60 3.72 14.58 -38.78
C LEU B 60 2.40 14.30 -39.49
N SER B 61 2.08 13.02 -39.71
CA SER B 61 0.79 12.67 -40.32
C SER B 61 -0.38 13.15 -39.49
N GLN B 62 -0.29 13.05 -38.16
CA GLN B 62 -1.34 13.58 -37.29
C GLN B 62 -1.42 15.11 -37.38
N GLU B 63 -0.27 15.78 -37.48
CA GLU B 63 -0.25 17.23 -37.62
C GLU B 63 -0.97 17.67 -38.89
N PHE B 64 -0.66 16.99 -40.00
CA PHE B 64 -1.34 17.21 -41.27
C PHE B 64 -2.84 16.97 -41.16
N ALA B 65 -3.25 15.82 -40.60
CA ALA B 65 -4.68 15.51 -40.50
C ALA B 65 -5.43 16.53 -39.64
N GLU B 66 -4.79 17.01 -38.58
CA GLU B 66 -5.43 18.00 -37.72
C GLU B 66 -5.69 19.29 -38.50
N ALA B 67 -4.69 19.75 -39.26
CA ALA B 67 -4.80 21.04 -39.94
C ALA B 67 -5.92 21.03 -40.98
N TRP B 68 -5.97 19.99 -41.80
CA TRP B 68 -7.01 19.94 -42.84
C TRP B 68 -8.38 19.61 -42.26
N GLY B 69 -8.45 18.78 -41.21
CA GLY B 69 -9.73 18.52 -40.59
C GLY B 69 -10.34 19.75 -39.96
N GLN B 70 -9.52 20.56 -39.29
CA GLN B 70 -10.03 21.78 -38.66
C GLN B 70 -10.56 22.77 -39.68
N LYS B 71 -9.95 22.79 -40.87
CA LYS B 71 -10.40 23.70 -41.92
C LYS B 71 -11.78 23.28 -42.43
N ALA B 72 -11.99 21.97 -42.64
CA ALA B 72 -13.30 21.47 -43.06
C ALA B 72 -14.39 21.87 -42.07
N LYS B 73 -14.11 21.81 -40.77
CA LYS B 73 -15.10 22.24 -39.79
C LYS B 73 -15.35 23.74 -39.89
N GLU B 74 -14.28 24.51 -40.04
CA GLU B 74 -14.40 25.97 -40.10
C GLU B 74 -15.29 26.39 -41.26
N LEU B 75 -15.10 25.77 -42.42
CA LEU B 75 -15.79 26.15 -43.64
C LEU B 75 -17.13 25.43 -43.87
N TYR B 76 -17.24 24.12 -43.53
CA TYR B 76 -18.35 23.31 -44.04
C TYR B 76 -19.12 22.43 -43.06
N GLU B 77 -18.74 22.36 -41.78
CA GLU B 77 -19.39 21.38 -40.92
C GLU B 77 -20.92 21.46 -40.94
N PRO B 78 -21.55 22.64 -40.95
CA PRO B 78 -23.02 22.69 -40.97
C PRO B 78 -23.67 22.48 -42.34
N ILE B 79 -22.92 22.35 -43.44
CA ILE B 79 -23.55 22.31 -44.76
C ILE B 79 -23.09 21.14 -45.60
N TRP B 80 -21.97 20.47 -45.29
CA TRP B 80 -21.43 19.44 -46.18
C TRP B 80 -22.40 18.26 -46.29
N GLN B 81 -23.21 18.02 -45.26
CA GLN B 81 -24.14 16.89 -45.28
C GLN B 81 -25.28 17.10 -46.28
N GLN B 82 -25.51 18.34 -46.74
CA GLN B 82 -26.52 18.64 -47.74
C GLN B 82 -25.93 18.89 -49.13
N PHE B 83 -24.63 18.68 -49.33
CA PHE B 83 -24.04 18.88 -50.64
C PHE B 83 -24.68 17.95 -51.65
N THR B 84 -24.75 18.41 -52.92
CA THR B 84 -25.43 17.62 -53.93
C THR B 84 -24.56 16.49 -54.51
N ASP B 85 -23.22 16.60 -54.47
CA ASP B 85 -22.35 15.57 -55.05
C ASP B 85 -22.07 14.54 -53.97
N PRO B 86 -22.58 13.31 -54.09
CA PRO B 86 -22.37 12.34 -52.98
C PRO B 86 -20.91 11.92 -52.81
N GLN B 87 -20.12 11.85 -53.89
CA GLN B 87 -18.70 11.52 -53.74
C GLN B 87 -17.99 12.58 -52.89
N LEU B 88 -18.28 13.86 -53.15
CA LEU B 88 -17.75 14.94 -52.32
C LEU B 88 -18.17 14.79 -50.86
N ARG B 89 -19.43 14.44 -50.62
CA ARG B 89 -19.90 14.29 -49.24
C ARG B 89 -19.03 13.30 -48.48
N ARG B 90 -18.56 12.26 -49.17
CA ARG B 90 -17.79 11.21 -48.53
C ARG B 90 -16.41 11.69 -48.10
N ILE B 91 -15.76 12.51 -48.92
CA ILE B 91 -14.42 12.98 -48.56
C ILE B 91 -14.48 13.98 -47.40
N ILE B 92 -15.34 14.97 -47.49
CA ILE B 92 -15.39 15.95 -46.39
C ILE B 92 -15.82 15.24 -45.12
N GLY B 93 -16.73 14.27 -45.24
CA GLY B 93 -17.08 13.44 -44.09
C GLY B 93 -15.88 12.68 -43.56
N ALA B 94 -14.97 12.28 -44.46
CA ALA B 94 -13.72 11.65 -44.04
C ALA B 94 -12.80 12.65 -43.38
N VAL B 95 -12.62 13.82 -44.01
CA VAL B 95 -11.68 14.79 -43.49
C VAL B 95 -12.13 15.28 -42.13
N ARG B 96 -13.43 15.32 -41.87
CA ARG B 96 -13.84 15.75 -40.54
C ARG B 96 -13.60 14.68 -39.48
N THR B 97 -13.14 13.48 -39.85
CA THR B 97 -12.83 12.43 -38.90
C THR B 97 -11.32 12.41 -38.67
N LEU B 98 -10.90 12.86 -37.50
CA LEU B 98 -9.48 13.06 -37.22
C LEU B 98 -8.80 11.84 -36.63
N GLY B 99 -9.56 10.95 -36.00
CA GLY B 99 -8.94 9.77 -35.41
C GLY B 99 -7.98 10.17 -34.30
N SER B 100 -6.80 9.54 -34.31
CA SER B 100 -5.82 9.82 -33.26
C SER B 100 -5.37 11.27 -33.25
N ALA B 101 -5.54 11.99 -34.36
CA ALA B 101 -5.21 13.42 -34.41
C ALA B 101 -6.11 14.25 -33.50
N ASN B 102 -7.21 13.67 -33.00
CA ASN B 102 -8.01 14.34 -31.97
C ASN B 102 -7.29 14.40 -30.62
N LEU B 103 -6.30 13.54 -30.39
CA LEU B 103 -5.67 13.50 -29.08
C LEU B 103 -4.77 14.72 -28.89
N PRO B 104 -4.63 15.20 -27.65
CA PRO B 104 -3.60 16.21 -27.40
C PRO B 104 -2.20 15.62 -27.57
N LEU B 105 -1.25 16.53 -27.81
CA LEU B 105 0.09 16.13 -28.23
C LEU B 105 0.69 15.04 -27.35
N ALA B 106 0.63 15.20 -26.03
CA ALA B 106 1.28 14.21 -25.17
C ALA B 106 0.65 12.84 -25.32
N LYS B 107 -0.66 12.78 -25.53
CA LYS B 107 -1.34 11.50 -25.72
C LYS B 107 -1.15 10.95 -27.13
N ARG B 108 -0.96 11.82 -28.14
CA ARG B 108 -0.55 11.33 -29.46
C ARG B 108 0.76 10.59 -29.38
N GLN B 109 1.73 11.15 -28.64
CA GLN B 109 3.02 10.50 -28.49
C GLN B 109 2.89 9.18 -27.73
N GLN B 110 2.07 9.13 -26.68
N GLN B 110 2.07 9.14 -26.67
CA GLN B 110 1.84 7.88 -25.96
CA GLN B 110 1.83 7.89 -25.95
C GLN B 110 1.22 6.82 -26.87
C GLN B 110 1.25 6.84 -26.90
N TYR B 111 0.25 7.23 -27.68
CA TYR B 111 -0.38 6.29 -28.63
C TYR B 111 0.63 5.74 -29.64
N ASN B 112 1.40 6.61 -30.28
CA ASN B 112 2.36 6.16 -31.28
C ASN B 112 3.42 5.25 -30.66
N ALA B 113 3.85 5.55 -29.43
CA ALA B 113 4.85 4.70 -28.78
C ALA B 113 4.27 3.33 -28.43
N LEU B 114 2.98 3.31 -28.04
CA LEU B 114 2.35 2.02 -27.72
C LEU B 114 2.32 1.12 -28.95
N LEU B 115 1.96 1.66 -30.11
CA LEU B 115 1.95 0.87 -31.34
C LEU B 115 3.34 0.30 -31.62
N SER B 116 4.37 1.11 -31.42
N SER B 116 4.39 1.12 -31.46
CA SER B 116 5.74 0.68 -31.71
CA SER B 116 5.75 0.64 -31.70
C SER B 116 6.15 -0.47 -30.78
C SER B 116 6.10 -0.51 -30.79
N GLN B 117 5.83 -0.36 -29.50
CA GLN B 117 6.26 -1.37 -28.52
C GLN B 117 5.46 -2.66 -28.65
N MET B 118 4.15 -2.57 -28.95
CA MET B 118 3.38 -3.81 -29.14
C MET B 118 3.87 -4.56 -30.38
N SER B 119 4.21 -3.85 -31.45
CA SER B 119 4.77 -4.48 -32.65
C SER B 119 6.09 -5.18 -32.33
N ARG B 120 6.98 -4.49 -31.59
CA ARG B 120 8.27 -5.08 -31.22
C ARG B 120 8.09 -6.35 -30.40
N ILE B 121 7.20 -6.31 -29.40
CA ILE B 121 7.02 -7.47 -28.52
C ILE B 121 6.58 -8.68 -29.34
N TYR B 122 5.59 -8.49 -30.23
CA TYR B 122 5.08 -9.62 -31.00
C TYR B 122 6.15 -10.17 -31.94
N SER B 123 6.83 -9.30 -32.67
CA SER B 123 7.69 -9.78 -33.75
C SER B 123 9.10 -10.17 -33.27
N THR B 124 9.47 -9.88 -32.01
CA THR B 124 10.75 -10.34 -31.46
C THR B 124 10.63 -11.42 -30.39
N ALA B 125 9.41 -11.86 -30.06
CA ALA B 125 9.24 -12.89 -29.05
C ALA B 125 9.86 -14.20 -29.54
N LYS B 126 10.46 -14.94 -28.61
CA LYS B 126 11.09 -16.22 -28.93
C LYS B 126 10.75 -17.24 -27.85
N VAL B 127 10.91 -18.50 -28.19
CA VAL B 127 10.71 -19.62 -27.27
C VAL B 127 12.05 -20.31 -27.08
N CYS B 128 12.59 -20.25 -25.86
CA CYS B 128 13.90 -20.80 -25.58
C CYS B 128 13.78 -22.15 -24.88
N LEU B 129 14.76 -23.00 -25.11
CA LEU B 129 14.76 -24.36 -24.61
C LEU B 129 15.54 -24.46 -23.31
N PRO B 130 15.38 -25.58 -22.57
CA PRO B 130 16.21 -25.86 -21.39
C PRO B 130 17.59 -26.41 -21.76
N THR B 135 19.57 -22.55 -28.47
CA THR B 135 19.16 -21.56 -29.47
C THR B 135 17.64 -21.40 -29.49
N CYS B 136 17.19 -20.16 -29.39
CA CYS B 136 15.77 -19.86 -29.22
C CYS B 136 15.01 -19.86 -30.55
N TRP B 137 13.78 -20.35 -30.51
CA TRP B 137 12.94 -20.52 -31.69
C TRP B 137 12.08 -19.28 -31.94
N SER B 138 12.03 -18.86 -33.20
CA SER B 138 11.15 -17.78 -33.64
C SER B 138 9.83 -18.37 -34.09
N LEU B 139 8.78 -17.53 -34.16
CA LEU B 139 7.50 -17.98 -34.69
C LEU B 139 7.64 -18.43 -36.14
N ASP B 140 8.32 -17.63 -36.95
CA ASP B 140 8.52 -17.92 -38.38
C ASP B 140 10.01 -18.00 -38.64
N PRO B 141 10.59 -19.17 -39.03
CA PRO B 141 9.97 -20.43 -39.42
C PRO B 141 9.76 -21.50 -38.35
N ASP B 142 10.41 -21.39 -37.19
CA ASP B 142 10.61 -22.56 -36.34
C ASP B 142 9.28 -23.08 -35.78
N LEU B 143 8.53 -22.22 -35.07
CA LEU B 143 7.31 -22.70 -34.44
C LEU B 143 6.23 -23.00 -35.48
N THR B 144 6.15 -22.20 -36.55
CA THR B 144 5.21 -22.49 -37.64
C THR B 144 5.45 -23.91 -38.20
N ASN B 145 6.71 -24.27 -38.40
CA ASN B 145 7.00 -25.59 -38.98
C ASN B 145 6.66 -26.71 -38.00
N ILE B 146 6.88 -26.49 -36.70
CA ILE B 146 6.52 -27.50 -35.69
C ILE B 146 5.00 -27.74 -35.71
N LEU B 147 4.22 -26.66 -35.61
CA LEU B 147 2.76 -26.81 -35.59
C LEU B 147 2.23 -27.47 -36.86
N ALA B 148 2.88 -27.24 -38.00
CA ALA B 148 2.43 -27.81 -39.27
C ALA B 148 2.76 -29.29 -39.41
N SER B 149 3.90 -29.74 -38.88
CA SER B 149 4.45 -31.04 -39.26
C SER B 149 4.67 -32.01 -38.11
N SER B 150 4.85 -31.55 -36.89
CA SER B 150 5.13 -32.47 -35.80
C SER B 150 3.87 -33.21 -35.40
N ARG B 151 4.01 -34.52 -35.16
CA ARG B 151 2.93 -35.33 -34.61
C ARG B 151 3.29 -35.83 -33.21
N SER B 152 4.19 -35.11 -32.53
CA SER B 152 4.53 -35.38 -31.14
C SER B 152 3.69 -34.46 -30.24
N TYR B 153 2.81 -35.06 -29.45
CA TYR B 153 1.93 -34.26 -28.59
C TYR B 153 2.72 -33.29 -27.72
N ALA B 154 3.82 -33.76 -27.10
CA ALA B 154 4.55 -32.91 -26.16
C ALA B 154 5.34 -31.80 -26.86
N MET B 155 5.87 -32.06 -28.06
N MET B 155 5.89 -32.06 -28.05
CA MET B 155 6.57 -31.01 -28.80
CA MET B 155 6.57 -31.01 -28.80
C MET B 155 5.61 -29.92 -29.26
C MET B 155 5.59 -29.93 -29.24
N LEU B 156 4.43 -30.32 -29.74
CA LEU B 156 3.39 -29.36 -30.08
C LEU B 156 3.01 -28.51 -28.88
N LEU B 157 2.88 -29.15 -27.71
CA LEU B 157 2.48 -28.41 -26.50
C LEU B 157 3.55 -27.41 -26.10
N PHE B 158 4.82 -27.83 -26.14
CA PHE B 158 5.90 -26.91 -25.82
C PHE B 158 5.86 -25.67 -26.70
N ALA B 159 5.63 -25.86 -28.02
CA ALA B 159 5.57 -24.72 -28.95
C ALA B 159 4.34 -23.84 -28.69
N TRP B 160 3.17 -24.45 -28.49
CA TRP B 160 1.94 -23.66 -28.28
C TRP B 160 2.00 -22.87 -26.99
N GLU B 161 2.35 -23.54 -25.89
CA GLU B 161 2.43 -22.87 -24.58
C GLU B 161 3.52 -21.82 -24.56
N GLY B 162 4.69 -22.15 -25.12
CA GLY B 162 5.79 -21.20 -25.13
C GLY B 162 5.44 -19.93 -25.88
N TRP B 163 4.80 -20.06 -27.06
CA TRP B 163 4.48 -18.88 -27.86
C TRP B 163 3.43 -18.02 -27.16
N HIS B 164 2.33 -18.64 -26.69
CA HIS B 164 1.26 -17.85 -26.08
C HIS B 164 1.74 -17.14 -24.82
N ASN B 165 2.60 -17.79 -24.02
CA ASN B 165 3.15 -17.12 -22.84
C ASN B 165 4.12 -15.99 -23.22
N ALA B 166 5.02 -16.23 -24.19
CA ALA B 166 6.05 -15.25 -24.52
C ALA B 166 5.47 -13.99 -25.15
N ALA B 167 4.52 -14.14 -26.08
CA ALA B 167 3.97 -12.96 -26.75
C ALA B 167 2.83 -12.31 -25.95
N GLY B 168 1.95 -13.11 -25.37
CA GLY B 168 0.72 -12.57 -24.80
C GLY B 168 0.93 -11.85 -23.47
N ILE B 169 1.64 -12.48 -22.53
CA ILE B 169 1.73 -11.93 -21.17
C ILE B 169 2.25 -10.49 -21.16
N PRO B 170 3.38 -10.16 -21.80
CA PRO B 170 3.87 -8.78 -21.71
C PRO B 170 3.03 -7.77 -22.49
N LEU B 171 2.18 -8.21 -23.42
CA LEU B 171 1.37 -7.26 -24.17
C LEU B 171 0.20 -6.68 -23.38
N LYS B 172 -0.30 -7.39 -22.36
CA LYS B 172 -1.59 -7.02 -21.77
C LYS B 172 -1.62 -5.60 -21.21
N PRO B 173 -0.64 -5.13 -20.42
CA PRO B 173 -0.75 -3.74 -19.92
C PRO B 173 -0.74 -2.71 -21.04
N LEU B 174 0.04 -2.93 -22.11
CA LEU B 174 0.06 -2.00 -23.23
C LEU B 174 -1.28 -1.99 -23.97
N TYR B 175 -1.92 -3.16 -24.10
CA TYR B 175 -3.16 -3.23 -24.87
C TYR B 175 -4.31 -2.54 -24.13
N GLU B 176 -4.33 -2.62 -22.79
N GLU B 176 -4.33 -2.63 -22.79
CA GLU B 176 -5.29 -1.86 -22.01
CA GLU B 176 -5.28 -1.86 -21.99
C GLU B 176 -5.14 -0.37 -22.27
C GLU B 176 -5.14 -0.37 -22.27
N ASP B 177 -3.91 0.13 -22.26
CA ASP B 177 -3.69 1.56 -22.46
C ASP B 177 -4.07 1.99 -23.87
N PHE B 178 -3.77 1.15 -24.88
CA PHE B 178 -4.11 1.46 -26.26
C PHE B 178 -5.62 1.58 -26.44
N THR B 179 -6.37 0.61 -25.91
CA THR B 179 -7.82 0.59 -26.05
C THR B 179 -8.43 1.89 -25.54
N ALA B 180 -7.97 2.36 -24.39
CA ALA B 180 -8.54 3.57 -23.80
C ALA B 180 -8.23 4.80 -24.65
N LEU B 181 -6.98 4.95 -25.11
CA LEU B 181 -6.62 6.10 -25.93
C LEU B 181 -7.32 6.07 -27.30
N SER B 182 -7.43 4.88 -27.90
CA SER B 182 -8.14 4.76 -29.17
C SER B 182 -9.59 5.20 -29.04
N ASN B 183 -10.30 4.71 -28.02
CA ASN B 183 -11.68 5.13 -27.79
C ASN B 183 -11.77 6.64 -27.53
N GLU B 184 -10.86 7.19 -26.73
CA GLU B 184 -10.88 8.63 -26.49
C GLU B 184 -10.77 9.40 -27.81
N ALA B 185 -9.95 8.91 -28.74
CA ALA B 185 -9.75 9.58 -30.02
C ALA B 185 -11.02 9.57 -30.86
N TYR B 186 -11.64 8.40 -31.06
CA TYR B 186 -12.77 8.30 -31.97
C TYR B 186 -14.07 8.80 -31.37
N LYS B 187 -14.17 8.88 -30.05
CA LYS B 187 -15.35 9.52 -29.45
C LYS B 187 -15.48 10.96 -29.91
N GLN B 188 -14.35 11.64 -30.14
N GLN B 188 -14.34 11.64 -30.14
CA GLN B 188 -14.39 13.03 -30.60
CA GLN B 188 -14.35 13.02 -30.60
C GLN B 188 -14.69 13.16 -32.08
C GLN B 188 -14.78 13.16 -32.05
N ASP B 189 -14.82 12.05 -32.81
CA ASP B 189 -15.36 12.08 -34.17
C ASP B 189 -16.84 11.72 -34.21
N GLY B 190 -17.47 11.49 -33.07
CA GLY B 190 -18.87 11.13 -33.01
C GLY B 190 -19.18 9.65 -32.82
N PHE B 191 -18.18 8.79 -32.68
CA PHE B 191 -18.42 7.35 -32.55
C PHE B 191 -18.42 6.93 -31.08
N THR B 192 -19.33 6.02 -30.73
CA THR B 192 -19.45 5.58 -29.34
C THR B 192 -18.21 4.82 -28.85
N ASP B 193 -17.52 4.10 -29.73
CA ASP B 193 -16.24 3.47 -29.42
C ASP B 193 -15.56 3.12 -30.74
N THR B 194 -14.29 2.69 -30.66
CA THR B 194 -13.51 2.43 -31.87
C THR B 194 -14.15 1.36 -32.75
N GLY B 195 -14.79 0.36 -32.13
CA GLY B 195 -15.42 -0.70 -32.91
C GLY B 195 -16.54 -0.18 -33.80
N ALA B 196 -17.32 0.78 -33.30
CA ALA B 196 -18.36 1.38 -34.12
C ALA B 196 -17.77 2.08 -35.33
N TYR B 197 -16.58 2.69 -35.18
CA TYR B 197 -15.90 3.29 -36.33
C TYR B 197 -15.48 2.22 -37.34
N TRP B 198 -14.85 1.14 -36.87
CA TRP B 198 -14.44 0.08 -37.81
C TRP B 198 -15.63 -0.49 -38.58
N ARG B 199 -16.76 -0.73 -37.91
CA ARG B 199 -17.93 -1.28 -38.60
C ARG B 199 -18.54 -0.31 -39.60
N SER B 200 -18.37 1.01 -39.39
CA SER B 200 -18.97 1.98 -40.31
C SER B 200 -18.42 1.89 -41.72
N TRP B 201 -17.25 1.28 -41.92
CA TRP B 201 -16.70 1.13 -43.26
C TRP B 201 -17.60 0.32 -44.19
N TYR B 202 -18.51 -0.50 -43.65
CA TYR B 202 -19.34 -1.35 -44.51
C TYR B 202 -20.66 -0.68 -44.90
N ASN B 203 -20.90 0.54 -44.41
N ASN B 203 -20.92 0.54 -44.44
CA ASN B 203 -22.08 1.34 -44.72
CA ASN B 203 -22.08 1.32 -44.88
C ASN B 203 -23.32 0.47 -44.84
C ASN B 203 -23.36 0.47 -44.87
N SER B 204 -23.59 -0.22 -43.75
CA SER B 204 -24.77 -1.07 -43.63
C SER B 204 -25.34 -0.95 -42.22
N PRO B 205 -26.58 -0.47 -42.04
CA PRO B 205 -27.13 -0.39 -40.68
C PRO B 205 -27.41 -1.75 -40.05
N THR B 206 -27.45 -2.84 -40.84
CA THR B 206 -27.74 -4.18 -40.31
C THR B 206 -26.54 -5.11 -40.39
N PHE B 207 -25.32 -4.56 -40.38
CA PHE B 207 -24.09 -5.35 -40.56
C PHE B 207 -24.06 -6.54 -39.60
N GLU B 208 -24.18 -6.29 -38.30
CA GLU B 208 -23.99 -7.36 -37.32
C GLU B 208 -25.06 -8.43 -37.42
N ASP B 209 -26.33 -8.03 -37.66
CA ASP B 209 -27.39 -9.02 -37.87
C ASP B 209 -27.18 -9.83 -39.15
N ASP B 210 -26.74 -9.16 -40.23
CA ASP B 210 -26.50 -9.86 -41.49
C ASP B 210 -25.38 -10.89 -41.33
N LEU B 211 -24.31 -10.53 -40.59
CA LEU B 211 -23.23 -11.48 -40.33
C LEU B 211 -23.74 -12.68 -39.54
N GLU B 212 -24.54 -12.44 -38.49
CA GLU B 212 -25.05 -13.53 -37.67
C GLU B 212 -25.90 -14.49 -38.51
N HIS B 213 -26.68 -13.97 -39.46
CA HIS B 213 -27.51 -14.82 -40.31
C HIS B 213 -26.68 -15.64 -41.29
N LEU B 214 -25.62 -15.05 -41.85
CA LEU B 214 -24.69 -15.83 -42.67
C LEU B 214 -24.10 -16.98 -41.86
N TYR B 215 -23.64 -16.69 -40.62
CA TYR B 215 -22.99 -17.75 -39.86
C TYR B 215 -23.97 -18.88 -39.52
N GLN B 216 -25.25 -18.56 -39.26
CA GLN B 216 -26.23 -19.62 -39.01
C GLN B 216 -26.31 -20.61 -40.18
N GLN B 217 -26.19 -20.12 -41.42
CA GLN B 217 -26.21 -20.99 -42.59
C GLN B 217 -24.96 -21.85 -42.71
N LEU B 218 -23.84 -21.37 -42.22
CA LEU B 218 -22.56 -22.04 -42.41
C LEU B 218 -22.21 -23.00 -41.27
N GLU B 219 -22.78 -22.78 -40.08
CA GLU B 219 -22.37 -23.55 -38.91
C GLU B 219 -22.52 -25.05 -39.07
N PRO B 220 -23.59 -25.59 -39.66
CA PRO B 220 -23.67 -27.05 -39.83
C PRO B 220 -22.51 -27.65 -40.62
N LEU B 221 -21.99 -26.93 -41.60
CA LEU B 221 -20.83 -27.43 -42.35
C LEU B 221 -19.61 -27.55 -41.45
N TYR B 222 -19.37 -26.52 -40.62
CA TYR B 222 -18.27 -26.57 -39.64
C TYR B 222 -18.46 -27.71 -38.62
N LEU B 223 -19.68 -27.87 -38.08
CA LEU B 223 -19.87 -28.91 -37.05
C LEU B 223 -19.55 -30.29 -37.60
N ASN B 224 -19.93 -30.56 -38.85
CA ASN B 224 -19.67 -31.88 -39.46
C ASN B 224 -18.20 -32.07 -39.81
N LEU B 225 -17.53 -31.02 -40.31
CA LEU B 225 -16.08 -31.10 -40.53
C LEU B 225 -15.35 -31.36 -39.22
N HIS B 226 -15.74 -30.64 -38.16
CA HIS B 226 -15.14 -30.76 -36.84
C HIS B 226 -15.25 -32.19 -36.29
N ALA B 227 -16.45 -32.77 -36.38
CA ALA B 227 -16.62 -34.12 -35.82
C ALA B 227 -15.79 -35.16 -36.58
N PHE B 228 -15.69 -35.02 -37.90
CA PHE B 228 -14.92 -35.97 -38.71
C PHE B 228 -13.43 -35.86 -38.38
N VAL B 229 -12.91 -34.64 -38.30
CA VAL B 229 -11.51 -34.43 -37.95
C VAL B 229 -11.22 -34.91 -36.53
N ARG B 230 -12.13 -34.64 -35.58
CA ARG B 230 -11.91 -35.11 -34.22
C ARG B 230 -11.75 -36.63 -34.18
N ARG B 231 -12.57 -37.33 -34.95
CA ARG B 231 -12.46 -38.78 -35.06
C ARG B 231 -11.09 -39.18 -35.63
N ALA B 232 -10.65 -38.50 -36.68
CA ALA B 232 -9.36 -38.80 -37.28
C ALA B 232 -8.22 -38.63 -36.27
N LEU B 233 -8.29 -37.56 -35.48
CA LEU B 233 -7.29 -37.34 -34.44
C LEU B 233 -7.35 -38.40 -33.35
N HIS B 234 -8.55 -38.85 -32.98
CA HIS B 234 -8.69 -39.87 -31.93
C HIS B 234 -7.98 -41.16 -32.34
N ARG B 235 -8.05 -41.51 -33.62
CA ARG B 235 -7.41 -42.72 -34.13
C ARG B 235 -5.88 -42.65 -34.05
N ARG B 236 -5.30 -41.46 -33.88
CA ARG B 236 -3.85 -41.30 -33.82
C ARG B 236 -3.33 -40.97 -32.44
N TYR B 237 -3.98 -40.05 -31.72
CA TYR B 237 -3.55 -39.67 -30.39
C TYR B 237 -4.19 -40.51 -29.28
N GLY B 238 -5.35 -41.11 -29.52
CA GLY B 238 -5.92 -42.01 -28.54
C GLY B 238 -6.82 -41.33 -27.53
N ASP B 239 -7.45 -42.15 -26.70
CA ASP B 239 -8.47 -41.69 -25.77
C ASP B 239 -7.91 -40.77 -24.67
N ARG B 240 -6.60 -40.81 -24.41
CA ARG B 240 -6.01 -39.96 -23.38
C ARG B 240 -6.06 -38.47 -23.76
N TYR B 241 -5.90 -38.17 -25.05
CA TYR B 241 -5.77 -36.80 -25.50
C TYR B 241 -6.91 -36.30 -26.39
N ILE B 242 -7.83 -37.17 -26.80
CA ILE B 242 -8.99 -36.78 -27.61
C ILE B 242 -10.26 -37.30 -26.94
N ASN B 243 -11.20 -36.39 -26.65
CA ASN B 243 -12.52 -36.71 -26.12
C ASN B 243 -13.52 -36.57 -27.25
N LEU B 244 -14.13 -37.68 -27.68
CA LEU B 244 -15.03 -37.68 -28.83
C LEU B 244 -16.33 -36.92 -28.57
N ARG B 245 -16.57 -36.43 -27.35
CA ARG B 245 -17.72 -35.57 -27.06
C ARG B 245 -17.30 -34.23 -26.46
N GLY B 246 -16.02 -33.86 -26.57
CA GLY B 246 -15.53 -32.62 -26.04
C GLY B 246 -14.74 -31.80 -27.05
N PRO B 247 -14.27 -30.61 -26.64
CA PRO B 247 -13.51 -29.77 -27.57
C PRO B 247 -12.15 -30.39 -27.92
N ILE B 248 -11.65 -30.04 -29.10
CA ILE B 248 -10.35 -30.53 -29.57
C ILE B 248 -9.24 -29.68 -28.93
N PRO B 249 -8.17 -30.29 -28.40
CA PRO B 249 -7.04 -29.45 -27.92
C PRO B 249 -6.50 -28.54 -29.02
N ALA B 250 -6.29 -27.26 -28.67
CA ALA B 250 -6.08 -26.19 -29.63
C ALA B 250 -4.73 -26.24 -30.38
N HIS B 251 -3.83 -27.17 -30.05
CA HIS B 251 -2.50 -27.24 -30.66
C HIS B 251 -2.35 -28.37 -31.68
N LEU B 252 -3.43 -29.11 -31.99
CA LEU B 252 -3.31 -30.34 -32.78
C LEU B 252 -3.81 -30.20 -34.21
N LEU B 253 -4.14 -28.99 -34.67
CA LEU B 253 -4.87 -28.82 -35.92
C LEU B 253 -4.01 -28.22 -37.03
N GLY B 254 -2.68 -28.15 -36.84
CA GLY B 254 -1.77 -27.80 -37.92
C GLY B 254 -1.28 -26.37 -37.92
N ASP B 255 -1.73 -25.54 -36.97
CA ASP B 255 -1.65 -24.10 -37.05
C ASP B 255 -1.67 -23.55 -35.63
N MET B 256 -0.85 -22.53 -35.35
CA MET B 256 -0.75 -22.00 -33.98
C MET B 256 -2.08 -21.51 -33.41
N TRP B 257 -3.00 -21.03 -34.26
CA TRP B 257 -4.29 -20.49 -33.86
C TRP B 257 -5.44 -21.43 -34.19
N ALA B 258 -5.12 -22.63 -34.68
CA ALA B 258 -6.14 -23.58 -35.15
C ALA B 258 -7.09 -22.95 -36.19
N GLN B 259 -6.59 -21.98 -36.95
CA GLN B 259 -7.48 -21.19 -37.79
C GLN B 259 -7.69 -21.79 -39.16
N SER B 260 -6.77 -22.62 -39.61
CA SER B 260 -7.02 -23.46 -40.76
C SER B 260 -6.26 -24.75 -40.56
N TRP B 261 -6.77 -25.82 -41.16
CA TRP B 261 -6.36 -27.18 -40.81
C TRP B 261 -5.70 -27.93 -41.97
N GLU B 262 -5.31 -27.23 -43.05
CA GLU B 262 -4.78 -27.93 -44.23
C GLU B 262 -3.50 -28.69 -43.95
N ASN B 263 -2.75 -28.32 -42.91
CA ASN B 263 -1.51 -29.02 -42.63
C ASN B 263 -1.70 -30.38 -41.95
N ILE B 264 -2.92 -30.76 -41.55
CA ILE B 264 -3.17 -32.12 -41.08
C ILE B 264 -3.96 -32.93 -42.11
N TYR B 265 -3.98 -32.47 -43.38
CA TYR B 265 -4.65 -33.22 -44.45
C TYR B 265 -4.21 -34.68 -44.49
N ASP B 266 -2.91 -34.95 -44.25
CA ASP B 266 -2.45 -36.33 -44.41
C ASP B 266 -3.06 -37.24 -43.36
N MET B 267 -3.58 -36.69 -42.26
CA MET B 267 -4.24 -37.53 -41.27
C MET B 267 -5.73 -37.68 -41.51
N VAL B 268 -6.33 -36.88 -42.39
CA VAL B 268 -7.78 -36.92 -42.58
C VAL B 268 -8.18 -37.36 -43.99
N VAL B 269 -7.25 -37.43 -44.95
CA VAL B 269 -7.58 -37.72 -46.36
C VAL B 269 -8.40 -38.99 -46.46
N PRO B 270 -9.61 -38.93 -47.02
CA PRO B 270 -10.47 -40.12 -47.05
C PRO B 270 -9.98 -41.26 -47.93
N PHE B 271 -9.36 -40.97 -49.09
CA PHE B 271 -9.02 -41.98 -50.08
C PHE B 271 -7.55 -41.86 -50.45
N PRO B 272 -6.65 -42.36 -49.59
CA PRO B 272 -5.20 -42.13 -49.78
C PRO B 272 -4.61 -42.78 -51.04
N ASP B 273 -5.33 -43.68 -51.72
CA ASP B 273 -4.84 -44.32 -52.94
C ASP B 273 -4.90 -43.43 -54.18
N LYS B 274 -5.50 -42.25 -54.07
CA LYS B 274 -5.63 -41.30 -55.16
C LYS B 274 -4.42 -40.37 -55.20
N PRO B 275 -4.31 -39.48 -56.20
CA PRO B 275 -3.13 -38.61 -56.26
C PRO B 275 -3.01 -37.76 -55.00
N ASN B 276 -1.76 -37.53 -54.58
CA ASN B 276 -1.46 -36.74 -53.39
C ASN B 276 -1.61 -35.25 -53.71
N LEU B 277 -2.62 -34.60 -53.11
CA LEU B 277 -2.94 -33.22 -53.45
C LEU B 277 -2.08 -32.20 -52.71
N ASP B 278 -1.26 -32.62 -51.76
CA ASP B 278 -0.29 -31.73 -51.15
C ASP B 278 1.01 -31.83 -51.96
N VAL B 279 1.30 -30.80 -52.74
CA VAL B 279 2.41 -30.84 -53.69
C VAL B 279 3.71 -30.30 -53.10
N THR B 280 3.75 -30.07 -51.78
CA THR B 280 4.95 -29.48 -51.18
C THR B 280 6.18 -30.31 -51.50
N SER B 281 6.10 -31.64 -51.31
CA SER B 281 7.28 -32.46 -51.50
C SER B 281 7.76 -32.40 -52.94
N THR B 282 6.85 -32.23 -53.92
CA THR B 282 7.25 -32.07 -55.32
C THR B 282 7.92 -30.71 -55.56
N MET B 283 7.41 -29.63 -54.92
CA MET B 283 8.07 -28.34 -55.03
C MET B 283 9.51 -28.43 -54.53
N LEU B 284 9.72 -29.13 -53.41
CA LEU B 284 11.08 -29.27 -52.86
C LEU B 284 11.95 -30.14 -53.77
N GLN B 285 11.40 -31.24 -54.29
CA GLN B 285 12.17 -32.11 -55.19
C GLN B 285 12.61 -31.36 -56.45
N GLN B 286 11.75 -30.52 -57.01
CA GLN B 286 12.09 -29.74 -58.20
C GLN B 286 12.93 -28.50 -57.89
N GLY B 287 13.20 -28.20 -56.62
CA GLY B 287 14.05 -27.07 -56.31
C GLY B 287 13.42 -25.70 -56.42
N TRP B 288 12.11 -25.58 -56.20
CA TRP B 288 11.48 -24.27 -56.19
C TRP B 288 12.08 -23.40 -55.09
N GLN B 289 12.18 -22.10 -55.37
CA GLN B 289 12.58 -21.08 -54.38
C GLN B 289 11.55 -19.94 -54.40
N ALA B 290 11.72 -18.97 -53.49
CA ALA B 290 10.79 -17.85 -53.39
C ALA B 290 10.60 -17.14 -54.73
N THR B 291 11.69 -16.86 -55.46
CA THR B 291 11.52 -16.12 -56.72
C THR B 291 10.65 -16.88 -57.70
N HIS B 292 10.78 -18.21 -57.78
CA HIS B 292 9.93 -18.97 -58.70
C HIS B 292 8.48 -18.86 -58.30
N MET B 293 8.20 -18.90 -56.99
CA MET B 293 6.84 -18.82 -56.52
C MET B 293 6.20 -17.49 -56.92
N PHE B 294 6.93 -16.38 -56.74
CA PHE B 294 6.39 -15.07 -57.11
C PHE B 294 6.25 -14.91 -58.63
N ARG B 295 7.18 -15.45 -59.42
CA ARG B 295 7.05 -15.33 -60.88
C ARG B 295 5.89 -16.16 -61.42
N VAL B 296 5.65 -17.33 -60.85
CA VAL B 296 4.52 -18.17 -61.26
C VAL B 296 3.18 -17.51 -60.92
N ALA B 297 3.09 -16.85 -59.77
CA ALA B 297 1.88 -16.09 -59.43
C ALA B 297 1.67 -14.94 -60.39
N GLU B 298 2.74 -14.18 -60.66
CA GLU B 298 2.66 -13.08 -61.62
C GLU B 298 2.11 -13.54 -62.97
N GLU B 299 2.58 -14.70 -63.44
CA GLU B 299 2.18 -15.15 -64.79
C GLU B 299 0.71 -15.52 -64.85
N PHE B 300 0.11 -15.97 -63.73
CA PHE B 300 -1.35 -16.15 -63.70
C PHE B 300 -2.04 -14.79 -63.93
N PHE B 301 -1.59 -13.74 -63.24
CA PHE B 301 -2.19 -12.42 -63.43
C PHE B 301 -2.04 -11.95 -64.88
N THR B 302 -0.84 -12.08 -65.48
CA THR B 302 -0.67 -11.63 -66.86
C THR B 302 -1.44 -12.51 -67.84
N SER B 303 -1.70 -13.78 -67.48
CA SER B 303 -2.51 -14.64 -68.37
C SER B 303 -3.93 -14.08 -68.52
N LEU B 304 -4.40 -13.32 -67.54
CA LEU B 304 -5.71 -12.68 -67.57
C LEU B 304 -5.65 -11.28 -68.19
N GLU B 305 -4.49 -10.87 -68.69
CA GLU B 305 -4.25 -9.51 -69.17
C GLU B 305 -4.40 -8.47 -68.06
N LEU B 306 -4.07 -8.85 -66.83
CA LEU B 306 -3.84 -7.89 -65.79
C LEU B 306 -2.35 -7.56 -65.77
N SER B 307 -1.92 -6.69 -64.83
CA SER B 307 -0.60 -6.09 -64.96
C SER B 307 0.49 -6.96 -64.35
N PRO B 308 1.68 -6.98 -64.96
CA PRO B 308 2.85 -7.56 -64.29
C PRO B 308 3.31 -6.69 -63.11
N MET B 309 4.16 -7.28 -62.27
CA MET B 309 4.79 -6.52 -61.20
C MET B 309 5.85 -5.61 -61.80
N PRO B 310 5.91 -4.34 -61.41
CA PRO B 310 6.85 -3.39 -62.04
C PRO B 310 8.26 -3.58 -61.52
N PRO B 311 9.25 -2.99 -62.19
CA PRO B 311 10.63 -3.13 -61.70
C PRO B 311 10.82 -2.71 -60.27
N GLU B 312 10.16 -1.62 -59.85
CA GLU B 312 10.26 -1.15 -58.48
C GLU B 312 9.83 -2.22 -57.47
N PHE B 313 8.89 -3.08 -57.83
CA PHE B 313 8.48 -4.20 -56.97
C PHE B 313 9.62 -5.22 -56.80
N TRP B 314 10.26 -5.63 -57.91
CA TRP B 314 11.32 -6.62 -57.80
C TRP B 314 12.56 -6.06 -57.12
N GLU B 315 12.86 -4.79 -57.34
CA GLU B 315 14.06 -4.21 -56.73
C GLU B 315 13.87 -3.92 -55.24
N GLY B 316 12.65 -3.60 -54.80
CA GLY B 316 12.44 -3.17 -53.42
C GLY B 316 11.87 -4.18 -52.44
N SER B 317 11.24 -5.25 -52.94
CA SER B 317 10.55 -6.20 -52.04
C SER B 317 11.54 -7.05 -51.24
N MET B 318 11.06 -7.57 -50.10
CA MET B 318 11.79 -8.52 -49.26
C MET B 318 11.05 -9.85 -49.36
N LEU B 319 11.60 -10.80 -50.12
CA LEU B 319 10.88 -12.05 -50.42
C LEU B 319 11.41 -13.26 -49.65
N GLU B 320 12.49 -13.10 -48.87
CA GLU B 320 13.01 -14.11 -47.97
C GLU B 320 13.43 -13.46 -46.65
N LYS B 321 13.41 -14.23 -45.57
CA LYS B 321 13.90 -13.74 -44.27
C LYS B 321 15.39 -13.42 -44.36
N PRO B 322 15.82 -12.23 -43.91
CA PRO B 322 17.25 -11.89 -44.00
C PRO B 322 18.10 -12.88 -43.21
N ALA B 323 19.24 -13.23 -43.79
CA ALA B 323 20.19 -14.15 -43.18
C ALA B 323 21.23 -13.45 -42.31
N ASP B 324 21.22 -12.11 -42.27
CA ASP B 324 22.13 -11.38 -41.39
C ASP B 324 21.65 -11.32 -39.93
N GLY B 325 20.58 -12.03 -39.58
CA GLY B 325 20.09 -12.02 -38.22
C GLY B 325 19.31 -10.78 -37.80
N ARG B 326 19.19 -9.77 -38.68
CA ARG B 326 18.27 -8.66 -38.45
C ARG B 326 16.98 -9.16 -37.83
N GLU B 327 16.42 -8.40 -36.90
CA GLU B 327 15.05 -8.63 -36.46
C GLU B 327 14.10 -7.95 -37.45
N VAL B 328 13.10 -8.69 -37.92
CA VAL B 328 12.11 -8.18 -38.89
C VAL B 328 10.72 -8.64 -38.47
N VAL B 329 9.71 -7.95 -38.99
CA VAL B 329 8.33 -8.44 -38.95
C VAL B 329 8.17 -9.43 -40.09
N CYS B 330 8.10 -10.73 -39.77
CA CYS B 330 7.99 -11.73 -40.83
C CYS B 330 6.56 -11.89 -41.34
N HIS B 331 5.56 -11.51 -40.56
CA HIS B 331 4.17 -11.71 -41.00
C HIS B 331 3.95 -11.05 -42.37
N ALA B 332 3.53 -11.85 -43.36
CA ALA B 332 3.47 -11.39 -44.75
C ALA B 332 2.56 -10.19 -44.94
N SER B 333 3.01 -9.22 -45.75
CA SER B 333 2.18 -8.02 -45.99
C SER B 333 2.52 -7.36 -47.32
N ALA B 334 1.53 -6.62 -47.84
CA ALA B 334 1.60 -5.85 -49.07
C ALA B 334 1.57 -4.35 -48.76
N TRP B 335 2.29 -3.58 -49.59
CA TRP B 335 2.64 -2.18 -49.29
C TRP B 335 2.39 -1.27 -50.50
N ASP B 336 1.50 -0.29 -50.33
CA ASP B 336 1.31 0.82 -51.27
C ASP B 336 1.98 2.07 -50.69
N PHE B 337 2.93 2.67 -51.43
CA PHE B 337 3.67 3.83 -50.93
C PHE B 337 3.01 5.16 -51.29
N TYR B 338 1.86 5.12 -51.99
CA TYR B 338 1.05 6.29 -52.31
C TYR B 338 1.79 7.30 -53.18
N ASN B 339 2.78 6.85 -53.94
CA ASN B 339 3.44 7.71 -54.92
C ASN B 339 3.24 7.21 -56.35
N ARG B 340 2.36 6.23 -56.57
CA ARG B 340 2.04 5.68 -57.90
C ARG B 340 3.21 4.95 -58.55
N LYS B 341 4.28 4.70 -57.82
CA LYS B 341 5.49 4.07 -58.36
C LYS B 341 6.01 2.90 -57.53
N ASP B 342 6.09 3.05 -56.21
CA ASP B 342 6.64 2.03 -55.34
C ASP B 342 5.53 1.17 -54.75
N PHE B 343 5.67 -0.15 -54.92
CA PHE B 343 4.74 -1.16 -54.43
C PHE B 343 5.57 -2.39 -54.07
N ARG B 344 5.35 -3.00 -52.89
CA ARG B 344 6.23 -4.03 -52.37
C ARG B 344 5.50 -5.08 -51.54
N ILE B 345 6.05 -6.30 -51.52
CA ILE B 345 5.67 -7.34 -50.55
C ILE B 345 6.85 -7.58 -49.63
N LYS B 346 6.55 -7.82 -48.35
CA LYS B 346 7.51 -8.20 -47.31
C LYS B 346 7.04 -9.55 -46.75
N GLN B 347 7.71 -10.64 -47.14
CA GLN B 347 7.30 -11.99 -46.73
C GLN B 347 8.54 -12.85 -46.47
N CYS B 348 8.54 -13.55 -45.33
CA CYS B 348 9.61 -14.52 -45.03
C CYS B 348 9.25 -15.87 -45.67
N THR B 349 9.27 -15.88 -47.01
CA THR B 349 8.71 -16.98 -47.80
C THR B 349 9.39 -18.31 -47.51
N ARG B 350 8.58 -19.36 -47.34
CA ARG B 350 9.04 -20.75 -47.26
C ARG B 350 8.47 -21.54 -48.44
N VAL B 351 9.16 -22.62 -48.82
CA VAL B 351 8.76 -23.40 -50.01
C VAL B 351 7.77 -24.46 -49.58
N THR B 352 6.48 -24.11 -49.64
CA THR B 352 5.38 -25.02 -49.33
C THR B 352 4.16 -24.63 -50.17
N MET B 353 3.20 -25.56 -50.26
CA MET B 353 1.98 -25.28 -51.00
C MET B 353 1.16 -24.17 -50.34
N ASP B 354 1.03 -24.18 -49.02
CA ASP B 354 0.19 -23.14 -48.44
C ASP B 354 0.88 -21.78 -48.53
N GLN B 355 2.23 -21.74 -48.60
CA GLN B 355 2.92 -20.47 -48.85
C GLN B 355 2.70 -19.98 -50.27
N LEU B 356 2.58 -20.90 -51.25
CA LEU B 356 2.22 -20.48 -52.60
C LEU B 356 0.86 -19.78 -52.63
N SER B 357 -0.09 -20.26 -51.83
CA SER B 357 -1.36 -19.55 -51.71
C SER B 357 -1.20 -18.17 -51.08
N THR B 358 -0.37 -18.06 -50.03
CA THR B 358 -0.12 -16.77 -49.40
C THR B 358 0.53 -15.78 -50.39
N VAL B 359 1.45 -16.27 -51.24
CA VAL B 359 2.02 -15.39 -52.27
C VAL B 359 0.91 -14.82 -53.16
N HIS B 360 -0.05 -15.67 -53.56
CA HIS B 360 -1.17 -15.20 -54.38
C HIS B 360 -2.04 -14.20 -53.60
N HIS B 361 -2.29 -14.48 -52.33
CA HIS B 361 -3.04 -13.55 -51.49
C HIS B 361 -2.41 -12.16 -51.49
N GLU B 362 -1.10 -12.09 -51.22
CA GLU B 362 -0.41 -10.80 -51.16
C GLU B 362 -0.34 -10.11 -52.52
N MET B 363 -0.06 -10.87 -53.60
CA MET B 363 0.00 -10.24 -54.92
C MET B 363 -1.37 -9.73 -55.37
N GLY B 364 -2.45 -10.33 -54.88
CA GLY B 364 -3.77 -9.76 -55.14
C GLY B 364 -3.91 -8.33 -54.60
N HIS B 365 -3.37 -8.07 -53.40
CA HIS B 365 -3.35 -6.70 -52.86
C HIS B 365 -2.57 -5.75 -53.79
N ILE B 366 -1.38 -6.19 -54.24
CA ILE B 366 -0.57 -5.35 -55.14
C ILE B 366 -1.35 -5.03 -56.41
N GLN B 367 -2.00 -6.04 -57.00
CA GLN B 367 -2.73 -5.81 -58.25
C GLN B 367 -3.83 -4.77 -58.06
N TYR B 368 -4.54 -4.82 -56.93
CA TYR B 368 -5.49 -3.76 -56.62
C TYR B 368 -4.81 -2.39 -56.64
N TYR B 369 -3.66 -2.27 -55.95
CA TYR B 369 -2.95 -0.99 -55.90
C TYR B 369 -2.57 -0.51 -57.30
N LEU B 370 -2.09 -1.41 -58.15
CA LEU B 370 -1.69 -1.03 -59.51
C LEU B 370 -2.90 -0.54 -60.30
N GLN B 371 -4.06 -1.13 -60.10
CA GLN B 371 -5.21 -0.77 -60.93
C GLN B 371 -5.86 0.56 -60.53
N TYR B 372 -5.79 0.97 -59.26
CA TYR B 372 -6.40 2.23 -58.86
C TYR B 372 -5.39 3.32 -58.55
N LYS B 373 -4.14 3.17 -58.99
CA LYS B 373 -3.08 4.09 -58.57
C LYS B 373 -3.29 5.52 -59.05
N ASP B 374 -4.06 5.73 -60.11
CA ASP B 374 -4.26 7.08 -60.64
C ASP B 374 -5.55 7.74 -60.17
N LEU B 375 -6.30 7.10 -59.27
CA LEU B 375 -7.42 7.78 -58.63
C LEU B 375 -6.92 8.74 -57.55
N PRO B 376 -7.77 9.67 -57.12
CA PRO B 376 -7.41 10.50 -55.95
C PRO B 376 -7.10 9.64 -54.74
N VAL B 377 -6.15 10.11 -53.94
CA VAL B 377 -5.54 9.29 -52.90
C VAL B 377 -6.61 8.74 -51.94
N SER B 378 -7.63 9.57 -51.62
CA SER B 378 -8.66 9.12 -50.67
C SER B 378 -9.46 7.93 -51.19
N LEU B 379 -9.46 7.69 -52.50
CA LEU B 379 -10.23 6.61 -53.09
C LEU B 379 -9.38 5.38 -53.44
N ARG B 380 -8.11 5.37 -53.03
CA ARG B 380 -7.21 4.23 -53.28
C ARG B 380 -7.38 3.21 -52.14
N ARG B 381 -8.57 2.61 -52.12
CA ARG B 381 -8.91 1.55 -51.20
C ARG B 381 -9.85 0.57 -51.91
N GLY B 382 -10.09 -0.58 -51.27
CA GLY B 382 -11.06 -1.52 -51.82
C GLY B 382 -12.48 -1.01 -51.65
N ALA B 383 -13.40 -1.53 -52.46
CA ALA B 383 -14.78 -1.08 -52.35
C ALA B 383 -15.30 -1.24 -50.92
N ASN B 384 -14.95 -2.35 -50.26
CA ASN B 384 -14.85 -2.43 -48.80
C ASN B 384 -13.66 -3.32 -48.44
N PRO B 385 -13.24 -3.39 -47.17
CA PRO B 385 -12.01 -4.13 -46.86
C PRO B 385 -12.07 -5.60 -47.24
N GLY B 386 -13.27 -6.18 -47.25
CA GLY B 386 -13.41 -7.58 -47.69
C GLY B 386 -13.06 -7.80 -49.15
N PHE B 387 -13.36 -6.82 -50.02
CA PHE B 387 -12.97 -6.93 -51.43
C PHE B 387 -11.45 -7.10 -51.56
N HIS B 388 -10.69 -6.27 -50.81
CA HIS B 388 -9.22 -6.32 -50.91
C HIS B 388 -8.72 -7.70 -50.52
N GLU B 389 -9.31 -8.31 -49.51
CA GLU B 389 -8.86 -9.63 -49.08
C GLU B 389 -9.22 -10.74 -50.06
N ALA B 390 -10.22 -10.55 -50.91
CA ALA B 390 -10.73 -11.64 -51.74
C ALA B 390 -9.99 -11.81 -53.06
N ILE B 391 -9.29 -10.79 -53.55
CA ILE B 391 -8.77 -10.81 -54.93
C ILE B 391 -7.79 -11.98 -55.13
N GLY B 392 -6.74 -12.04 -54.30
CA GLY B 392 -5.74 -13.07 -54.50
C GLY B 392 -6.26 -14.47 -54.21
N ASP B 393 -7.15 -14.59 -53.23
CA ASP B 393 -7.74 -15.90 -52.90
C ASP B 393 -8.54 -16.44 -54.08
N VAL B 394 -9.21 -15.56 -54.84
CA VAL B 394 -10.00 -16.03 -55.98
C VAL B 394 -9.11 -16.71 -57.02
N LEU B 395 -7.97 -16.09 -57.37
CA LEU B 395 -7.04 -16.75 -58.30
C LEU B 395 -6.50 -18.06 -57.71
N ALA B 396 -6.19 -18.06 -56.42
CA ALA B 396 -5.65 -19.26 -55.79
C ALA B 396 -6.65 -20.42 -55.78
N LEU B 397 -7.95 -20.13 -55.85
CA LEU B 397 -8.92 -21.22 -56.01
C LEU B 397 -8.70 -21.95 -57.34
N SER B 398 -8.41 -21.21 -58.41
CA SER B 398 -8.11 -21.85 -59.71
C SER B 398 -6.78 -22.59 -59.66
N VAL B 399 -5.74 -21.98 -59.06
CA VAL B 399 -4.41 -22.58 -59.04
C VAL B 399 -4.42 -23.92 -58.29
N SER B 400 -5.26 -24.06 -57.27
N SER B 400 -5.27 -24.05 -57.26
CA SER B 400 -5.23 -25.26 -56.43
CA SER B 400 -5.30 -25.24 -56.40
C SER B 400 -5.94 -26.45 -57.07
C SER B 400 -5.91 -26.45 -57.09
N THR B 401 -6.66 -26.28 -58.17
CA THR B 401 -7.34 -27.42 -58.78
C THR B 401 -6.33 -28.45 -59.26
N PRO B 402 -6.62 -29.75 -59.13
CA PRO B 402 -5.70 -30.78 -59.66
C PRO B 402 -5.37 -30.57 -61.12
N GLU B 403 -6.33 -30.09 -61.91
CA GLU B 403 -6.08 -29.84 -63.31
C GLU B 403 -5.05 -28.73 -63.50
N HIS B 404 -5.16 -27.63 -62.73
CA HIS B 404 -4.17 -26.58 -62.89
C HIS B 404 -2.79 -27.03 -62.41
N LEU B 405 -2.74 -27.73 -61.27
CA LEU B 405 -1.46 -28.22 -60.76
C LEU B 405 -0.77 -29.10 -61.81
N HIS B 406 -1.55 -29.85 -62.58
CA HIS B 406 -0.96 -30.65 -63.65
C HIS B 406 -0.35 -29.76 -64.74
N LYS B 407 -1.03 -28.66 -65.09
CA LYS B 407 -0.52 -27.73 -66.12
C LYS B 407 0.83 -27.13 -65.76
N ILE B 408 1.09 -26.87 -64.48
CA ILE B 408 2.33 -26.23 -64.07
C ILE B 408 3.33 -27.26 -63.51
N GLY B 409 3.10 -28.56 -63.78
CA GLY B 409 4.09 -29.57 -63.51
C GLY B 409 4.19 -30.04 -62.07
N LEU B 410 3.18 -29.76 -61.25
CA LEU B 410 3.22 -30.10 -59.83
C LEU B 410 2.37 -31.32 -59.47
N LEU B 411 1.66 -31.92 -60.43
CA LEU B 411 0.83 -33.09 -60.17
C LEU B 411 0.77 -33.92 -61.46
N ASP B 412 1.53 -35.03 -61.48
CA ASP B 412 1.62 -35.83 -62.72
C ASP B 412 0.33 -36.59 -62.98
N ARG B 413 -0.14 -37.35 -62.01
CA ARG B 413 -1.32 -38.20 -62.17
C ARG B 413 -2.60 -37.37 -62.29
N VAL B 414 -3.50 -37.82 -63.18
CA VAL B 414 -4.77 -37.17 -63.45
C VAL B 414 -5.90 -38.17 -63.21
N THR B 415 -6.98 -37.72 -62.55
CA THR B 415 -8.15 -38.55 -62.26
C THR B 415 -9.38 -37.67 -62.21
N ASN B 416 -10.54 -38.23 -62.62
CA ASN B 416 -11.84 -37.53 -62.51
C ASN B 416 -12.89 -38.54 -62.07
N ASP B 417 -12.87 -38.88 -60.78
CA ASP B 417 -13.84 -39.81 -60.20
C ASP B 417 -14.35 -39.23 -58.88
N THR B 418 -15.37 -39.86 -58.30
CA THR B 418 -16.03 -39.27 -57.14
C THR B 418 -15.13 -39.27 -55.90
N GLU B 419 -14.27 -40.29 -55.74
CA GLU B 419 -13.36 -40.32 -54.60
C GLU B 419 -12.35 -39.18 -54.66
N SER B 420 -11.84 -38.89 -55.86
CA SER B 420 -10.88 -37.81 -56.04
C SER B 420 -11.51 -36.46 -55.75
N ASP B 421 -12.78 -36.30 -56.12
CA ASP B 421 -13.53 -35.08 -55.83
C ASP B 421 -13.68 -34.86 -54.33
N ILE B 422 -14.01 -35.94 -53.59
CA ILE B 422 -14.16 -35.84 -52.14
C ILE B 422 -12.81 -35.47 -51.49
N ASN B 423 -11.71 -36.05 -51.96
CA ASN B 423 -10.38 -35.70 -51.45
C ASN B 423 -10.12 -34.19 -51.60
N TYR B 424 -10.35 -33.66 -52.80
CA TYR B 424 -10.08 -32.25 -53.07
C TYR B 424 -10.98 -31.33 -52.24
N LEU B 425 -12.29 -31.59 -52.23
CA LEU B 425 -13.21 -30.75 -51.48
C LEU B 425 -12.95 -30.82 -49.98
N LEU B 426 -12.52 -31.97 -49.47
CA LEU B 426 -12.12 -32.06 -48.07
C LEU B 426 -10.88 -31.22 -47.79
N LYS B 427 -9.87 -31.26 -48.66
CA LYS B 427 -8.68 -30.43 -48.47
C LYS B 427 -9.05 -28.95 -48.48
N MET B 428 -9.92 -28.53 -49.41
CA MET B 428 -10.36 -27.13 -49.44
C MET B 428 -11.24 -26.77 -48.24
N ALA B 429 -12.01 -27.73 -47.70
CA ALA B 429 -12.79 -27.44 -46.50
C ALA B 429 -11.89 -27.22 -45.29
N LEU B 430 -10.79 -27.98 -45.20
CA LEU B 430 -9.82 -27.77 -44.12
C LEU B 430 -9.25 -26.36 -44.17
N GLU B 431 -9.10 -25.80 -45.37
CA GLU B 431 -8.54 -24.46 -45.56
C GLU B 431 -9.59 -23.37 -45.37
N LYS B 432 -10.82 -23.57 -45.86
CA LYS B 432 -11.82 -22.50 -45.94
C LYS B 432 -12.93 -22.63 -44.91
N ILE B 433 -13.51 -23.81 -44.72
CA ILE B 433 -14.61 -23.97 -43.76
C ILE B 433 -14.10 -23.89 -42.32
N ALA B 434 -12.93 -24.48 -42.04
CA ALA B 434 -12.38 -24.45 -40.68
C ALA B 434 -12.10 -23.02 -40.22
N PHE B 435 -11.81 -22.11 -41.15
CA PHE B 435 -11.49 -20.72 -40.81
C PHE B 435 -12.73 -19.93 -40.38
N LEU B 436 -13.91 -20.28 -40.90
CA LEU B 436 -15.09 -19.42 -40.72
C LEU B 436 -15.35 -19.04 -39.26
N PRO B 437 -15.40 -19.98 -38.28
CA PRO B 437 -15.63 -19.56 -36.89
C PRO B 437 -14.56 -18.63 -36.34
N PHE B 438 -13.30 -18.86 -36.69
CA PHE B 438 -12.24 -17.97 -36.22
C PHE B 438 -12.37 -16.58 -36.84
N GLY B 439 -12.59 -16.51 -38.16
CA GLY B 439 -12.76 -15.20 -38.81
C GLY B 439 -13.90 -14.40 -38.22
N TYR B 440 -14.93 -15.09 -37.74
CA TYR B 440 -16.08 -14.43 -37.15
C TYR B 440 -15.81 -13.99 -35.71
N LEU B 441 -15.10 -14.81 -34.92
CA LEU B 441 -15.06 -14.53 -33.47
C LEU B 441 -14.05 -13.47 -33.05
N VAL B 442 -12.99 -13.22 -33.84
CA VAL B 442 -11.91 -12.35 -33.39
C VAL B 442 -12.44 -10.94 -33.10
N ASP B 443 -13.22 -10.36 -34.01
CA ASP B 443 -13.73 -9.01 -33.76
C ASP B 443 -14.97 -9.01 -32.87
N GLN B 444 -15.67 -10.15 -32.70
N GLN B 444 -15.65 -10.15 -32.70
CA GLN B 444 -16.63 -10.21 -31.61
CA GLN B 444 -16.62 -10.23 -31.61
C GLN B 444 -15.93 -9.94 -30.28
C GLN B 444 -15.94 -9.96 -30.28
N TRP B 445 -14.78 -10.58 -30.05
CA TRP B 445 -14.00 -10.30 -28.83
C TRP B 445 -13.60 -8.84 -28.78
N ARG B 446 -13.03 -8.31 -29.87
CA ARG B 446 -12.46 -6.98 -29.85
C ARG B 446 -13.55 -5.90 -29.78
N TRP B 447 -14.69 -6.11 -30.45
CA TRP B 447 -15.80 -5.17 -30.32
C TRP B 447 -16.27 -5.06 -28.87
N GLY B 448 -16.31 -6.18 -28.14
CA GLY B 448 -16.69 -6.14 -26.73
C GLY B 448 -15.66 -5.49 -25.83
N VAL B 449 -14.37 -5.62 -26.18
CA VAL B 449 -13.33 -4.89 -25.46
C VAL B 449 -13.49 -3.37 -25.70
N PHE B 450 -13.70 -2.95 -26.95
CA PHE B 450 -13.85 -1.52 -27.23
C PHE B 450 -15.08 -0.95 -26.55
N SER B 451 -16.19 -1.71 -26.49
CA SER B 451 -17.42 -1.20 -25.89
C SER B 451 -17.41 -1.21 -24.37
N GLY B 452 -16.45 -1.87 -23.73
CA GLY B 452 -16.42 -1.99 -22.29
C GLY B 452 -17.15 -3.20 -21.74
N ARG B 453 -17.85 -3.98 -22.57
CA ARG B 453 -18.50 -5.19 -22.09
C ARG B 453 -17.48 -6.22 -21.61
N THR B 454 -16.27 -6.23 -22.18
CA THR B 454 -15.16 -7.05 -21.72
C THR B 454 -14.07 -6.17 -21.14
N PRO B 455 -14.03 -5.94 -19.82
CA PRO B 455 -12.93 -5.17 -19.23
C PRO B 455 -11.69 -6.04 -19.11
N PRO B 456 -10.54 -5.44 -18.81
CA PRO B 456 -9.30 -6.23 -18.63
C PRO B 456 -9.43 -7.42 -17.69
N SER B 457 -10.24 -7.31 -16.64
CA SER B 457 -10.43 -8.43 -15.73
C SER B 457 -11.06 -9.66 -16.39
N ARG B 458 -11.54 -9.56 -17.64
CA ARG B 458 -12.13 -10.70 -18.35
C ARG B 458 -11.58 -10.89 -19.76
N TYR B 459 -10.39 -10.33 -20.08
CA TYR B 459 -9.84 -10.51 -21.43
C TYR B 459 -9.75 -11.98 -21.84
N ASN B 460 -9.18 -12.84 -20.98
CA ASN B 460 -8.92 -14.22 -21.38
C ASN B 460 -10.16 -15.11 -21.18
N PHE B 461 -10.91 -14.88 -20.11
CA PHE B 461 -12.18 -15.56 -19.86
C PHE B 461 -13.12 -15.43 -21.08
N ASP B 462 -13.25 -14.21 -21.61
CA ASP B 462 -14.16 -14.00 -22.74
C ASP B 462 -13.55 -14.48 -24.05
N TRP B 463 -12.22 -14.41 -24.21
CA TRP B 463 -11.55 -15.02 -25.37
C TRP B 463 -11.84 -16.51 -25.44
N TRP B 464 -11.60 -17.23 -24.35
CA TRP B 464 -11.77 -18.68 -24.39
C TRP B 464 -13.25 -19.08 -24.41
N TYR B 465 -14.15 -18.26 -23.84
CA TYR B 465 -15.59 -18.48 -24.07
C TYR B 465 -15.91 -18.50 -25.56
N LEU B 466 -15.43 -17.50 -26.32
CA LEU B 466 -15.73 -17.44 -27.75
C LEU B 466 -15.02 -18.54 -28.53
N ARG B 467 -13.77 -18.85 -28.18
CA ARG B 467 -13.04 -19.91 -28.87
C ARG B 467 -13.74 -21.25 -28.75
N THR B 468 -14.21 -21.59 -27.54
CA THR B 468 -14.94 -22.84 -27.36
C THR B 468 -16.31 -22.77 -28.03
N LYS B 469 -17.03 -21.66 -27.84
CA LYS B 469 -18.38 -21.50 -28.43
C LYS B 469 -18.38 -21.72 -29.94
N TYR B 470 -17.43 -21.10 -30.65
CA TYR B 470 -17.46 -21.13 -32.11
C TYR B 470 -16.58 -22.23 -32.71
N GLN B 471 -15.32 -22.34 -32.27
CA GLN B 471 -14.42 -23.33 -32.85
C GLN B 471 -14.48 -24.70 -32.17
N GLY B 472 -15.01 -24.80 -30.95
CA GLY B 472 -15.00 -26.12 -30.29
C GLY B 472 -13.62 -26.65 -30.00
N ILE B 473 -12.73 -25.77 -29.50
CA ILE B 473 -11.38 -26.13 -29.06
C ILE B 473 -11.20 -25.69 -27.61
N CYS B 474 -10.16 -26.21 -26.95
CA CYS B 474 -9.83 -25.89 -25.57
C CYS B 474 -8.33 -25.71 -25.43
N PRO B 475 -7.87 -24.88 -24.49
CA PRO B 475 -6.42 -24.72 -24.28
C PRO B 475 -5.83 -25.99 -23.70
N PRO B 476 -4.65 -26.43 -24.18
CA PRO B 476 -4.09 -27.71 -23.69
C PRO B 476 -3.33 -27.61 -22.37
N VAL B 477 -3.13 -26.41 -21.83
CA VAL B 477 -2.71 -26.18 -20.46
C VAL B 477 -3.66 -25.16 -19.84
N THR B 478 -3.69 -25.15 -18.51
CA THR B 478 -4.56 -24.23 -17.77
C THR B 478 -4.17 -22.77 -18.01
N ARG B 479 -5.17 -21.89 -18.17
CA ARG B 479 -4.96 -20.46 -18.35
C ARG B 479 -5.66 -19.67 -17.25
N ASN B 480 -5.16 -18.46 -17.01
CA ASN B 480 -5.81 -17.52 -16.08
C ASN B 480 -5.63 -16.10 -16.64
N GLU B 481 -6.06 -15.09 -15.89
CA GLU B 481 -6.07 -13.73 -16.44
C GLU B 481 -4.71 -13.05 -16.46
N THR B 482 -3.65 -13.70 -15.98
CA THR B 482 -2.32 -13.21 -16.28
C THR B 482 -1.96 -13.48 -17.74
N HIS B 483 -2.51 -14.55 -18.30
CA HIS B 483 -2.35 -14.82 -19.72
C HIS B 483 -3.26 -13.92 -20.54
N PHE B 484 -2.79 -13.60 -21.77
CA PHE B 484 -3.51 -12.72 -22.69
C PHE B 484 -3.37 -13.34 -24.10
N ASP B 485 -4.11 -14.44 -24.30
CA ASP B 485 -3.92 -15.29 -25.48
C ASP B 485 -4.39 -14.63 -26.78
N ALA B 486 -5.32 -13.69 -26.71
CA ALA B 486 -5.67 -12.89 -27.89
C ALA B 486 -4.47 -12.09 -28.39
N GLY B 487 -3.59 -11.68 -27.49
CA GLY B 487 -2.41 -10.91 -27.87
C GLY B 487 -1.37 -11.71 -28.63
N ALA B 488 -1.45 -13.04 -28.58
CA ALA B 488 -0.51 -13.87 -29.34
C ALA B 488 -0.91 -14.08 -30.80
N LYS B 489 -1.93 -13.36 -31.29
CA LYS B 489 -2.34 -13.37 -32.70
C LYS B 489 -1.99 -12.02 -33.32
N PHE B 490 -1.25 -12.02 -34.44
CA PHE B 490 -0.65 -10.82 -35.03
C PHE B 490 -1.55 -9.58 -35.02
N HIS B 491 -2.79 -9.73 -35.49
CA HIS B 491 -3.64 -8.58 -35.79
C HIS B 491 -4.04 -7.81 -34.54
N VAL B 492 -3.94 -8.41 -33.36
CA VAL B 492 -4.37 -7.72 -32.14
C VAL B 492 -3.33 -6.67 -31.76
N PRO B 493 -2.08 -7.03 -31.42
CA PRO B 493 -1.08 -5.98 -31.15
C PRO B 493 -0.75 -5.09 -32.34
N ASN B 494 -0.91 -5.56 -33.58
CA ASN B 494 -0.66 -4.73 -34.75
C ASN B 494 -1.90 -3.98 -35.24
N VAL B 495 -2.99 -4.04 -34.46
CA VAL B 495 -4.20 -3.22 -34.64
C VAL B 495 -4.70 -3.23 -36.08
N THR B 496 -4.90 -4.43 -36.63
CA THR B 496 -5.55 -4.60 -37.93
C THR B 496 -6.91 -5.26 -37.73
N PRO B 497 -8.01 -4.69 -38.22
CA PRO B 497 -9.32 -5.35 -38.06
C PRO B 497 -9.39 -6.73 -38.73
N TYR B 498 -10.30 -7.58 -38.24
CA TYR B 498 -10.36 -8.97 -38.66
C TYR B 498 -11.64 -9.38 -39.40
N ILE B 499 -12.77 -8.68 -39.21
CA ILE B 499 -14.02 -9.16 -39.84
C ILE B 499 -13.90 -9.19 -41.37
N ARG B 500 -12.99 -8.38 -41.94
CA ARG B 500 -12.69 -8.41 -43.37
C ARG B 500 -12.41 -9.81 -43.89
N TYR B 501 -11.78 -10.68 -43.10
CA TYR B 501 -11.43 -12.02 -43.55
C TYR B 501 -12.63 -12.96 -43.55
N PHE B 502 -13.54 -12.82 -42.57
CA PHE B 502 -14.81 -13.56 -42.64
C PHE B 502 -15.61 -13.15 -43.88
N VAL B 503 -15.71 -11.83 -44.12
CA VAL B 503 -16.42 -11.33 -45.31
C VAL B 503 -15.79 -11.91 -46.58
N SER B 504 -14.46 -11.88 -46.64
CA SER B 504 -13.74 -12.37 -47.82
C SER B 504 -13.99 -13.85 -48.08
N PHE B 505 -14.02 -14.67 -47.03
CA PHE B 505 -14.12 -16.11 -47.27
C PHE B 505 -15.49 -16.51 -47.81
N VAL B 506 -16.52 -15.67 -47.61
CA VAL B 506 -17.82 -15.83 -48.29
C VAL B 506 -17.80 -15.18 -49.67
N LEU B 507 -17.30 -13.94 -49.74
CA LEU B 507 -17.31 -13.17 -50.98
C LEU B 507 -16.52 -13.85 -52.10
N GLN B 508 -15.38 -14.47 -51.78
CA GLN B 508 -14.53 -15.01 -52.85
C GLN B 508 -15.22 -16.12 -53.65
N PHE B 509 -16.17 -16.83 -53.04
CA PHE B 509 -16.90 -17.83 -53.81
C PHE B 509 -17.94 -17.18 -54.72
N GLN B 510 -18.51 -16.05 -54.30
CA GLN B 510 -19.35 -15.25 -55.19
C GLN B 510 -18.56 -14.76 -56.40
N PHE B 511 -17.34 -14.26 -56.17
CA PHE B 511 -16.46 -13.82 -57.26
C PHE B 511 -16.11 -14.98 -58.19
N HIS B 512 -15.75 -16.13 -57.60
CA HIS B 512 -15.34 -17.31 -58.39
C HIS B 512 -16.45 -17.76 -59.32
N GLU B 513 -17.69 -17.84 -58.81
CA GLU B 513 -18.82 -18.23 -59.64
C GLU B 513 -19.02 -17.28 -60.81
N ALA B 514 -18.93 -15.97 -60.56
CA ALA B 514 -19.15 -14.98 -61.61
C ALA B 514 -18.03 -15.03 -62.67
N LEU B 515 -16.78 -15.19 -62.25
CA LEU B 515 -15.69 -15.20 -63.22
C LEU B 515 -15.69 -16.48 -64.04
N CYS B 516 -16.04 -17.61 -63.42
CA CYS B 516 -16.13 -18.88 -64.13
C CYS B 516 -17.23 -18.83 -65.18
N LYS B 517 -18.37 -18.22 -64.85
CA LYS B 517 -19.44 -18.05 -65.84
C LYS B 517 -18.97 -17.15 -66.99
N GLU B 518 -18.35 -16.02 -66.67
CA GLU B 518 -17.91 -15.11 -67.72
C GLU B 518 -16.86 -15.76 -68.61
N ALA B 519 -16.09 -16.70 -68.07
CA ALA B 519 -15.08 -17.40 -68.85
C ALA B 519 -15.66 -18.44 -69.79
N GLY B 520 -16.95 -18.72 -69.70
CA GLY B 520 -17.56 -19.76 -70.50
C GLY B 520 -17.42 -21.15 -69.96
N TYR B 521 -17.02 -21.32 -68.70
CA TYR B 521 -16.87 -22.64 -68.11
C TYR B 521 -18.25 -23.17 -67.73
N GLU B 522 -18.46 -24.47 -67.99
CA GLU B 522 -19.78 -25.07 -67.77
C GLU B 522 -19.77 -26.34 -66.93
N GLY B 523 -18.62 -26.76 -66.41
CA GLY B 523 -18.56 -27.92 -65.53
C GLY B 523 -18.85 -27.60 -64.07
N PRO B 524 -18.54 -28.56 -63.18
CA PRO B 524 -18.72 -28.33 -61.74
C PRO B 524 -17.88 -27.16 -61.24
N LEU B 525 -18.47 -26.38 -60.33
CA LEU B 525 -17.84 -25.13 -59.89
C LEU B 525 -16.46 -25.36 -59.30
N HIS B 526 -16.28 -26.46 -58.55
CA HIS B 526 -15.00 -26.71 -57.90
C HIS B 526 -13.93 -27.23 -58.84
N GLN B 527 -14.25 -27.42 -60.13
CA GLN B 527 -13.24 -27.81 -61.13
C GLN B 527 -12.95 -26.68 -62.13
N CYS B 528 -13.50 -25.49 -61.91
CA CYS B 528 -13.21 -24.35 -62.77
C CYS B 528 -11.76 -23.87 -62.61
N ASP B 529 -11.13 -23.51 -63.74
CA ASP B 529 -9.83 -22.84 -63.77
C ASP B 529 -9.93 -21.68 -64.76
N ILE B 530 -9.81 -20.43 -64.27
CA ILE B 530 -9.94 -19.27 -65.14
C ILE B 530 -8.63 -18.88 -65.83
N TYR B 531 -7.56 -19.64 -65.64
CA TYR B 531 -6.27 -19.37 -66.30
C TYR B 531 -6.46 -19.08 -67.78
N ARG B 532 -5.83 -17.99 -68.23
CA ARG B 532 -5.79 -17.55 -69.62
C ARG B 532 -7.13 -17.03 -70.14
N SER B 533 -8.12 -16.78 -69.27
CA SER B 533 -9.38 -16.18 -69.71
C SER B 533 -9.27 -14.66 -69.67
N THR B 534 -9.11 -14.04 -70.84
CA THR B 534 -9.05 -12.58 -70.90
C THR B 534 -10.40 -11.95 -70.59
N LYS B 535 -11.49 -12.65 -70.89
CA LYS B 535 -12.82 -12.17 -70.55
C LYS B 535 -13.02 -12.11 -69.03
N ALA B 536 -12.62 -13.15 -68.30
CA ALA B 536 -12.66 -13.09 -66.84
C ALA B 536 -11.79 -11.95 -66.31
N GLY B 537 -10.58 -11.81 -66.85
CA GLY B 537 -9.70 -10.73 -66.41
C GLY B 537 -10.34 -9.36 -66.57
N ALA B 538 -11.06 -9.15 -67.68
CA ALA B 538 -11.65 -7.83 -67.92
C ALA B 538 -12.75 -7.53 -66.91
N LYS B 539 -13.51 -8.57 -66.51
CA LYS B 539 -14.56 -8.37 -65.51
C LYS B 539 -13.94 -8.06 -64.14
N LEU B 540 -12.86 -8.76 -63.79
CA LEU B 540 -12.18 -8.46 -62.52
C LEU B 540 -11.54 -7.07 -62.55
N ARG B 541 -10.97 -6.69 -63.71
N ARG B 541 -10.98 -6.68 -63.70
CA ARG B 541 -10.32 -5.40 -63.82
CA ARG B 541 -10.30 -5.40 -63.80
C ARG B 541 -11.27 -4.26 -63.49
C ARG B 541 -11.25 -4.24 -63.50
N LYS B 542 -12.51 -4.35 -63.94
CA LYS B 542 -13.50 -3.31 -63.67
C LYS B 542 -13.70 -3.09 -62.17
N VAL B 543 -13.75 -4.17 -61.39
CA VAL B 543 -13.83 -4.04 -59.95
C VAL B 543 -12.60 -3.31 -59.41
N LEU B 544 -11.41 -3.73 -59.85
CA LEU B 544 -10.19 -3.22 -59.24
C LEU B 544 -9.98 -1.74 -59.53
N ARG B 545 -10.30 -1.30 -60.75
CA ARG B 545 -10.10 0.10 -61.12
C ARG B 545 -11.08 1.06 -60.43
N ALA B 546 -12.17 0.54 -59.85
CA ALA B 546 -13.13 1.40 -59.17
C ALA B 546 -12.63 1.91 -57.82
N GLY B 547 -11.69 1.22 -57.19
CA GLY B 547 -11.26 1.65 -55.86
C GLY B 547 -12.46 1.76 -54.93
N SER B 548 -12.49 2.83 -54.11
CA SER B 548 -13.65 3.12 -53.28
C SER B 548 -14.48 4.28 -53.84
N SER B 549 -14.48 4.45 -55.16
CA SER B 549 -15.18 5.57 -55.77
C SER B 549 -16.70 5.40 -55.73
N ARG B 550 -17.19 4.17 -55.60
CA ARG B 550 -18.62 3.85 -55.60
C ARG B 550 -19.00 2.91 -54.47
N PRO B 551 -20.28 2.93 -54.07
CA PRO B 551 -20.73 2.02 -53.00
C PRO B 551 -20.46 0.56 -53.34
N TRP B 552 -19.99 -0.22 -52.35
CA TRP B 552 -19.63 -1.61 -52.62
C TRP B 552 -20.82 -2.42 -53.09
N GLN B 553 -22.02 -2.12 -52.59
CA GLN B 553 -23.21 -2.85 -53.02
C GLN B 553 -23.43 -2.73 -54.52
N GLU B 554 -23.16 -1.56 -55.09
CA GLU B 554 -23.34 -1.35 -56.52
C GLU B 554 -22.23 -2.02 -57.33
N VAL B 555 -20.98 -1.97 -56.85
CA VAL B 555 -19.90 -2.65 -57.56
C VAL B 555 -20.17 -4.16 -57.60
N LEU B 556 -20.65 -4.73 -56.49
CA LEU B 556 -20.91 -6.17 -56.44
C LEU B 556 -22.03 -6.56 -57.41
N LYS B 557 -23.08 -5.73 -57.51
CA LYS B 557 -24.17 -6.07 -58.42
C LYS B 557 -23.69 -6.09 -59.87
N ASP B 558 -22.91 -5.09 -60.28
CA ASP B 558 -22.33 -5.10 -61.61
C ASP B 558 -21.54 -6.40 -61.86
N MET B 559 -20.85 -6.91 -60.84
CA MET B 559 -19.93 -8.04 -61.03
C MET B 559 -20.66 -9.37 -61.03
N VAL B 560 -21.53 -9.60 -60.04
CA VAL B 560 -22.11 -10.92 -59.83
C VAL B 560 -23.62 -10.94 -59.95
N GLY B 561 -24.29 -9.79 -60.11
CA GLY B 561 -25.73 -9.78 -60.27
C GLY B 561 -26.54 -9.66 -58.99
N LEU B 562 -25.90 -9.49 -57.84
CA LEU B 562 -26.57 -9.38 -56.56
C LEU B 562 -25.89 -8.26 -55.77
N ASP B 563 -26.68 -7.54 -54.96
CA ASP B 563 -26.14 -6.40 -54.22
C ASP B 563 -25.86 -6.72 -52.75
N ALA B 564 -25.65 -7.99 -52.41
CA ALA B 564 -25.43 -8.38 -51.02
C ALA B 564 -24.51 -9.59 -50.93
N LEU B 565 -23.86 -9.71 -49.77
CA LEU B 565 -23.15 -10.94 -49.42
C LEU B 565 -24.14 -12.11 -49.40
N ASP B 566 -23.72 -13.25 -49.94
CA ASP B 566 -24.61 -14.40 -50.11
C ASP B 566 -23.80 -15.69 -49.99
N ALA B 567 -24.27 -16.60 -49.13
CA ALA B 567 -23.56 -17.84 -48.87
C ALA B 567 -23.79 -18.93 -49.91
N GLN B 568 -24.75 -18.76 -50.82
CA GLN B 568 -25.12 -19.87 -51.71
C GLN B 568 -23.98 -20.30 -52.64
N PRO B 569 -23.15 -19.42 -53.19
CA PRO B 569 -22.02 -19.91 -53.99
C PRO B 569 -21.05 -20.79 -53.20
N LEU B 570 -20.75 -20.45 -51.94
CA LEU B 570 -19.90 -21.32 -51.13
C LEU B 570 -20.58 -22.67 -50.91
N LEU B 571 -21.87 -22.67 -50.60
CA LEU B 571 -22.58 -23.93 -50.37
C LEU B 571 -22.61 -24.79 -51.62
N LYS B 572 -22.82 -24.17 -52.79
CA LYS B 572 -22.81 -24.90 -54.05
C LYS B 572 -21.45 -25.53 -54.34
N TYR B 573 -20.38 -24.77 -54.08
CA TYR B 573 -19.02 -25.27 -54.31
C TYR B 573 -18.76 -26.55 -53.50
N PHE B 574 -19.18 -26.57 -52.23
CA PHE B 574 -18.86 -27.65 -51.30
C PHE B 574 -19.94 -28.75 -51.21
N GLN B 575 -21.06 -28.62 -51.92
CA GLN B 575 -22.23 -29.46 -51.70
C GLN B 575 -21.89 -30.96 -51.59
N LEU B 576 -21.02 -31.47 -52.48
CA LEU B 576 -20.76 -32.92 -52.48
C LEU B 576 -20.10 -33.38 -51.18
N VAL B 577 -19.15 -32.61 -50.67
CA VAL B 577 -18.50 -33.04 -49.44
C VAL B 577 -19.35 -32.71 -48.21
N THR B 578 -20.20 -31.68 -48.28
CA THR B 578 -21.17 -31.42 -47.21
C THR B 578 -22.09 -32.63 -47.00
N GLN B 579 -22.60 -33.19 -48.09
CA GLN B 579 -23.45 -34.37 -47.99
C GLN B 579 -22.66 -35.59 -47.51
N TRP B 580 -21.46 -35.80 -48.06
CA TRP B 580 -20.63 -36.95 -47.70
C TRP B 580 -20.26 -36.94 -46.22
N LEU B 581 -19.85 -35.79 -45.70
CA LEU B 581 -19.48 -35.69 -44.29
C LEU B 581 -20.68 -35.96 -43.38
N GLN B 582 -21.85 -35.46 -43.74
CA GLN B 582 -23.03 -35.70 -42.94
C GLN B 582 -23.34 -37.19 -42.87
N GLU B 583 -23.23 -37.89 -44.01
CA GLU B 583 -23.48 -39.33 -44.06
C GLU B 583 -22.43 -40.12 -43.27
N GLN B 584 -21.16 -39.79 -43.45
CA GLN B 584 -20.10 -40.50 -42.73
C GLN B 584 -20.23 -40.33 -41.22
N ASN B 585 -20.53 -39.11 -40.75
CA ASN B 585 -20.65 -38.91 -39.31
C ASN B 585 -21.82 -39.70 -38.73
N GLN B 586 -22.94 -39.79 -39.45
CA GLN B 586 -24.08 -40.59 -38.97
C GLN B 586 -23.71 -42.07 -38.91
N GLN B 587 -23.07 -42.58 -39.96
CA GLN B 587 -22.68 -43.99 -39.97
C GLN B 587 -21.69 -44.32 -38.86
N ASN B 588 -20.83 -43.37 -38.49
CA ASN B 588 -19.83 -43.60 -37.46
C ASN B 588 -20.32 -43.32 -36.04
N GLY B 589 -21.58 -42.94 -35.88
CA GLY B 589 -22.14 -42.66 -34.57
C GLY B 589 -21.59 -41.45 -33.83
N GLU B 590 -21.21 -40.39 -34.53
CA GLU B 590 -20.66 -39.22 -33.86
C GLU B 590 -21.74 -38.40 -33.16
N VAL B 591 -21.35 -37.70 -32.11
CA VAL B 591 -22.12 -36.57 -31.59
C VAL B 591 -21.57 -35.29 -32.21
N LEU B 592 -22.44 -34.51 -32.84
CA LEU B 592 -22.06 -33.23 -33.39
C LEU B 592 -22.03 -32.19 -32.27
N GLY B 593 -20.92 -31.44 -32.18
CA GLY B 593 -20.75 -30.54 -31.07
C GLY B 593 -19.82 -31.10 -30.00
N TRP B 594 -19.81 -30.42 -28.86
CA TRP B 594 -18.89 -30.73 -27.78
C TRP B 594 -19.63 -30.55 -26.45
N PRO B 595 -20.57 -31.45 -26.15
CA PRO B 595 -21.37 -31.28 -24.91
C PRO B 595 -20.55 -31.36 -23.63
N GLU B 596 -19.38 -32.02 -23.64
CA GLU B 596 -18.50 -32.01 -22.48
C GLU B 596 -17.60 -30.77 -22.53
N TYR B 597 -18.24 -29.61 -22.35
CA TYR B 597 -17.60 -28.32 -22.57
C TYR B 597 -16.52 -27.98 -21.53
N GLN B 598 -16.48 -28.68 -20.39
CA GLN B 598 -15.49 -28.45 -19.35
C GLN B 598 -14.18 -29.20 -19.59
N TRP B 599 -14.14 -30.11 -20.55
CA TRP B 599 -13.01 -31.04 -20.65
C TRP B 599 -11.77 -30.34 -21.19
N HIS B 600 -10.63 -30.67 -20.57
CA HIS B 600 -9.29 -30.31 -21.01
C HIS B 600 -8.41 -31.55 -20.93
N PRO B 601 -7.42 -31.70 -21.82
CA PRO B 601 -6.60 -32.93 -21.82
C PRO B 601 -5.61 -32.93 -20.66
N PRO B 602 -5.08 -34.09 -20.27
CA PRO B 602 -4.02 -34.11 -19.26
C PRO B 602 -2.68 -33.68 -19.85
N LEU B 603 -1.72 -33.42 -18.94
CA LEU B 603 -0.34 -33.15 -19.32
C LEU B 603 0.40 -34.45 -19.68
N PRO B 604 1.35 -34.39 -20.60
CA PRO B 604 2.19 -35.57 -20.88
C PRO B 604 3.06 -35.93 -19.68
N ASP B 605 3.45 -37.20 -19.62
CA ASP B 605 4.36 -37.65 -18.57
C ASP B 605 5.67 -36.87 -18.66
N ASN B 606 6.15 -36.41 -17.50
CA ASN B 606 7.45 -35.76 -17.41
C ASN B 606 7.48 -34.43 -18.17
N TYR B 607 6.34 -33.75 -18.28
CA TYR B 607 6.35 -32.52 -19.06
C TYR B 607 6.78 -31.34 -18.18
N PRO B 608 7.63 -30.41 -18.66
CA PRO B 608 8.21 -30.34 -20.01
C PRO B 608 9.51 -31.11 -20.23
N GLU B 609 9.98 -31.87 -19.25
CA GLU B 609 11.12 -32.72 -19.48
C GLU B 609 10.72 -33.83 -20.46
N GLY B 610 11.66 -34.71 -20.78
CA GLY B 610 11.36 -35.85 -21.62
C GLY B 610 11.13 -35.55 -23.08
N ILE B 611 11.34 -34.32 -23.54
CA ILE B 611 11.33 -34.00 -24.96
C ILE B 611 12.78 -33.86 -25.42
N ASP B 612 13.10 -34.50 -26.54
CA ASP B 612 14.44 -34.46 -27.12
C ASP B 612 15.40 -35.31 -26.28
N LEU C 1 7.71 4.29 -19.55
CA LEU C 1 7.62 5.24 -18.41
C LEU C 1 6.16 5.67 -18.21
N ASP C 2 5.70 5.58 -16.96
CA ASP C 2 4.32 5.93 -16.63
C ASP C 2 4.00 7.36 -17.08
N PRO C 3 2.80 7.62 -17.61
CA PRO C 3 2.46 8.98 -18.05
C PRO C 3 2.62 10.04 -16.98
N GLY C 4 2.34 9.73 -15.72
CA GLY C 4 2.48 10.73 -14.68
C GLY C 4 3.90 11.21 -14.48
N LEU C 5 4.87 10.45 -14.99
CA LEU C 5 6.29 10.78 -14.85
C LEU C 5 6.90 11.40 -16.10
N GLN C 6 6.10 11.55 -17.20
CA GLN C 6 6.59 12.09 -18.46
C GLN C 6 6.49 13.61 -18.45
N PRO C 7 7.42 14.32 -19.07
CA PRO C 7 7.29 15.79 -19.13
C PRO C 7 6.21 16.22 -20.10
N GLY C 8 5.46 17.25 -19.72
CA GLY C 8 4.47 17.85 -20.59
C GLY C 8 5.05 18.96 -21.45
N GLN C 9 4.27 20.01 -21.71
CA GLN C 9 4.68 21.08 -22.60
C GLN C 9 5.05 22.32 -21.80
N PHE C 10 6.13 22.98 -22.22
CA PHE C 10 6.60 24.20 -21.57
C PHE C 10 7.14 25.16 -22.63
N SER C 11 7.03 26.45 -22.36
CA SER C 11 7.52 27.44 -23.29
C SER C 11 9.05 27.50 -23.28
N ALA C 12 9.64 27.82 -24.44
CA ALA C 12 11.10 27.88 -24.59
C ALA C 12 11.65 29.26 -24.25
N ASP C 13 11.48 29.65 -22.99
CA ASP C 13 11.99 30.91 -22.48
C ASP C 13 12.26 30.74 -20.98
N GLU C 14 12.84 31.77 -20.36
CA GLU C 14 13.27 31.60 -18.97
C GLU C 14 12.09 31.31 -18.06
N ALA C 15 10.93 31.95 -18.30
CA ALA C 15 9.76 31.71 -17.45
C ALA C 15 9.27 30.27 -17.59
N GLY C 16 9.20 29.76 -18.82
CA GLY C 16 8.80 28.36 -19.02
C GLY C 16 9.75 27.38 -18.37
N ALA C 17 11.06 27.67 -18.43
CA ALA C 17 12.05 26.81 -17.79
C ALA C 17 11.87 26.73 -16.28
N GLN C 18 11.41 27.80 -15.63
CA GLN C 18 11.13 27.71 -14.18
C GLN C 18 10.02 26.69 -13.91
N LEU C 19 8.97 26.70 -14.74
CA LEU C 19 7.88 25.74 -14.56
C LEU C 19 8.35 24.32 -14.90
N PHE C 20 9.20 24.19 -15.92
CA PHE C 20 9.82 22.91 -16.25
C PHE C 20 10.57 22.36 -15.05
N ALA C 21 11.37 23.20 -14.40
CA ALA C 21 12.15 22.77 -13.23
C ALA C 21 11.23 22.33 -12.09
N GLN C 22 10.15 23.08 -11.85
CA GLN C 22 9.20 22.70 -10.79
C GLN C 22 8.52 21.37 -11.09
N SER C 23 8.18 21.13 -12.37
CA SER C 23 7.50 19.90 -12.73
C SER C 23 8.44 18.69 -12.63
N TYR C 24 9.69 18.87 -13.05
CA TYR C 24 10.71 17.83 -12.85
C TYR C 24 10.81 17.43 -11.39
N GLN C 25 10.93 18.44 -10.51
CA GLN C 25 11.08 18.18 -9.08
C GLN C 25 9.90 17.37 -8.53
N SER C 26 8.69 17.66 -9.00
CA SER C 26 7.50 16.98 -8.47
C SER C 26 7.57 15.48 -8.69
N SER C 27 8.13 15.05 -9.82
CA SER C 27 8.30 13.63 -10.12
C SER C 27 9.64 13.04 -9.65
N ALA C 28 10.71 13.83 -9.58
CA ALA C 28 12.05 13.27 -9.37
C ALA C 28 12.20 12.60 -8.00
N GLU C 29 11.59 13.15 -6.95
CA GLU C 29 11.78 12.55 -5.62
C GLU C 29 11.33 11.10 -5.59
N GLN C 30 10.23 10.78 -6.29
CA GLN C 30 9.73 9.42 -6.31
C GLN C 30 10.71 8.47 -7.00
N VAL C 31 11.34 8.92 -8.07
CA VAL C 31 12.22 8.04 -8.85
C VAL C 31 13.54 7.84 -8.13
N LEU C 32 14.09 8.92 -7.56
CA LEU C 32 15.35 8.80 -6.82
C LEU C 32 15.19 7.93 -5.59
N PHE C 33 14.08 8.11 -4.84
CA PHE C 33 13.85 7.30 -3.64
C PHE C 33 13.80 5.81 -3.96
N GLN C 34 13.08 5.41 -5.01
CA GLN C 34 12.99 3.98 -5.29
C GLN C 34 14.36 3.40 -5.63
N SER C 35 15.22 4.19 -6.25
CA SER C 35 16.58 3.73 -6.54
C SER C 35 17.42 3.62 -5.27
N VAL C 36 17.38 4.63 -4.39
CA VAL C 36 18.18 4.56 -3.15
C VAL C 36 17.70 3.41 -2.27
N ALA C 37 16.38 3.20 -2.20
CA ALA C 37 15.86 2.13 -1.36
C ALA C 37 16.33 0.76 -1.83
N ALA C 38 16.34 0.54 -3.16
CA ALA C 38 16.82 -0.73 -3.70
C ALA C 38 18.31 -0.92 -3.44
N SER C 39 19.09 0.16 -3.54
CA SER C 39 20.52 0.05 -3.25
C SER C 39 20.75 -0.27 -1.78
N TRP C 40 19.95 0.34 -0.90
CA TRP C 40 20.07 0.04 0.53
C TRP C 40 19.77 -1.43 0.81
N ALA C 41 18.67 -1.94 0.25
CA ALA C 41 18.32 -3.35 0.48
C ALA C 41 19.42 -4.29 -0.01
N HIS C 42 20.14 -3.93 -1.08
CA HIS C 42 21.26 -4.75 -1.55
C HIS C 42 22.49 -4.62 -0.66
N ASP C 43 22.89 -3.37 -0.34
CA ASP C 43 24.13 -3.16 0.40
C ASP C 43 24.06 -3.67 1.85
N THR C 44 22.87 -3.81 2.44
CA THR C 44 22.72 -4.42 3.76
C THR C 44 22.36 -5.89 3.72
N ASN C 45 22.31 -6.50 2.54
CA ASN C 45 21.87 -7.88 2.37
C ASN C 45 22.22 -8.33 0.94
N ILE C 46 23.49 -8.67 0.68
CA ILE C 46 23.93 -8.93 -0.68
C ILE C 46 23.40 -10.28 -1.14
N THR C 47 22.50 -10.28 -2.14
CA THR C 47 21.98 -11.51 -2.73
C THR C 47 21.75 -11.27 -4.21
N ALA C 48 21.66 -12.35 -4.98
CA ALA C 48 21.39 -12.21 -6.41
C ALA C 48 20.04 -11.54 -6.64
N GLU C 49 19.05 -11.86 -5.81
CA GLU C 49 17.72 -11.28 -6.00
C GLU C 49 17.72 -9.78 -5.68
N ASN C 50 18.45 -9.37 -4.64
CA ASN C 50 18.49 -7.94 -4.35
C ASN C 50 19.31 -7.17 -5.39
N ALA C 51 20.32 -7.81 -5.99
CA ALA C 51 21.02 -7.17 -7.11
C ALA C 51 20.08 -6.99 -8.30
N ARG C 52 19.27 -8.01 -8.59
CA ARG C 52 18.30 -7.90 -9.68
C ARG C 52 17.35 -6.74 -9.46
N ARG C 53 16.84 -6.58 -8.24
CA ARG C 53 15.90 -5.49 -7.96
C ARG C 53 16.57 -4.13 -8.07
N GLN C 54 17.82 -4.03 -7.63
CA GLN C 54 18.53 -2.75 -7.73
C GLN C 54 18.79 -2.40 -9.19
N GLU C 55 19.08 -3.39 -10.03
CA GLU C 55 19.30 -3.12 -11.44
C GLU C 55 18.02 -2.68 -12.13
N GLU C 56 16.88 -3.27 -11.74
CA GLU C 56 15.59 -2.85 -12.27
C GLU C 56 15.27 -1.41 -11.88
N ALA C 57 15.57 -1.04 -10.63
CA ALA C 57 15.35 0.33 -10.21
C ALA C 57 16.26 1.29 -10.97
N ALA C 58 17.51 0.89 -11.22
CA ALA C 58 18.44 1.72 -11.98
C ALA C 58 17.96 1.95 -13.40
N LEU C 59 17.36 0.94 -14.03
CA LEU C 59 16.81 1.11 -15.39
C LEU C 59 15.68 2.13 -15.42
N LEU C 60 14.82 2.11 -14.41
CA LEU C 60 13.73 3.08 -14.35
C LEU C 60 14.30 4.50 -14.25
N SER C 61 15.33 4.70 -13.40
CA SER C 61 15.95 6.01 -13.29
C SER C 61 16.54 6.47 -14.61
N GLN C 62 17.15 5.55 -15.37
CA GLN C 62 17.69 5.94 -16.67
C GLN C 62 16.59 6.32 -17.66
N GLU C 63 15.46 5.60 -17.64
CA GLU C 63 14.35 5.96 -18.52
C GLU C 63 13.83 7.36 -18.17
N PHE C 64 13.66 7.64 -16.88
CA PHE C 64 13.25 8.97 -16.42
C PHE C 64 14.26 10.04 -16.87
N ALA C 65 15.55 9.81 -16.64
CA ALA C 65 16.57 10.80 -17.01
C ALA C 65 16.57 11.07 -18.50
N GLU C 66 16.34 10.03 -19.30
CA GLU C 66 16.30 10.22 -20.75
C GLU C 66 15.16 11.13 -21.16
N ALA C 67 13.96 10.89 -20.63
CA ALA C 67 12.80 11.66 -21.05
C ALA C 67 12.95 13.14 -20.69
N TRP C 68 13.35 13.42 -19.44
CA TRP C 68 13.45 14.81 -19.02
C TRP C 68 14.70 15.48 -19.59
N GLY C 69 15.80 14.72 -19.71
CA GLY C 69 17.01 15.30 -20.28
C GLY C 69 16.85 15.69 -21.73
N GLN C 70 16.20 14.84 -22.53
CA GLN C 70 16.00 15.19 -23.94
C GLN C 70 15.04 16.36 -24.10
N LYS C 71 14.05 16.47 -23.22
CA LYS C 71 13.13 17.60 -23.28
C LYS C 71 13.85 18.90 -22.92
N ALA C 72 14.71 18.86 -21.90
CA ALA C 72 15.48 20.04 -21.51
C ALA C 72 16.35 20.54 -22.66
N LYS C 73 17.03 19.63 -23.39
CA LYS C 73 17.88 20.06 -24.49
C LYS C 73 17.05 20.60 -25.66
N GLU C 74 15.94 19.94 -25.97
CA GLU C 74 15.08 20.38 -27.04
C GLU C 74 14.59 21.81 -26.80
N LEU C 75 14.26 22.14 -25.54
CA LEU C 75 13.70 23.44 -25.22
C LEU C 75 14.74 24.51 -24.92
N TYR C 76 15.85 24.17 -24.23
CA TYR C 76 16.70 25.18 -23.63
C TYR C 76 18.19 25.08 -23.93
N GLU C 77 18.66 24.07 -24.66
CA GLU C 77 20.11 23.92 -24.84
C GLU C 77 20.79 25.18 -25.38
N PRO C 78 20.23 25.92 -26.33
CA PRO C 78 20.92 27.12 -26.84
C PRO C 78 20.77 28.37 -25.96
N ILE C 79 19.96 28.35 -24.91
CA ILE C 79 19.65 29.58 -24.18
C ILE C 79 19.82 29.47 -22.68
N TRP C 80 19.88 28.27 -22.08
CA TRP C 80 19.88 28.19 -20.63
C TRP C 80 21.11 28.83 -20.02
N GLN C 81 22.24 28.82 -20.71
CA GLN C 81 23.44 29.38 -20.12
C GLN C 81 23.35 30.89 -19.96
N GLN C 82 22.41 31.55 -20.62
CA GLN C 82 22.23 32.99 -20.46
C GLN C 82 21.07 33.37 -19.53
N PHE C 83 20.40 32.41 -18.88
CA PHE C 83 19.33 32.76 -17.95
C PHE C 83 19.89 33.60 -16.79
N THR C 84 19.04 34.49 -16.26
CA THR C 84 19.42 35.40 -15.18
C THR C 84 19.43 34.76 -13.82
N ASP C 85 18.69 33.67 -13.64
CA ASP C 85 18.58 33.02 -12.34
C ASP C 85 19.67 31.98 -12.23
N PRO C 86 20.69 32.16 -11.37
CA PRO C 86 21.78 31.17 -11.33
C PRO C 86 21.37 29.81 -10.79
N GLN C 87 20.43 29.75 -9.83
CA GLN C 87 19.91 28.46 -9.39
C GLN C 87 19.23 27.71 -10.53
N LEU C 88 18.42 28.42 -11.32
CA LEU C 88 17.78 27.80 -12.46
C LEU C 88 18.80 27.30 -13.47
N ARG C 89 19.87 28.09 -13.73
CA ARG C 89 20.90 27.62 -14.65
C ARG C 89 21.48 26.30 -14.18
N ARG C 90 21.70 26.17 -12.87
CA ARG C 90 22.32 24.97 -12.33
C ARG C 90 21.40 23.76 -12.44
N ILE C 91 20.09 23.95 -12.23
CA ILE C 91 19.14 22.84 -12.37
C ILE C 91 19.08 22.37 -13.82
N ILE C 92 18.91 23.30 -14.76
CA ILE C 92 18.78 22.92 -16.16
C ILE C 92 20.10 22.29 -16.64
N GLY C 93 21.23 22.84 -16.20
CA GLY C 93 22.52 22.25 -16.56
C GLY C 93 22.67 20.82 -16.08
N ALA C 94 22.10 20.51 -14.90
CA ALA C 94 22.15 19.14 -14.39
C ALA C 94 21.25 18.21 -15.21
N VAL C 95 20.02 18.65 -15.51
CA VAL C 95 19.06 17.78 -16.18
C VAL C 95 19.47 17.45 -17.62
N ARG C 96 20.18 18.35 -18.31
CA ARG C 96 20.59 18.11 -19.69
C ARG C 96 21.75 17.11 -19.81
N THR C 97 22.31 16.66 -18.69
CA THR C 97 23.41 15.69 -18.67
C THR C 97 22.82 14.31 -18.38
N LEU C 98 22.80 13.44 -19.38
CA LEU C 98 22.11 12.16 -19.27
C LEU C 98 22.97 11.03 -18.72
N GLY C 99 24.29 11.11 -18.86
CA GLY C 99 25.12 10.04 -18.33
C GLY C 99 24.81 8.70 -18.97
N SER C 100 24.72 7.65 -18.14
CA SER C 100 24.49 6.30 -18.66
C SER C 100 23.14 6.19 -19.37
N ALA C 101 22.20 7.10 -19.13
CA ALA C 101 20.94 7.09 -19.86
C ALA C 101 21.12 7.38 -21.35
N ASN C 102 22.31 7.85 -21.77
CA ASN C 102 22.63 7.95 -23.21
C ASN C 102 22.81 6.59 -23.87
N LEU C 103 23.10 5.54 -23.11
CA LEU C 103 23.37 4.24 -23.71
C LEU C 103 22.09 3.59 -24.24
N PRO C 104 22.16 2.82 -25.32
CA PRO C 104 21.01 2.01 -25.74
C PRO C 104 20.71 0.94 -24.70
N LEU C 105 19.47 0.43 -24.77
CA LEU C 105 18.93 -0.42 -23.71
C LEU C 105 19.88 -1.55 -23.32
N ALA C 106 20.40 -2.29 -24.30
CA ALA C 106 21.22 -3.46 -23.96
C ALA C 106 22.50 -3.06 -23.25
N LYS C 107 23.08 -1.91 -23.60
CA LYS C 107 24.28 -1.45 -22.93
C LYS C 107 23.96 -0.83 -21.56
N ARG C 108 22.77 -0.27 -21.39
CA ARG C 108 22.35 0.15 -20.03
C ARG C 108 22.32 -1.05 -19.09
N GLN C 109 21.73 -2.15 -19.55
CA GLN C 109 21.65 -3.36 -18.73
C GLN C 109 23.04 -3.92 -18.45
N GLN C 110 23.92 -3.94 -19.46
N GLN C 110 23.91 -3.95 -19.47
CA GLN C 110 25.30 -4.37 -19.23
CA GLN C 110 25.31 -4.34 -19.27
C GLN C 110 26.01 -3.49 -18.20
C GLN C 110 25.98 -3.49 -18.20
N TYR C 111 25.85 -2.16 -18.33
CA TYR C 111 26.47 -1.24 -17.37
C TYR C 111 25.98 -1.47 -15.95
N ASN C 112 24.66 -1.56 -15.76
CA ASN C 112 24.11 -1.75 -14.42
C ASN C 112 24.58 -3.07 -13.81
N ALA C 113 24.67 -4.14 -14.62
CA ALA C 113 25.12 -5.42 -14.11
C ALA C 113 26.59 -5.37 -13.71
N LEU C 114 27.42 -4.64 -14.46
CA LEU C 114 28.82 -4.51 -14.07
C LEU C 114 28.97 -3.86 -12.70
N LEU C 115 28.21 -2.79 -12.45
CA LEU C 115 28.26 -2.16 -11.12
C LEU C 115 27.91 -3.16 -10.01
N SER C 116 26.82 -3.94 -10.17
CA SER C 116 26.46 -4.93 -9.14
C SER C 116 27.57 -5.96 -8.93
N GLN C 117 28.14 -6.49 -10.02
CA GLN C 117 29.09 -7.58 -9.86
C GLN C 117 30.43 -7.11 -9.31
N MET C 118 30.87 -5.91 -9.70
CA MET C 118 32.10 -5.37 -9.11
C MET C 118 31.92 -5.11 -7.62
N SER C 119 30.74 -4.61 -7.23
CA SER C 119 30.47 -4.38 -5.81
C SER C 119 30.49 -5.70 -5.04
N ARG C 120 29.85 -6.73 -5.58
CA ARG C 120 29.82 -8.02 -4.91
C ARG C 120 31.22 -8.58 -4.72
N ILE C 121 32.05 -8.51 -5.76
CA ILE C 121 33.39 -9.09 -5.70
C ILE C 121 34.20 -8.45 -4.58
N TYR C 122 34.20 -7.12 -4.52
CA TYR C 122 34.97 -6.41 -3.51
C TYR C 122 34.48 -6.72 -2.11
N SER C 123 33.16 -6.69 -1.89
CA SER C 123 32.64 -6.75 -0.53
C SER C 123 32.46 -8.17 0.00
N THR C 124 32.60 -9.20 -0.84
CA THR C 124 32.56 -10.58 -0.35
C THR C 124 33.90 -11.31 -0.47
N ALA C 125 34.96 -10.65 -0.92
CA ALA C 125 36.26 -11.30 -1.05
C ALA C 125 36.83 -11.65 0.32
N LYS C 126 37.51 -12.79 0.40
CA LYS C 126 38.09 -13.30 1.65
C LYS C 126 39.51 -13.81 1.41
N VAL C 127 40.27 -13.90 2.51
CA VAL C 127 41.62 -14.48 2.52
C VAL C 127 41.57 -15.76 3.35
N CYS C 128 41.79 -16.90 2.70
CA CYS C 128 41.71 -18.19 3.37
C CYS C 128 43.10 -18.74 3.65
N LEU C 129 43.22 -19.48 4.73
CA LEU C 129 44.48 -20.02 5.21
C LEU C 129 44.66 -21.45 4.72
N PRO C 130 45.88 -22.02 4.86
CA PRO C 130 46.11 -23.43 4.53
C PRO C 130 45.58 -24.40 5.60
N THR C 135 38.41 -21.82 7.41
CA THR C 135 38.69 -20.55 8.08
C THR C 135 39.15 -19.49 7.07
N CYS C 136 38.42 -18.37 7.01
CA CYS C 136 38.75 -17.31 6.07
C CYS C 136 38.49 -15.95 6.69
N TRP C 137 39.39 -15.02 6.41
CA TRP C 137 39.37 -13.68 6.99
C TRP C 137 38.68 -12.69 6.04
N SER C 138 37.86 -11.83 6.62
N SER C 138 37.84 -11.83 6.61
CA SER C 138 37.25 -10.71 5.90
CA SER C 138 37.26 -10.72 5.86
C SER C 138 38.12 -9.46 6.04
C SER C 138 38.10 -9.46 6.05
N LEU C 139 37.89 -8.49 5.16
CA LEU C 139 38.61 -7.23 5.26
C LEU C 139 38.26 -6.51 6.56
N ASP C 140 36.97 -6.46 6.87
CA ASP C 140 36.45 -5.78 8.06
C ASP C 140 35.69 -6.81 8.89
N PRO C 141 36.15 -7.20 10.08
CA PRO C 141 37.25 -6.66 10.89
C PRO C 141 38.65 -7.30 10.75
N ASP C 142 38.75 -8.52 10.22
CA ASP C 142 39.94 -9.34 10.45
C ASP C 142 41.20 -8.72 9.86
N LEU C 143 41.21 -8.45 8.55
CA LEU C 143 42.43 -7.94 7.91
C LEU C 143 42.73 -6.52 8.37
N THR C 144 41.71 -5.68 8.54
CA THR C 144 41.92 -4.35 9.08
C THR C 144 42.65 -4.43 10.43
N ASN C 145 42.24 -5.35 11.31
CA ASN C 145 42.85 -5.43 12.63
C ASN C 145 44.30 -5.93 12.54
N ILE C 146 44.58 -6.87 11.63
CA ILE C 146 45.95 -7.35 11.45
C ILE C 146 46.86 -6.22 10.98
N LEU C 147 46.46 -5.50 9.92
CA LEU C 147 47.30 -4.39 9.43
C LEU C 147 47.52 -3.33 10.50
N ALA C 148 46.53 -3.11 11.37
CA ALA C 148 46.65 -2.06 12.37
C ALA C 148 47.53 -2.43 13.55
N SER C 149 47.56 -3.70 13.97
N SER C 149 47.58 -3.70 13.95
CA SER C 149 48.13 -4.09 15.25
CA SER C 149 48.15 -4.06 15.26
C SER C 149 49.29 -5.07 15.16
C SER C 149 49.22 -5.14 15.22
N SER C 150 49.31 -5.96 14.17
CA SER C 150 50.37 -6.95 14.11
C SER C 150 51.70 -6.27 13.81
N ARG C 151 52.76 -6.73 14.48
CA ARG C 151 54.11 -6.29 14.17
C ARG C 151 54.95 -7.46 13.66
N SER C 152 54.31 -8.48 13.10
CA SER C 152 54.99 -9.63 12.52
C SER C 152 55.10 -9.40 11.01
N TYR C 153 56.34 -9.28 10.52
CA TYR C 153 56.52 -8.97 9.10
C TYR C 153 55.79 -9.97 8.22
N ALA C 154 55.87 -11.26 8.55
CA ALA C 154 55.29 -12.29 7.67
C ALA C 154 53.78 -12.33 7.77
N MET C 155 53.22 -12.09 8.95
CA MET C 155 51.76 -12.03 9.09
C MET C 155 51.18 -10.87 8.31
N LEU C 156 51.79 -9.69 8.45
CA LEU C 156 51.38 -8.54 7.66
C LEU C 156 51.45 -8.83 6.17
N LEU C 157 52.51 -9.51 5.74
CA LEU C 157 52.69 -9.81 4.33
C LEU C 157 51.61 -10.75 3.81
N PHE C 158 51.32 -11.80 4.57
CA PHE C 158 50.24 -12.72 4.17
C PHE C 158 48.91 -11.99 4.02
N ALA C 159 48.62 -11.06 4.93
CA ALA C 159 47.37 -10.29 4.86
C ALA C 159 47.36 -9.34 3.66
N TRP C 160 48.46 -8.60 3.45
CA TRP C 160 48.53 -7.65 2.33
C TRP C 160 48.45 -8.36 0.97
N GLU C 161 49.24 -9.41 0.79
CA GLU C 161 49.25 -10.16 -0.47
C GLU C 161 47.91 -10.86 -0.71
N GLY C 162 47.36 -11.50 0.33
CA GLY C 162 46.11 -12.22 0.17
C GLY C 162 44.97 -11.31 -0.26
N TRP C 163 44.87 -10.13 0.37
CA TRP C 163 43.78 -9.21 0.05
C TRP C 163 43.92 -8.68 -1.39
N HIS C 164 45.11 -8.24 -1.77
CA HIS C 164 45.28 -7.67 -3.10
C HIS C 164 45.02 -8.70 -4.20
N ASN C 165 45.43 -9.96 -3.98
CA ASN C 165 45.15 -11.02 -4.96
C ASN C 165 43.67 -11.36 -5.01
N ALA C 166 43.02 -11.47 -3.84
CA ALA C 166 41.63 -11.91 -3.77
C ALA C 166 40.67 -10.90 -4.39
N ALA C 167 40.84 -9.61 -4.07
CA ALA C 167 39.93 -8.58 -4.58
C ALA C 167 40.32 -8.11 -5.97
N GLY C 168 41.62 -7.92 -6.24
CA GLY C 168 42.03 -7.25 -7.47
C GLY C 168 41.93 -8.12 -8.72
N ILE C 169 42.45 -9.34 -8.67
CA ILE C 169 42.52 -10.18 -9.88
C ILE C 169 41.17 -10.35 -10.57
N PRO C 170 40.10 -10.78 -9.90
CA PRO C 170 38.84 -11.01 -10.62
C PRO C 170 38.16 -9.75 -11.11
N LEU C 171 38.49 -8.58 -10.58
CA LEU C 171 37.84 -7.34 -11.00
C LEU C 171 38.34 -6.86 -12.37
N LYS C 172 39.56 -7.23 -12.77
CA LYS C 172 40.18 -6.55 -13.91
C LYS C 172 39.37 -6.63 -15.19
N PRO C 173 38.86 -7.80 -15.62
CA PRO C 173 38.08 -7.83 -16.87
C PRO C 173 36.82 -6.99 -16.82
N LEU C 174 36.15 -6.97 -15.66
CA LEU C 174 34.94 -6.17 -15.53
C LEU C 174 35.26 -4.68 -15.59
N TYR C 175 36.39 -4.28 -15.00
CA TYR C 175 36.72 -2.86 -14.93
C TYR C 175 37.04 -2.33 -16.33
N GLU C 176 37.68 -3.14 -17.17
N GLU C 176 37.67 -3.14 -17.18
CA GLU C 176 37.92 -2.76 -18.56
CA GLU C 176 37.91 -2.72 -18.56
C GLU C 176 36.60 -2.47 -19.28
C GLU C 176 36.59 -2.47 -19.28
N ASP C 177 35.63 -3.38 -19.13
CA ASP C 177 34.33 -3.22 -19.77
C ASP C 177 33.58 -2.00 -19.24
N PHE C 178 33.64 -1.76 -17.92
CA PHE C 178 32.99 -0.60 -17.34
C PHE C 178 33.57 0.70 -17.90
N THR C 179 34.90 0.78 -17.97
CA THR C 179 35.52 2.02 -18.45
C THR C 179 35.02 2.38 -19.85
N ALA C 180 34.93 1.40 -20.74
CA ALA C 180 34.51 1.68 -22.11
C ALA C 180 33.07 2.17 -22.18
N LEU C 181 32.16 1.51 -21.45
CA LEU C 181 30.76 1.93 -21.46
C LEU C 181 30.59 3.32 -20.86
N SER C 182 31.29 3.58 -19.75
CA SER C 182 31.20 4.90 -19.10
C SER C 182 31.62 6.01 -20.06
N ASN C 183 32.77 5.84 -20.75
CA ASN C 183 33.23 6.83 -21.71
C ASN C 183 32.25 7.01 -22.85
N GLU C 184 31.70 5.91 -23.39
CA GLU C 184 30.70 6.04 -24.45
C GLU C 184 29.51 6.87 -23.99
N ALA C 185 29.08 6.69 -22.75
CA ALA C 185 27.92 7.41 -22.24
C ALA C 185 28.20 8.91 -22.17
N TYR C 186 29.32 9.31 -21.56
CA TYR C 186 29.56 10.73 -21.32
C TYR C 186 30.05 11.47 -22.57
N LYS C 187 30.57 10.76 -23.57
CA LYS C 187 30.91 11.45 -24.81
C LYS C 187 29.68 12.09 -25.45
N GLN C 188 28.51 11.46 -25.29
CA GLN C 188 27.26 12.00 -25.81
C GLN C 188 26.77 13.22 -25.05
N ASP C 189 27.31 13.50 -23.86
CA ASP C 189 27.04 14.73 -23.14
C ASP C 189 28.03 15.84 -23.47
N GLY C 190 28.97 15.58 -24.38
CA GLY C 190 29.93 16.57 -24.80
C GLY C 190 31.30 16.45 -24.16
N PHE C 191 31.55 15.45 -23.32
CA PHE C 191 32.82 15.33 -22.59
C PHE C 191 33.77 14.39 -23.31
N THR C 192 35.07 14.75 -23.28
CA THR C 192 36.05 13.95 -24.03
C THR C 192 36.21 12.55 -23.43
N ASP C 193 36.06 12.42 -22.10
CA ASP C 193 36.03 11.14 -21.40
C ASP C 193 35.41 11.36 -20.03
N THR C 194 35.17 10.25 -19.31
CA THR C 194 34.50 10.35 -18.02
C THR C 194 35.28 11.21 -17.02
N GLY C 195 36.61 11.15 -17.05
CA GLY C 195 37.40 11.95 -16.13
C GLY C 195 37.18 13.44 -16.31
N ALA C 196 37.02 13.89 -17.57
CA ALA C 196 36.72 15.29 -17.83
C ALA C 196 35.37 15.68 -17.24
N TYR C 197 34.40 14.77 -17.26
CA TYR C 197 33.13 15.04 -16.60
C TYR C 197 33.33 15.18 -15.09
N TRP C 198 34.04 14.23 -14.47
CA TRP C 198 34.27 14.33 -13.03
C TRP C 198 34.97 15.64 -12.66
N ARG C 199 36.00 16.04 -13.43
CA ARG C 199 36.71 17.26 -13.10
C ARG C 199 35.83 18.51 -13.26
N SER C 200 34.83 18.46 -14.14
CA SER C 200 34.01 19.63 -14.42
C SER C 200 33.23 20.11 -13.20
N TRP C 201 33.00 19.24 -12.22
CA TRP C 201 32.27 19.63 -11.02
C TRP C 201 32.92 20.77 -10.25
N TYR C 202 34.23 20.99 -10.42
CA TYR C 202 34.94 22.03 -9.67
C TYR C 202 34.94 23.37 -10.39
N ASN C 203 34.40 23.42 -11.59
CA ASN C 203 34.22 24.65 -12.37
C ASN C 203 35.43 25.58 -12.28
N SER C 204 36.59 25.00 -12.65
CA SER C 204 37.84 25.77 -12.66
C SER C 204 38.67 25.37 -13.87
N PRO C 205 38.97 26.30 -14.78
CA PRO C 205 39.78 25.94 -15.95
C PRO C 205 41.22 25.58 -15.61
N THR C 206 41.71 25.91 -14.42
CA THR C 206 43.08 25.59 -14.03
C THR C 206 43.14 24.53 -12.93
N PHE C 207 42.10 23.68 -12.82
CA PHE C 207 42.00 22.72 -11.72
C PHE C 207 43.28 21.91 -11.53
N GLU C 208 43.72 21.21 -12.58
CA GLU C 208 44.84 20.29 -12.43
C GLU C 208 46.14 21.04 -12.11
N ASP C 209 46.35 22.21 -12.72
CA ASP C 209 47.52 23.03 -12.36
C ASP C 209 47.44 23.52 -10.93
N ASP C 210 46.26 23.92 -10.48
CA ASP C 210 46.10 24.40 -9.11
C ASP C 210 46.38 23.31 -8.09
N LEU C 211 45.95 22.08 -8.38
CA LEU C 211 46.26 20.96 -7.50
C LEU C 211 47.76 20.70 -7.43
N GLU C 212 48.45 20.73 -8.57
N GLU C 212 48.42 20.73 -8.59
CA GLU C 212 49.88 20.42 -8.51
CA GLU C 212 49.85 20.47 -8.66
C GLU C 212 50.64 21.49 -7.72
C GLU C 212 50.64 21.51 -7.86
N HIS C 213 50.23 22.76 -7.86
N HIS C 213 50.19 22.77 -7.90
CA HIS C 213 50.88 23.81 -7.08
CA HIS C 213 50.83 23.82 -7.11
C HIS C 213 50.65 23.61 -5.59
C HIS C 213 50.67 23.56 -5.61
N LEU C 214 49.45 23.19 -5.19
CA LEU C 214 49.21 22.88 -3.79
C LEU C 214 50.13 21.77 -3.32
N TYR C 215 50.23 20.68 -4.10
CA TYR C 215 51.05 19.55 -3.66
C TYR C 215 52.52 19.94 -3.54
N GLN C 216 53.01 20.82 -4.42
CA GLN C 216 54.41 21.28 -4.31
C GLN C 216 54.67 21.94 -2.96
N GLN C 217 53.69 22.66 -2.40
CA GLN C 217 53.86 23.27 -1.08
C GLN C 217 53.85 22.23 0.04
N LEU C 218 53.13 21.13 -0.15
CA LEU C 218 52.94 20.13 0.88
C LEU C 218 54.01 19.05 0.89
N GLU C 219 54.66 18.79 -0.25
CA GLU C 219 55.57 17.66 -0.36
C GLU C 219 56.70 17.66 0.66
N PRO C 220 57.34 18.79 0.99
CA PRO C 220 58.42 18.73 2.00
C PRO C 220 57.96 18.20 3.35
N LEU C 221 56.73 18.52 3.76
CA LEU C 221 56.21 17.98 5.02
C LEU C 221 56.10 16.46 4.93
N TYR C 222 55.57 15.94 3.82
CA TYR C 222 55.50 14.48 3.64
C TYR C 222 56.89 13.84 3.64
N LEU C 223 57.85 14.43 2.92
CA LEU C 223 59.17 13.80 2.81
C LEU C 223 59.82 13.64 4.19
N ASN C 224 59.64 14.64 5.07
CA ASN C 224 60.23 14.58 6.40
C ASN C 224 59.51 13.59 7.30
N LEU C 225 58.18 13.54 7.23
CA LEU C 225 57.45 12.52 7.99
C LEU C 225 57.88 11.14 7.54
N HIS C 226 57.99 10.96 6.21
CA HIS C 226 58.35 9.67 5.63
C HIS C 226 59.71 9.19 6.13
N ALA C 227 60.72 10.05 6.10
CA ALA C 227 62.06 9.62 6.51
C ALA C 227 62.11 9.27 7.99
N PHE C 228 61.39 10.04 8.81
CA PHE C 228 61.34 9.80 10.26
C PHE C 228 60.70 8.45 10.56
N VAL C 229 59.59 8.13 9.91
CA VAL C 229 58.94 6.84 10.13
C VAL C 229 59.80 5.70 9.60
N ARG C 230 60.43 5.88 8.43
CA ARG C 230 61.29 4.84 7.86
C ARG C 230 62.43 4.46 8.82
N ARG C 231 62.99 5.46 9.50
CA ARG C 231 64.05 5.20 10.49
C ARG C 231 63.53 4.30 11.62
N ALA C 232 62.35 4.61 12.16
CA ALA C 232 61.80 3.77 13.23
C ALA C 232 61.57 2.35 12.73
N LEU C 233 61.06 2.19 11.51
CA LEU C 233 60.84 0.86 10.97
C LEU C 233 62.16 0.11 10.80
N HIS C 234 63.22 0.82 10.42
CA HIS C 234 64.54 0.21 10.30
C HIS C 234 65.00 -0.38 11.63
N ARG C 235 64.76 0.35 12.73
CA ARG C 235 65.12 -0.12 14.05
C ARG C 235 64.33 -1.37 14.45
N ARG C 236 63.08 -1.46 14.03
CA ARG C 236 62.22 -2.57 14.43
C ARG C 236 62.48 -3.81 13.58
N TYR C 237 62.67 -3.64 12.27
CA TYR C 237 62.69 -4.75 11.34
C TYR C 237 64.06 -5.06 10.77
N GLY C 238 64.99 -4.11 10.78
CA GLY C 238 66.35 -4.35 10.37
C GLY C 238 66.64 -4.06 8.90
N ASP C 239 67.94 -4.11 8.59
CA ASP C 239 68.43 -3.70 7.27
C ASP C 239 68.02 -4.64 6.14
N ARG C 240 67.68 -5.88 6.44
CA ARG C 240 67.24 -6.79 5.39
C ARG C 240 65.92 -6.33 4.80
N TYR C 241 65.05 -5.71 5.61
CA TYR C 241 63.70 -5.37 5.20
C TYR C 241 63.44 -3.88 5.05
N ILE C 242 64.35 -3.02 5.47
CA ILE C 242 64.18 -1.57 5.33
C ILE C 242 65.43 -0.97 4.71
N ASN C 243 65.26 -0.24 3.61
CA ASN C 243 66.34 0.45 2.92
C ASN C 243 66.22 1.93 3.25
N LEU C 244 67.21 2.47 3.96
CA LEU C 244 67.13 3.86 4.40
C LEU C 244 67.21 4.88 3.27
N ARG C 245 67.50 4.45 2.03
CA ARG C 245 67.46 5.34 0.86
C ARG C 245 66.50 4.83 -0.20
N GLY C 246 65.57 3.96 0.16
CA GLY C 246 64.60 3.44 -0.78
C GLY C 246 63.17 3.55 -0.28
N PRO C 247 62.22 3.07 -1.09
CA PRO C 247 60.80 3.14 -0.70
C PRO C 247 60.49 2.20 0.45
N ILE C 248 59.47 2.56 1.24
CA ILE C 248 59.04 1.74 2.37
C ILE C 248 58.17 0.59 1.88
N PRO C 249 58.37 -0.64 2.35
CA PRO C 249 57.44 -1.72 2.01
C PRO C 249 56.00 -1.39 2.40
N ALA C 250 55.06 -1.65 1.47
CA ALA C 250 53.71 -1.07 1.55
C ALA C 250 52.80 -1.68 2.63
N HIS C 251 53.24 -2.69 3.37
CA HIS C 251 52.38 -3.36 4.35
C HIS C 251 52.71 -3.00 5.79
N LEU C 252 53.64 -2.07 6.03
CA LEU C 252 54.20 -1.84 7.36
C LEU C 252 53.72 -0.57 8.05
N LEU C 253 52.75 0.14 7.47
CA LEU C 253 52.42 1.50 7.90
C LEU C 253 51.05 1.61 8.56
N GLY C 254 50.43 0.49 8.95
CA GLY C 254 49.24 0.52 9.78
C GLY C 254 47.93 0.34 9.06
N ASP C 255 47.94 0.22 7.73
CA ASP C 255 46.76 0.40 6.90
C ASP C 255 46.96 -0.41 5.62
N MET C 256 45.88 -1.06 5.13
CA MET C 256 46.00 -1.91 3.95
C MET C 256 46.52 -1.13 2.73
N TRP C 257 46.23 0.17 2.65
CA TRP C 257 46.63 1.00 1.51
C TRP C 257 47.77 1.96 1.85
N ALA C 258 48.34 1.82 3.06
CA ALA C 258 49.35 2.76 3.55
C ALA C 258 48.85 4.20 3.48
N GLN C 259 47.52 4.39 3.59
CA GLN C 259 46.96 5.70 3.28
C GLN C 259 46.92 6.64 4.47
N SER C 260 46.93 6.12 5.69
CA SER C 260 47.21 6.93 6.85
C SER C 260 47.90 6.02 7.86
N TRP C 261 48.73 6.64 8.71
CA TRP C 261 49.71 5.92 9.51
C TRP C 261 49.45 6.00 11.01
N GLU C 262 48.26 6.43 11.45
CA GLU C 262 48.02 6.60 12.89
C GLU C 262 48.12 5.30 13.68
N ASN C 263 47.92 4.15 13.05
CA ASN C 263 47.95 2.90 13.81
C ASN C 263 49.35 2.42 14.18
N ILE C 264 50.42 3.06 13.67
CA ILE C 264 51.79 2.77 14.13
C ILE C 264 52.33 3.88 15.03
N TYR C 265 51.46 4.72 15.57
CA TYR C 265 51.88 5.76 16.51
C TYR C 265 52.70 5.18 17.65
N ASP C 266 52.32 4.02 18.17
CA ASP C 266 52.98 3.47 19.35
C ASP C 266 54.41 3.00 19.05
N MET C 267 54.78 2.85 17.78
CA MET C 267 56.16 2.56 17.41
C MET C 267 57.02 3.80 17.18
N VAL C 268 56.42 4.97 16.94
CA VAL C 268 57.18 6.15 16.56
C VAL C 268 57.05 7.28 17.56
N VAL C 269 56.18 7.17 18.56
CA VAL C 269 55.97 8.25 19.52
C VAL C 269 57.31 8.64 20.12
N PRO C 270 57.72 9.91 20.01
CA PRO C 270 59.06 10.29 20.55
C PRO C 270 59.16 10.20 22.07
N PHE C 271 58.10 10.52 22.82
CA PHE C 271 58.18 10.66 24.28
C PHE C 271 57.12 9.77 24.93
N PRO C 272 57.36 8.46 24.97
CA PRO C 272 56.30 7.52 25.41
C PRO C 272 55.92 7.63 26.89
N ASP C 273 56.68 8.36 27.71
CA ASP C 273 56.33 8.52 29.11
C ASP C 273 55.21 9.53 29.33
N LYS C 274 54.80 10.26 28.31
CA LYS C 274 53.71 11.23 28.41
C LYS C 274 52.39 10.49 28.28
N PRO C 275 51.25 11.18 28.47
CA PRO C 275 49.97 10.47 28.39
C PRO C 275 49.78 9.82 27.03
N ASN C 276 49.16 8.63 27.05
CA ASN C 276 48.90 7.87 25.84
C ASN C 276 47.71 8.51 25.10
N LEU C 277 47.97 9.08 23.93
CA LEU C 277 46.96 9.78 23.16
C LEU C 277 46.04 8.86 22.38
N ASP C 278 46.30 7.55 22.38
CA ASP C 278 45.37 6.58 21.80
C ASP C 278 44.43 6.12 22.91
N VAL C 279 43.19 6.58 22.86
CA VAL C 279 42.25 6.39 23.97
C VAL C 279 41.42 5.13 23.80
N THR C 280 41.81 4.25 22.86
CA THR C 280 41.01 3.06 22.58
C THR C 280 40.81 2.21 23.83
N SER C 281 41.89 1.97 24.60
CA SER C 281 41.77 1.09 25.75
C SER C 281 40.81 1.65 26.79
N THR C 282 40.78 2.97 26.93
CA THR C 282 39.84 3.59 27.86
C THR C 282 38.39 3.45 27.38
N MET C 283 38.16 3.58 26.06
CA MET C 283 36.82 3.36 25.52
C MET C 283 36.32 1.96 25.86
N LEU C 284 37.17 0.95 25.70
CA LEU C 284 36.77 -0.43 25.99
C LEU C 284 36.55 -0.64 27.49
N GLN C 285 37.44 -0.07 28.31
CA GLN C 285 37.30 -0.18 29.75
C GLN C 285 35.98 0.42 30.24
N GLN C 286 35.57 1.57 29.69
CA GLN C 286 34.35 2.24 30.09
C GLN C 286 33.10 1.62 29.47
N GLY C 287 33.24 0.64 28.59
CA GLY C 287 32.06 0.01 28.02
C GLY C 287 31.42 0.76 26.88
N TRP C 288 32.18 1.57 26.14
CA TRP C 288 31.62 2.21 24.95
C TRP C 288 31.15 1.15 23.95
N GLN C 289 30.03 1.43 23.30
CA GLN C 289 29.50 0.65 22.18
C GLN C 289 29.26 1.58 21.01
N ALA C 290 28.86 1.00 19.87
CA ALA C 290 28.63 1.80 18.66
C ALA C 290 27.61 2.92 18.92
N THR C 291 26.49 2.62 19.56
CA THR C 291 25.46 3.66 19.76
C THR C 291 26.00 4.83 20.55
N HIS C 292 26.83 4.56 21.56
CA HIS C 292 27.40 5.65 22.36
C HIS C 292 28.29 6.54 21.52
N MET C 293 29.04 5.95 20.58
CA MET C 293 29.90 6.74 19.70
C MET C 293 29.08 7.69 18.83
N PHE C 294 27.96 7.19 18.27
CA PHE C 294 27.10 8.04 17.45
C PHE C 294 26.42 9.11 18.30
N ARG C 295 26.04 8.78 19.55
CA ARG C 295 25.38 9.78 20.41
C ARG C 295 26.34 10.88 20.85
N VAL C 296 27.60 10.52 21.11
CA VAL C 296 28.59 11.53 21.46
C VAL C 296 28.87 12.43 20.26
N ALA C 297 28.92 11.86 19.04
CA ALA C 297 29.09 12.71 17.86
C ALA C 297 27.89 13.63 17.65
N GLU C 298 26.67 13.09 17.77
CA GLU C 298 25.47 13.90 17.64
C GLU C 298 25.50 15.11 18.58
N GLU C 299 25.97 14.90 19.82
CA GLU C 299 25.90 15.98 20.79
C GLU C 299 26.87 17.11 20.46
N PHE C 300 28.00 16.81 19.79
CA PHE C 300 28.85 17.90 19.33
C PHE C 300 28.10 18.78 18.34
N PHE C 301 27.37 18.16 17.41
CA PHE C 301 26.58 18.92 16.43
C PHE C 301 25.53 19.79 17.12
N THR C 302 24.78 19.23 18.08
CA THR C 302 23.76 20.06 18.73
C THR C 302 24.37 21.15 19.60
N SER C 303 25.59 20.96 20.10
CA SER C 303 26.27 22.00 20.87
C SER C 303 26.52 23.24 20.02
N LEU C 304 26.61 23.06 18.70
CA LEU C 304 26.74 24.15 17.74
C LEU C 304 25.40 24.70 17.28
N GLU C 305 24.30 24.21 17.85
CA GLU C 305 22.94 24.53 17.39
C GLU C 305 22.70 24.09 15.95
N LEU C 306 23.33 22.98 15.55
CA LEU C 306 22.94 22.24 14.36
C LEU C 306 21.94 21.15 14.75
N SER C 307 21.48 20.35 13.76
CA SER C 307 20.31 19.50 14.01
C SER C 307 20.69 18.17 14.64
N PRO C 308 19.86 17.66 15.56
CA PRO C 308 20.02 16.26 16.00
C PRO C 308 19.64 15.31 14.88
N MET C 309 20.00 14.04 15.06
CA MET C 309 19.56 12.99 14.14
C MET C 309 18.08 12.67 14.40
N PRO C 310 17.26 12.55 13.36
CA PRO C 310 15.82 12.28 13.57
C PRO C 310 15.56 10.82 13.89
N PRO C 311 14.34 10.49 14.39
CA PRO C 311 14.02 9.09 14.73
C PRO C 311 14.23 8.12 13.58
N GLU C 312 13.91 8.55 12.36
CA GLU C 312 14.09 7.69 11.19
C GLU C 312 15.55 7.27 11.03
N PHE C 313 16.50 8.11 11.44
CA PHE C 313 17.91 7.74 11.39
C PHE C 313 18.23 6.61 12.36
N TRP C 314 17.77 6.72 13.61
CA TRP C 314 18.09 5.69 14.60
C TRP C 314 17.36 4.38 14.32
N GLU C 315 16.14 4.45 13.80
CA GLU C 315 15.39 3.23 13.55
C GLU C 315 15.84 2.52 12.27
N GLY C 316 16.35 3.25 11.29
CA GLY C 316 16.70 2.64 9.99
C GLY C 316 18.16 2.32 9.75
N SER C 317 19.08 2.94 10.49
CA SER C 317 20.50 2.78 10.20
C SER C 317 21.01 1.38 10.61
N MET C 318 22.13 0.98 10.01
CA MET C 318 22.85 -0.24 10.37
C MET C 318 24.17 0.19 10.99
N LEU C 319 24.25 0.13 12.33
CA LEU C 319 25.40 0.68 13.04
C LEU C 319 26.37 -0.39 13.55
N GLU C 320 26.05 -1.67 13.36
CA GLU C 320 26.99 -2.75 13.63
C GLU C 320 26.90 -3.80 12.52
N LYS C 321 27.99 -4.54 12.34
CA LYS C 321 27.98 -5.66 11.41
C LYS C 321 26.95 -6.70 11.86
N PRO C 322 26.04 -7.14 10.99
CA PRO C 322 25.03 -8.11 11.42
C PRO C 322 25.67 -9.42 11.87
N ALA C 323 25.14 -9.97 12.96
CA ALA C 323 25.65 -11.22 13.51
C ALA C 323 24.94 -12.45 12.95
N ASP C 324 23.92 -12.27 12.13
CA ASP C 324 23.25 -13.39 11.49
C ASP C 324 24.01 -13.93 10.27
N GLY C 325 25.24 -13.47 10.05
CA GLY C 325 26.05 -13.93 8.95
C GLY C 325 25.70 -13.36 7.59
N ARG C 326 24.65 -12.55 7.47
CA ARG C 326 24.38 -11.79 6.25
C ARG C 326 25.68 -11.31 5.63
N GLU C 327 25.77 -11.34 4.30
CA GLU C 327 26.83 -10.61 3.60
C GLU C 327 26.38 -9.16 3.41
N VAL C 328 27.24 -8.21 3.80
CA VAL C 328 26.94 -6.79 3.65
C VAL C 328 28.17 -6.06 3.12
N VAL C 329 27.93 -4.86 2.60
CA VAL C 329 29.00 -3.90 2.32
C VAL C 329 29.37 -3.23 3.64
N CYS C 330 30.53 -3.59 4.20
CA CYS C 330 30.91 -3.00 5.50
C CYS C 330 31.51 -1.60 5.38
N HIS C 331 32.06 -1.23 4.22
CA HIS C 331 32.68 0.10 4.09
C HIS C 331 31.67 1.19 4.45
N ALA C 332 32.06 2.03 5.42
CA ALA C 332 31.13 3.00 6.01
C ALA C 332 30.59 4.01 5.00
N SER C 333 29.29 4.30 5.05
CA SER C 333 28.70 5.24 4.11
C SER C 333 27.44 5.91 4.67
N ALA C 334 27.13 7.10 4.12
CA ALA C 334 25.99 7.92 4.50
C ALA C 334 25.00 8.03 3.35
N TRP C 335 23.70 8.07 3.69
CA TRP C 335 22.62 7.84 2.73
C TRP C 335 21.55 8.92 2.83
N ASP C 336 21.32 9.64 1.72
CA ASP C 336 20.18 10.55 1.54
C ASP C 336 19.15 9.88 0.64
N PHE C 337 17.92 9.70 1.13
CA PHE C 337 16.91 8.99 0.34
C PHE C 337 16.08 9.92 -0.54
N TYR C 338 16.36 11.22 -0.50
CA TYR C 338 15.71 12.23 -1.35
C TYR C 338 14.21 12.38 -1.10
N ASN C 339 13.71 11.95 0.06
CA ASN C 339 12.31 12.18 0.42
C ASN C 339 12.17 13.16 1.59
N ARG C 340 13.27 13.81 1.99
N ARG C 340 13.26 13.81 1.99
CA ARG C 340 13.33 14.79 3.06
CA ARG C 340 13.32 14.79 3.07
C ARG C 340 13.10 14.18 4.45
C ARG C 340 13.11 14.18 4.47
N LYS C 341 12.96 12.85 4.56
CA LYS C 341 12.63 12.22 5.85
C LYS C 341 13.59 11.11 6.25
N ASP C 342 14.00 10.26 5.31
CA ASP C 342 14.88 9.14 5.63
C ASP C 342 16.33 9.51 5.31
N PHE C 343 17.20 9.34 6.32
CA PHE C 343 18.64 9.59 6.25
C PHE C 343 19.28 8.51 7.12
N ARG C 344 20.35 7.85 6.63
CA ARG C 344 20.89 6.68 7.33
C ARG C 344 22.42 6.58 7.17
N ILE C 345 23.07 5.97 8.16
CA ILE C 345 24.46 5.52 8.04
C ILE C 345 24.49 3.99 8.07
N LYS C 346 25.38 3.40 7.27
CA LYS C 346 25.64 1.96 7.20
C LYS C 346 27.13 1.75 7.51
N GLN C 347 27.43 1.28 8.72
CA GLN C 347 28.82 1.16 9.18
C GLN C 347 28.96 -0.07 10.07
N CYS C 348 30.00 -0.88 9.81
CA CYS C 348 30.34 -2.02 10.67
C CYS C 348 31.25 -1.54 11.81
N THR C 349 30.65 -0.72 12.68
CA THR C 349 31.41 0.04 13.66
C THR C 349 32.18 -0.86 14.63
N ARG C 350 33.45 -0.51 14.86
CA ARG C 350 34.30 -1.10 15.88
C ARG C 350 34.66 -0.03 16.91
N VAL C 351 34.92 -0.47 18.14
CA VAL C 351 35.16 0.46 19.27
C VAL C 351 36.65 0.79 19.31
N THR C 352 37.04 1.86 18.61
CA THR C 352 38.40 2.36 18.58
C THR C 352 38.38 3.87 18.36
N MET C 353 39.52 4.50 18.64
CA MET C 353 39.63 5.95 18.45
C MET C 353 39.53 6.34 16.98
N ASP C 354 40.17 5.62 16.06
CA ASP C 354 40.05 6.10 14.69
C ASP C 354 38.65 5.83 14.13
N GLN C 355 37.93 4.84 14.66
CA GLN C 355 36.52 4.65 14.31
C GLN C 355 35.62 5.78 14.83
N LEU C 356 35.97 6.38 15.97
CA LEU C 356 35.21 7.54 16.44
C LEU C 356 35.34 8.69 15.46
N SER C 357 36.53 8.87 14.87
CA SER C 357 36.69 9.86 13.81
C SER C 357 35.84 9.52 12.60
N THR C 358 35.81 8.23 12.19
CA THR C 358 34.97 7.83 11.05
C THR C 358 33.48 8.10 11.31
N VAL C 359 33.02 7.88 12.53
CA VAL C 359 31.62 8.21 12.87
C VAL C 359 31.36 9.70 12.64
N HIS C 360 32.28 10.56 13.07
CA HIS C 360 32.10 12.00 12.86
C HIS C 360 32.10 12.33 11.36
N HIS C 361 33.00 11.69 10.59
CA HIS C 361 33.04 11.90 9.14
C HIS C 361 31.67 11.62 8.51
N GLU C 362 31.11 10.44 8.80
CA GLU C 362 29.82 10.06 8.22
C GLU C 362 28.69 10.96 8.72
N MET C 363 28.68 11.31 10.00
CA MET C 363 27.61 12.18 10.50
C MET C 363 27.69 13.57 9.89
N GLY C 364 28.89 14.02 9.49
CA GLY C 364 28.99 15.27 8.75
C GLY C 364 28.19 15.25 7.45
N HIS C 365 28.24 14.11 6.73
CA HIS C 365 27.42 13.97 5.51
C HIS C 365 25.94 14.08 5.84
N ILE C 366 25.47 13.35 6.87
CA ILE C 366 24.06 13.41 7.27
C ILE C 366 23.66 14.84 7.61
N GLN C 367 24.48 15.57 8.35
CA GLN C 367 24.12 16.93 8.72
C GLN C 367 23.94 17.82 7.48
N TYR C 368 24.80 17.65 6.47
CA TYR C 368 24.61 18.36 5.20
C TYR C 368 23.25 18.05 4.62
N TYR C 369 22.89 16.75 4.56
CA TYR C 369 21.61 16.35 3.99
C TYR C 369 20.44 17.01 4.73
N LEU C 370 20.50 17.04 6.06
CA LEU C 370 19.41 17.63 6.84
C LEU C 370 19.26 19.12 6.56
N GLN C 371 20.38 19.82 6.37
CA GLN C 371 20.34 21.28 6.21
C GLN C 371 19.89 21.72 4.83
N TYR C 372 20.11 20.93 3.76
CA TYR C 372 19.71 21.37 2.43
C TYR C 372 18.52 20.58 1.88
N LYS C 373 17.77 19.88 2.73
CA LYS C 373 16.73 18.96 2.27
C LYS C 373 15.57 19.65 1.56
N ASP C 374 15.37 20.96 1.78
CA ASP C 374 14.25 21.65 1.15
C ASP C 374 14.62 22.36 -0.14
N LEU C 375 15.87 22.25 -0.61
CA LEU C 375 16.20 22.71 -1.95
C LEU C 375 15.68 21.72 -2.99
N PRO C 376 15.54 22.16 -4.24
CA PRO C 376 15.24 21.21 -5.32
C PRO C 376 16.32 20.13 -5.38
N VAL C 377 15.91 18.91 -5.79
CA VAL C 377 16.83 17.77 -5.68
C VAL C 377 18.14 18.05 -6.38
N SER C 378 18.12 18.76 -7.52
CA SER C 378 19.35 18.95 -8.27
C SER C 378 20.40 19.72 -7.48
N LEU C 379 19.99 20.47 -6.45
CA LEU C 379 20.91 21.29 -5.65
C LEU C 379 21.25 20.66 -4.30
N ARG C 380 20.81 19.42 -4.06
CA ARG C 380 21.11 18.71 -2.81
C ARG C 380 22.47 17.99 -2.93
N ARG C 381 23.52 18.81 -2.95
CA ARG C 381 24.92 18.36 -2.93
C ARG C 381 25.76 19.43 -2.27
N GLY C 382 27.04 19.11 -2.08
CA GLY C 382 27.95 20.07 -1.49
C GLY C 382 28.30 21.17 -2.47
N ALA C 383 28.81 22.30 -1.97
CA ALA C 383 29.19 23.37 -2.89
C ALA C 383 30.17 22.85 -3.93
N ASN C 384 31.12 22.02 -3.52
CA ASN C 384 31.73 21.05 -4.41
C ASN C 384 31.97 19.77 -3.59
N PRO C 385 32.37 18.66 -4.22
CA PRO C 385 32.47 17.40 -3.45
C PRO C 385 33.46 17.45 -2.30
N GLY C 386 34.51 18.27 -2.38
CA GLY C 386 35.42 18.41 -1.26
C GLY C 386 34.76 19.02 -0.03
N PHE C 387 33.81 19.93 -0.23
CA PHE C 387 33.04 20.49 0.89
C PHE C 387 32.34 19.38 1.68
N HIS C 388 31.68 18.46 0.97
CA HIS C 388 30.93 17.40 1.64
C HIS C 388 31.86 16.56 2.50
N GLU C 389 33.06 16.28 2.01
CA GLU C 389 34.01 15.46 2.76
C GLU C 389 34.60 16.17 3.97
N ALA C 390 34.62 17.51 3.99
CA ALA C 390 35.32 18.23 5.03
C ALA C 390 34.49 18.45 6.29
N ILE C 391 33.16 18.37 6.21
CA ILE C 391 32.31 18.83 7.34
C ILE C 391 32.61 18.05 8.60
N GLY C 392 32.54 16.71 8.53
CA GLY C 392 32.71 15.90 9.72
C GLY C 392 34.14 15.94 10.24
N ASP C 393 35.12 15.99 9.32
CA ASP C 393 36.53 16.05 9.73
C ASP C 393 36.80 17.31 10.55
N VAL C 394 36.16 18.42 10.23
CA VAL C 394 36.42 19.67 10.95
C VAL C 394 36.03 19.54 12.42
N LEU C 395 34.85 18.95 12.69
CA LEU C 395 34.47 18.70 14.08
C LEU C 395 35.45 17.74 14.75
N ALA C 396 35.93 16.73 14.01
CA ALA C 396 36.84 15.76 14.59
C ALA C 396 38.18 16.35 14.94
N LEU C 397 38.59 17.44 14.29
CA LEU C 397 39.82 18.13 14.69
C LEU C 397 39.68 18.71 16.10
N SER C 398 38.52 19.29 16.42
CA SER C 398 38.29 19.75 17.80
C SER C 398 38.20 18.58 18.77
N VAL C 399 37.51 17.50 18.39
CA VAL C 399 37.29 16.38 19.30
C VAL C 399 38.61 15.72 19.72
N SER C 400 39.59 15.66 18.82
CA SER C 400 40.81 14.91 19.12
C SER C 400 41.78 15.68 20.02
N THR C 401 41.61 16.98 20.23
CA THR C 401 42.51 17.71 21.13
C THR C 401 42.51 17.08 22.50
N PRO C 402 43.67 16.98 23.17
CA PRO C 402 43.70 16.44 24.54
C PRO C 402 42.76 17.15 25.49
N GLU C 403 42.54 18.45 25.30
CA GLU C 403 41.61 19.18 26.14
C GLU C 403 40.18 18.67 25.97
N HIS C 404 39.76 18.46 24.72
CA HIS C 404 38.40 17.95 24.53
C HIS C 404 38.27 16.53 25.02
N LEU C 405 39.28 15.70 24.76
CA LEU C 405 39.24 14.32 25.24
C LEU C 405 39.12 14.28 26.78
N HIS C 406 39.77 15.22 27.46
CA HIS C 406 39.60 15.32 28.90
C HIS C 406 38.17 15.72 29.26
N LYS C 407 37.58 16.66 28.52
CA LYS C 407 36.21 17.07 28.79
C LYS C 407 35.23 15.91 28.70
N ILE C 408 35.45 14.95 27.82
CA ILE C 408 34.50 13.85 27.64
C ILE C 408 34.97 12.59 28.34
N GLY C 409 35.93 12.70 29.25
CA GLY C 409 36.28 11.59 30.12
C GLY C 409 37.19 10.54 29.52
N LEU C 410 37.87 10.84 28.40
CA LEU C 410 38.72 9.87 27.73
C LEU C 410 40.21 10.11 27.98
N LEU C 411 40.58 11.15 28.72
CA LEU C 411 41.99 11.40 29.00
C LEU C 411 42.07 12.09 30.36
N ASP C 412 42.40 11.32 31.39
CA ASP C 412 42.44 11.83 32.75
C ASP C 412 43.67 12.71 32.97
N ARG C 413 44.85 12.18 32.69
CA ARG C 413 46.07 12.91 32.90
C ARG C 413 46.14 14.11 31.96
N VAL C 414 46.61 15.24 32.48
CA VAL C 414 46.66 16.50 31.75
C VAL C 414 48.09 17.01 31.76
N THR C 415 48.56 17.49 30.61
CA THR C 415 49.89 18.05 30.48
C THR C 415 49.88 19.10 29.37
N ASN C 416 50.69 20.15 29.55
CA ASN C 416 50.84 21.18 28.53
C ASN C 416 52.31 21.60 28.46
N ASP C 417 53.14 20.72 27.89
CA ASP C 417 54.56 20.97 27.73
C ASP C 417 54.92 20.70 26.27
N THR C 418 56.16 21.04 25.90
CA THR C 418 56.54 20.95 24.49
C THR C 418 56.59 19.51 24.02
N GLU C 419 56.98 18.57 24.89
CA GLU C 419 56.95 17.16 24.49
C GLU C 419 55.54 16.70 24.18
N SER C 420 54.56 17.14 24.98
CA SER C 420 53.17 16.76 24.75
C SER C 420 52.63 17.35 23.44
N ASP C 421 53.02 18.60 23.12
CA ASP C 421 52.60 19.18 21.86
C ASP C 421 53.16 18.39 20.68
N ILE C 422 54.43 17.98 20.74
CA ILE C 422 55.04 17.23 19.65
C ILE C 422 54.38 15.88 19.50
N ASN C 423 54.06 15.22 20.62
CA ASN C 423 53.39 13.94 20.56
C ASN C 423 52.06 14.05 19.81
N TYR C 424 51.25 15.07 20.16
CA TYR C 424 49.94 15.24 19.54
C TYR C 424 50.05 15.60 18.06
N LEU C 425 50.86 16.59 17.72
CA LEU C 425 50.96 17.00 16.32
C LEU C 425 51.54 15.90 15.45
N LEU C 426 52.43 15.08 15.99
CA LEU C 426 52.91 13.92 15.25
C LEU C 426 51.79 12.94 14.97
N LYS C 427 50.96 12.68 15.98
CA LYS C 427 49.83 11.78 15.78
C LYS C 427 48.90 12.34 14.70
N MET C 428 48.64 13.64 14.73
CA MET C 428 47.77 14.22 13.70
C MET C 428 48.45 14.21 12.33
N ALA C 429 49.79 14.34 12.29
CA ALA C 429 50.47 14.29 11.01
C ALA C 429 50.40 12.90 10.41
N LEU C 430 50.47 11.85 11.25
CA LEU C 430 50.33 10.48 10.74
C LEU C 430 48.97 10.27 10.09
N GLU C 431 47.93 10.92 10.61
CA GLU C 431 46.57 10.79 10.10
C GLU C 431 46.33 11.66 8.87
N LYS C 432 46.89 12.86 8.85
CA LYS C 432 46.53 13.87 7.86
C LYS C 432 47.59 14.07 6.79
N ILE C 433 48.87 14.21 7.18
CA ILE C 433 49.92 14.49 6.19
C ILE C 433 50.25 13.25 5.37
N ALA C 434 50.31 12.05 6.00
CA ALA C 434 50.59 10.83 5.26
C ALA C 434 49.58 10.56 4.14
N PHE C 435 48.33 11.02 4.32
CA PHE C 435 47.27 10.79 3.35
C PHE C 435 47.44 11.62 2.07
N LEU C 436 48.05 12.80 2.17
CA LEU C 436 48.04 13.74 1.04
C LEU C 436 48.52 13.12 -0.27
N PRO C 437 49.67 12.46 -0.35
CA PRO C 437 50.07 11.85 -1.64
C PRO C 437 49.07 10.82 -2.16
N PHE C 438 48.49 10.01 -1.28
CA PHE C 438 47.50 9.00 -1.71
C PHE C 438 46.23 9.68 -2.22
N GLY C 439 45.71 10.67 -1.49
CA GLY C 439 44.54 11.40 -1.95
C GLY C 439 44.74 12.05 -3.31
N TYR C 440 45.97 12.44 -3.62
CA TYR C 440 46.29 13.08 -4.89
C TYR C 440 46.44 12.06 -6.03
N LEU C 441 47.01 10.90 -5.76
CA LEU C 441 47.42 10.01 -6.87
C LEU C 441 46.28 9.14 -7.43
N VAL C 442 45.25 8.82 -6.63
CA VAL C 442 44.27 7.82 -7.06
C VAL C 442 43.58 8.25 -8.35
N ASP C 443 43.10 9.50 -8.41
CA ASP C 443 42.43 9.91 -9.64
C ASP C 443 43.42 10.31 -10.74
N GLN C 444 44.70 10.54 -10.45
CA GLN C 444 45.67 10.64 -11.54
C GLN C 444 45.74 9.33 -12.29
N TRP C 445 45.69 8.20 -11.55
CA TRP C 445 45.64 6.91 -12.20
C TRP C 445 44.34 6.77 -13.01
N ARG C 446 43.21 7.08 -12.40
CA ARG C 446 41.93 6.82 -13.05
C ARG C 446 41.68 7.78 -14.21
N TRP C 447 42.13 9.04 -14.11
CA TRP C 447 42.03 9.95 -15.25
C TRP C 447 42.81 9.43 -16.44
N GLY C 448 43.99 8.83 -16.21
CA GLY C 448 44.76 8.24 -17.29
C GLY C 448 44.11 7.00 -17.87
N VAL C 449 43.41 6.23 -17.04
CA VAL C 449 42.65 5.11 -17.59
C VAL C 449 41.50 5.62 -18.47
N PHE C 450 40.73 6.60 -17.98
CA PHE C 450 39.59 7.10 -18.74
C PHE C 450 40.03 7.74 -20.06
N SER C 451 41.19 8.42 -20.07
CA SER C 451 41.67 9.10 -21.26
C SER C 451 42.30 8.16 -22.28
N GLY C 452 42.59 6.91 -21.92
CA GLY C 452 43.27 6.00 -22.80
C GLY C 452 44.79 6.02 -22.72
N ARG C 453 45.39 6.95 -21.95
CA ARG C 453 46.84 6.91 -21.79
C ARG C 453 47.30 5.65 -21.07
N THR C 454 46.48 5.09 -20.18
CA THR C 454 46.77 3.85 -19.48
C THR C 454 45.82 2.76 -19.98
N PRO C 455 46.21 1.93 -20.94
CA PRO C 455 45.37 0.80 -21.34
C PRO C 455 45.46 -0.34 -20.35
N PRO C 456 44.59 -1.34 -20.47
CA PRO C 456 44.66 -2.50 -19.57
C PRO C 456 46.04 -3.13 -19.46
N SER C 457 46.81 -3.15 -20.54
CA SER C 457 48.14 -3.74 -20.50
C SER C 457 49.10 -3.03 -19.57
N ARG C 458 48.74 -1.84 -19.03
CA ARG C 458 49.60 -1.10 -18.11
C ARG C 458 48.85 -0.66 -16.84
N TYR C 459 47.71 -1.30 -16.49
CA TYR C 459 46.99 -0.91 -15.27
C TYR C 459 47.88 -0.94 -14.03
N ASN C 460 48.63 -2.05 -13.83
CA ASN C 460 49.43 -2.20 -12.62
C ASN C 460 50.77 -1.49 -12.71
N PHE C 461 51.42 -1.54 -13.87
CA PHE C 461 52.65 -0.76 -14.12
C PHE C 461 52.45 0.72 -13.78
N ASP C 462 51.34 1.32 -14.24
CA ASP C 462 51.12 2.74 -14.00
C ASP C 462 50.62 3.03 -12.59
N TRP C 463 49.88 2.11 -11.96
CA TRP C 463 49.54 2.26 -10.55
C TRP C 463 50.80 2.33 -9.69
N TRP C 464 51.71 1.37 -9.86
CA TRP C 464 52.87 1.33 -8.98
C TRP C 464 53.87 2.42 -9.32
N TYR C 465 53.93 2.90 -10.58
CA TYR C 465 54.68 4.12 -10.87
C TYR C 465 54.20 5.29 -9.98
N LEU C 466 52.89 5.51 -9.91
CA LEU C 466 52.34 6.61 -9.12
C LEU C 466 52.48 6.38 -7.61
N ARG C 467 52.26 5.15 -7.15
CA ARG C 467 52.44 4.87 -5.72
C ARG C 467 53.87 5.17 -5.26
N THR C 468 54.86 4.76 -6.07
CA THR C 468 56.26 5.05 -5.73
C THR C 468 56.56 6.54 -5.87
N LYS C 469 56.11 7.16 -6.98
CA LYS C 469 56.40 8.57 -7.23
C LYS C 469 55.94 9.46 -6.08
N TYR C 470 54.71 9.27 -5.62
CA TYR C 470 54.12 10.16 -4.62
C TYR C 470 54.26 9.66 -3.18
N GLN C 471 53.92 8.40 -2.89
CA GLN C 471 53.99 7.92 -1.51
C GLN C 471 55.37 7.37 -1.11
N GLY C 472 56.23 7.04 -2.07
CA GLY C 472 57.51 6.43 -1.68
C GLY C 472 57.37 5.07 -1.03
N ILE C 473 56.49 4.21 -1.57
CA ILE C 473 56.33 2.85 -1.09
C ILE C 473 56.55 1.89 -2.27
N CYS C 474 56.74 0.61 -1.95
CA CYS C 474 56.95 -0.43 -2.94
C CYS C 474 56.21 -1.69 -2.52
N PRO C 475 55.79 -2.52 -3.48
CA PRO C 475 55.10 -3.75 -3.13
C PRO C 475 56.05 -4.73 -2.45
N PRO C 476 55.61 -5.42 -1.40
CA PRO C 476 56.52 -6.30 -0.65
C PRO C 476 56.66 -7.70 -1.22
N VAL C 477 55.87 -8.05 -2.24
CA VAL C 477 56.09 -9.21 -3.11
C VAL C 477 56.01 -8.73 -4.55
N THR C 478 56.59 -9.51 -5.47
CA THR C 478 56.64 -9.11 -6.86
C THR C 478 55.22 -9.08 -7.44
N ARG C 479 54.93 -8.04 -8.23
CA ARG C 479 53.64 -7.91 -8.91
C ARG C 479 53.86 -7.87 -10.43
N ASN C 480 52.80 -8.23 -11.17
CA ASN C 480 52.80 -8.17 -12.63
C ASN C 480 51.38 -7.83 -13.11
N GLU C 481 51.17 -7.83 -14.43
CA GLU C 481 49.89 -7.35 -14.96
C GLU C 481 48.74 -8.33 -14.83
N THR C 482 48.97 -9.53 -14.29
CA THR C 482 47.83 -10.35 -13.87
C THR C 482 47.18 -9.76 -12.63
N HIS C 483 47.96 -9.06 -11.82
CA HIS C 483 47.47 -8.34 -10.66
C HIS C 483 46.79 -7.04 -11.07
N PHE C 484 45.79 -6.60 -10.26
CA PHE C 484 45.05 -5.37 -10.48
C PHE C 484 44.89 -4.70 -9.11
N ASP C 485 46.00 -4.15 -8.61
CA ASP C 485 46.07 -3.70 -7.23
C ASP C 485 45.25 -2.42 -7.00
N ALA C 486 45.02 -1.61 -8.03
CA ALA C 486 44.08 -0.50 -7.89
C ALA C 486 42.68 -1.00 -7.54
N GLY C 487 42.32 -2.18 -8.05
CA GLY C 487 41.00 -2.72 -7.82
C GLY C 487 40.74 -3.19 -6.40
N ALA C 488 41.80 -3.37 -5.61
CA ALA C 488 41.69 -3.76 -4.21
C ALA C 488 41.45 -2.58 -3.26
N LYS C 489 41.16 -1.39 -3.79
CA LYS C 489 40.76 -0.22 -3.02
C LYS C 489 39.28 0.10 -3.31
N PHE C 490 38.47 0.24 -2.26
CA PHE C 490 37.00 0.33 -2.36
C PHE C 490 36.49 1.19 -3.52
N HIS C 491 36.98 2.43 -3.61
CA HIS C 491 36.37 3.41 -4.51
C HIS C 491 36.52 3.07 -5.99
N VAL C 492 37.43 2.18 -6.35
CA VAL C 492 37.66 1.85 -7.76
C VAL C 492 36.51 0.96 -8.27
N PRO C 493 36.31 -0.25 -7.74
CA PRO C 493 35.14 -1.04 -8.16
C PRO C 493 33.79 -0.41 -7.80
N ASN C 494 33.71 0.43 -6.75
CA ASN C 494 32.45 1.07 -6.42
C ASN C 494 32.28 2.44 -7.09
N VAL C 495 33.18 2.81 -8.00
CA VAL C 495 33.05 3.96 -8.88
C VAL C 495 32.69 5.22 -8.14
N THR C 496 33.47 5.53 -7.10
CA THR C 496 33.38 6.80 -6.40
C THR C 496 34.63 7.61 -6.67
N PRO C 497 34.52 8.86 -7.17
CA PRO C 497 35.71 9.69 -7.37
C PRO C 497 36.45 9.96 -6.05
N TYR C 498 37.76 10.25 -6.16
CA TYR C 498 38.67 10.33 -5.03
C TYR C 498 39.32 11.71 -4.82
N ILE C 499 39.41 12.57 -5.84
CA ILE C 499 40.14 13.82 -5.66
C ILE C 499 39.46 14.68 -4.60
N ARG C 500 38.15 14.46 -4.38
CA ARG C 500 37.41 15.10 -3.28
C ARG C 500 38.12 15.00 -1.94
N TYR C 501 38.82 13.88 -1.69
CA TYR C 501 39.47 13.69 -0.40
C TYR C 501 40.76 14.52 -0.28
N PHE C 502 41.52 14.64 -1.35
CA PHE C 502 42.67 15.55 -1.33
C PHE C 502 42.21 17.00 -1.10
N VAL C 503 41.20 17.45 -1.85
CA VAL C 503 40.66 18.79 -1.65
C VAL C 503 40.23 18.98 -0.21
N SER C 504 39.53 17.98 0.34
CA SER C 504 39.01 18.07 1.70
C SER C 504 40.12 18.20 2.73
N PHE C 505 41.21 17.44 2.58
CA PHE C 505 42.24 17.46 3.63
C PHE C 505 42.97 18.80 3.68
N VAL C 506 42.94 19.57 2.59
CA VAL C 506 43.44 20.95 2.62
C VAL C 506 42.37 21.90 3.16
N LEU C 507 41.17 21.80 2.59
CA LEU C 507 40.07 22.69 2.93
C LEU C 507 39.72 22.64 4.42
N GLN C 508 39.73 21.45 5.03
CA GLN C 508 39.22 21.36 6.41
C GLN C 508 40.04 22.20 7.38
N PHE C 509 41.33 22.45 7.07
CA PHE C 509 42.12 23.33 7.93
C PHE C 509 41.78 24.80 7.68
N GLN C 510 41.39 25.16 6.46
CA GLN C 510 40.83 26.49 6.21
C GLN C 510 39.55 26.69 7.01
N PHE C 511 38.67 25.70 6.99
CA PHE C 511 37.44 25.78 7.77
C PHE C 511 37.76 25.93 9.25
N HIS C 512 38.68 25.10 9.75
CA HIS C 512 39.03 25.10 11.17
C HIS C 512 39.55 26.46 11.60
N GLU C 513 40.43 27.08 10.81
CA GLU C 513 40.95 28.39 11.18
C GLU C 513 39.83 29.43 11.27
N ALA C 514 38.92 29.43 10.29
CA ALA C 514 37.85 30.42 10.27
C ALA C 514 36.86 30.23 11.41
N LEU C 515 36.50 28.98 11.72
CA LEU C 515 35.55 28.73 12.80
C LEU C 515 36.17 29.03 14.15
N CYS C 516 37.47 28.77 14.30
CA CYS C 516 38.16 29.09 15.54
C CYS C 516 38.24 30.60 15.76
N LYS C 517 38.47 31.34 14.67
CA LYS C 517 38.44 32.79 14.76
C LYS C 517 37.04 33.29 15.13
N GLU C 518 36.01 32.74 14.47
CA GLU C 518 34.65 33.17 14.74
C GLU C 518 34.22 32.83 16.16
N ALA C 519 34.79 31.77 16.75
CA ALA C 519 34.45 31.40 18.12
C ALA C 519 35.13 32.27 19.17
N GLY C 520 36.04 33.15 18.76
CA GLY C 520 36.79 33.97 19.69
C GLY C 520 38.01 33.32 20.30
N TYR C 521 38.48 32.19 19.77
CA TYR C 521 39.64 31.52 20.31
C TYR C 521 40.91 32.25 19.85
N GLU C 522 41.91 32.35 20.74
CA GLU C 522 43.12 33.10 20.46
C GLU C 522 44.42 32.37 20.74
N GLY C 523 44.38 31.10 21.13
CA GLY C 523 45.59 30.32 21.34
C GLY C 523 46.13 29.69 20.08
N PRO C 524 47.03 28.72 20.24
CA PRO C 524 47.58 28.01 19.06
C PRO C 524 46.48 27.29 18.30
N LEU C 525 46.58 27.32 16.96
CA LEU C 525 45.49 26.78 16.15
C LEU C 525 45.21 25.32 16.49
N HIS C 526 46.25 24.54 16.75
CA HIS C 526 46.09 23.11 17.02
C HIS C 526 45.56 22.80 18.42
N GLN C 527 45.29 23.82 19.25
CA GLN C 527 44.66 23.63 20.54
C GLN C 527 43.25 24.20 20.57
N CYS C 528 42.74 24.69 19.45
CA CYS C 528 41.39 25.20 19.38
C CYS C 528 40.37 24.08 19.55
N ASP C 529 39.28 24.38 20.26
CA ASP C 529 38.12 23.50 20.37
C ASP C 529 36.86 24.35 20.20
N ILE C 530 36.10 24.10 19.14
CA ILE C 530 34.92 24.93 18.86
C ILE C 530 33.66 24.43 19.55
N TYR C 531 33.76 23.40 20.39
CA TYR C 531 32.61 22.86 21.10
C TYR C 531 31.79 23.99 21.76
N ARG C 532 30.47 23.97 21.56
CA ARG C 532 29.50 24.88 22.19
C ARG C 532 29.57 26.32 21.69
N SER C 533 30.30 26.58 20.60
CA SER C 533 30.31 27.92 20.00
C SER C 533 29.12 28.05 19.06
N THR C 534 28.08 28.78 19.50
CA THR C 534 26.92 28.97 18.65
C THR C 534 27.23 29.89 17.47
N LYS C 535 28.19 30.81 17.64
CA LYS C 535 28.64 31.65 16.53
C LYS C 535 29.33 30.83 15.46
N ALA C 536 30.24 29.94 15.85
CA ALA C 536 30.86 29.05 14.88
C ALA C 536 29.79 28.19 14.20
N GLY C 537 28.83 27.68 14.98
CA GLY C 537 27.75 26.89 14.40
C GLY C 537 26.97 27.65 13.34
N ALA C 538 26.74 28.95 13.57
CA ALA C 538 25.97 29.73 12.61
C ALA C 538 26.74 29.94 11.31
N LYS C 539 28.07 30.10 11.39
CA LYS C 539 28.87 30.28 10.18
C LYS C 539 28.88 29.00 9.34
N LEU C 540 28.99 27.84 10.00
CA LEU C 540 28.91 26.57 9.31
C LEU C 540 27.51 26.32 8.75
N ARG C 541 26.46 26.65 9.51
CA ARG C 541 25.11 26.43 9.02
C ARG C 541 24.88 27.13 7.69
N LYS C 542 25.50 28.30 7.51
CA LYS C 542 25.29 29.03 6.26
C LYS C 542 25.88 28.28 5.06
N VAL C 543 27.04 27.65 5.25
CA VAL C 543 27.60 26.82 4.18
C VAL C 543 26.66 25.66 3.86
N LEU C 544 26.21 24.95 4.89
CA LEU C 544 25.48 23.71 4.68
C LEU C 544 24.14 23.94 4.00
N ARG C 545 23.44 25.00 4.39
CA ARG C 545 22.13 25.27 3.83
C ARG C 545 22.19 25.74 2.38
N ALA C 546 23.35 26.16 1.89
CA ALA C 546 23.47 26.60 0.50
C ALA C 546 23.47 25.45 -0.50
N GLY C 547 23.79 24.23 -0.08
CA GLY C 547 23.86 23.14 -1.05
C GLY C 547 24.79 23.49 -2.21
N SER C 548 24.37 23.19 -3.44
CA SER C 548 25.12 23.58 -4.63
C SER C 548 24.44 24.72 -5.37
N SER C 549 23.67 25.55 -4.66
CA SER C 549 22.93 26.63 -5.29
C SER C 549 23.83 27.78 -5.72
N ARG C 550 25.02 27.92 -5.14
CA ARG C 550 25.92 29.02 -5.43
C ARG C 550 27.32 28.52 -5.77
N PRO C 551 28.11 29.31 -6.52
CA PRO C 551 29.49 28.91 -6.82
C PRO C 551 30.31 28.69 -5.56
N TRP C 552 31.09 27.60 -5.55
CA TRP C 552 31.83 27.27 -4.33
C TRP C 552 32.85 28.34 -3.98
N GLN C 553 33.43 29.01 -4.99
CA GLN C 553 34.41 30.05 -4.69
C GLN C 553 33.78 31.17 -3.86
N GLU C 554 32.52 31.51 -4.14
CA GLU C 554 31.85 32.58 -3.40
C GLU C 554 31.41 32.14 -2.02
N VAL C 555 30.93 30.89 -1.88
CA VAL C 555 30.58 30.36 -0.56
C VAL C 555 31.81 30.32 0.32
N LEU C 556 32.94 29.91 -0.25
CA LEU C 556 34.18 29.86 0.53
C LEU C 556 34.60 31.27 0.97
N LYS C 557 34.46 32.24 0.09
CA LYS C 557 34.86 33.61 0.42
C LYS C 557 34.06 34.16 1.60
N ASP C 558 32.74 33.97 1.56
CA ASP C 558 31.88 34.34 2.69
C ASP C 558 32.33 33.68 3.99
N MET C 559 32.80 32.44 3.91
CA MET C 559 33.10 31.69 5.13
C MET C 559 34.47 32.05 5.70
N VAL C 560 35.52 32.05 4.88
CA VAL C 560 36.89 32.14 5.37
C VAL C 560 37.63 33.38 4.88
N GLY C 561 37.05 34.18 4.00
CA GLY C 561 37.70 35.40 3.54
C GLY C 561 38.58 35.27 2.31
N LEU C 562 38.64 34.09 1.69
CA LEU C 562 39.43 33.84 0.51
C LEU C 562 38.59 32.99 -0.43
N ASP C 563 38.76 33.21 -1.74
CA ASP C 563 37.94 32.52 -2.72
C ASP C 563 38.67 31.33 -3.37
N ALA C 564 39.67 30.76 -2.69
CA ALA C 564 40.46 29.68 -3.28
C ALA C 564 40.97 28.72 -2.20
N LEU C 565 41.24 27.48 -2.63
CA LEU C 565 41.97 26.53 -1.81
C LEU C 565 43.34 27.10 -1.45
N ASP C 566 43.77 26.89 -0.21
CA ASP C 566 45.01 27.49 0.28
C ASP C 566 45.64 26.58 1.33
N ALA C 567 46.93 26.28 1.15
CA ALA C 567 47.64 25.38 2.06
C ALA C 567 48.13 26.05 3.35
N GLN C 568 48.14 27.38 3.44
CA GLN C 568 48.75 28.01 4.62
C GLN C 568 48.08 27.66 5.94
N PRO C 569 46.75 27.54 6.03
CA PRO C 569 46.18 27.11 7.32
C PRO C 569 46.68 25.76 7.79
N LEU C 570 46.81 24.79 6.88
CA LEU C 570 47.41 23.50 7.25
C LEU C 570 48.85 23.68 7.69
N LEU C 571 49.61 24.49 6.96
CA LEU C 571 51.02 24.69 7.33
C LEU C 571 51.13 25.35 8.71
N LYS C 572 50.25 26.31 9.00
CA LYS C 572 50.24 26.95 10.31
C LYS C 572 49.90 25.97 11.43
N TYR C 573 48.92 25.10 11.20
CA TYR C 573 48.55 24.12 12.21
C TYR C 573 49.72 23.23 12.59
N PHE C 574 50.52 22.78 11.62
CA PHE C 574 51.56 21.77 11.86
C PHE C 574 52.96 22.35 12.13
N GLN C 575 53.15 23.66 12.09
CA GLN C 575 54.48 24.29 12.10
C GLN C 575 55.46 23.70 13.12
N LEU C 576 55.03 23.45 14.36
CA LEU C 576 55.96 23.00 15.39
C LEU C 576 56.55 21.63 15.08
N VAL C 577 55.73 20.68 14.62
CA VAL C 577 56.27 19.35 14.33
C VAL C 577 56.98 19.35 12.98
N THR C 578 56.60 20.25 12.06
CA THR C 578 57.35 20.40 10.83
C THR C 578 58.80 20.76 11.14
N GLN C 579 59.00 21.74 12.02
CA GLN C 579 60.35 22.13 12.39
C GLN C 579 61.06 21.00 13.14
N TRP C 580 60.38 20.39 14.10
CA TRP C 580 60.98 19.32 14.89
C TRP C 580 61.41 18.14 14.02
N LEU C 581 60.56 17.73 13.07
CA LEU C 581 60.91 16.60 12.21
C LEU C 581 62.14 16.91 11.35
N GLN C 582 62.23 18.12 10.80
CA GLN C 582 63.40 18.48 10.02
C GLN C 582 64.65 18.36 10.85
N GLU C 583 64.58 18.83 12.11
CA GLU C 583 65.73 18.78 12.99
C GLU C 583 66.13 17.35 13.32
N GLN C 584 65.15 16.49 13.60
CA GLN C 584 65.48 15.11 13.91
C GLN C 584 66.15 14.43 12.71
N ASN C 585 65.63 14.66 11.51
CA ASN C 585 66.15 13.99 10.34
C ASN C 585 67.57 14.46 10.01
N GLN C 586 67.83 15.76 10.13
CA GLN C 586 69.18 16.27 9.89
C GLN C 586 70.17 15.70 10.90
N GLN C 587 69.80 15.70 12.18
CA GLN C 587 70.66 15.16 13.21
C GLN C 587 70.95 13.68 12.98
N ASN C 588 70.02 12.97 12.36
CA ASN C 588 70.24 11.56 12.05
C ASN C 588 70.88 11.37 10.68
N GLY C 589 71.11 12.45 9.94
CA GLY C 589 71.73 12.33 8.63
C GLY C 589 70.87 11.61 7.62
N GLU C 590 69.55 11.80 7.67
CA GLU C 590 68.67 11.10 6.74
C GLU C 590 68.80 11.66 5.33
N VAL C 591 68.55 10.79 4.36
CA VAL C 591 68.27 11.20 2.98
C VAL C 591 66.78 11.40 2.86
N LEU C 592 66.36 12.60 2.44
CA LEU C 592 64.96 12.84 2.17
C LEU C 592 64.61 12.32 0.76
N GLY C 593 63.58 11.49 0.67
CA GLY C 593 63.24 10.84 -0.60
C GLY C 593 63.70 9.39 -0.62
N TRP C 594 63.64 8.81 -1.84
CA TRP C 594 63.90 7.38 -2.04
C TRP C 594 64.63 7.23 -3.38
N PRO C 595 65.88 7.70 -3.45
CA PRO C 595 66.62 7.66 -4.74
C PRO C 595 66.91 6.26 -5.26
N GLU C 596 66.93 5.24 -4.42
CA GLU C 596 67.05 3.86 -4.87
C GLU C 596 65.65 3.35 -5.24
N TYR C 597 65.13 3.92 -6.34
CA TYR C 597 63.73 3.74 -6.71
C TYR C 597 63.41 2.32 -7.17
N GLN C 598 64.44 1.51 -7.48
CA GLN C 598 64.27 0.12 -7.91
C GLN C 598 64.12 -0.87 -6.76
N TRP C 599 64.38 -0.45 -5.52
CA TRP C 599 64.55 -1.41 -4.44
C TRP C 599 63.21 -2.00 -3.97
N HIS C 600 63.22 -3.32 -3.74
CA HIS C 600 62.15 -4.08 -3.12
C HIS C 600 62.74 -5.01 -2.05
N PRO C 601 62.00 -5.28 -0.98
CA PRO C 601 62.54 -6.16 0.08
C PRO C 601 62.52 -7.62 -0.34
N PRO C 602 63.35 -8.46 0.28
CA PRO C 602 63.27 -9.91 0.03
C PRO C 602 62.11 -10.52 0.80
N LEU C 603 61.80 -11.77 0.45
CA LEU C 603 60.81 -12.56 1.16
C LEU C 603 61.35 -13.06 2.50
N PRO C 604 60.49 -13.21 3.51
CA PRO C 604 60.93 -13.84 4.75
C PRO C 604 61.29 -15.30 4.52
N ASP C 605 62.13 -15.83 5.41
CA ASP C 605 62.54 -17.23 5.31
C ASP C 605 61.32 -18.16 5.32
N ASN C 606 61.29 -19.08 4.35
CA ASN C 606 60.27 -20.13 4.33
C ASN C 606 58.86 -19.57 4.20
N TYR C 607 58.72 -18.49 3.44
CA TYR C 607 57.41 -17.87 3.23
C TYR C 607 56.70 -18.55 2.06
N PRO C 608 55.40 -18.83 2.15
CA PRO C 608 54.45 -18.51 3.24
C PRO C 608 54.30 -19.50 4.40
N GLU C 609 55.08 -20.57 4.46
CA GLU C 609 54.98 -21.49 5.59
C GLU C 609 55.40 -20.79 6.87
N GLY C 610 54.55 -20.87 7.89
CA GLY C 610 54.84 -20.25 9.18
C GLY C 610 53.66 -20.32 10.14
N LEU D 1 18.81 49.51 51.24
CA LEU D 1 18.59 48.92 49.88
C LEU D 1 19.31 49.79 48.85
N ASP D 2 20.07 49.17 47.94
CA ASP D 2 20.78 49.93 46.91
C ASP D 2 19.81 50.81 46.13
N PRO D 3 20.21 52.03 45.75
CA PRO D 3 19.27 52.92 45.04
C PRO D 3 18.65 52.32 43.79
N GLY D 4 19.42 51.57 43.00
CA GLY D 4 18.89 50.97 41.79
C GLY D 4 17.80 49.94 42.03
N LEU D 5 17.67 49.45 43.26
CA LEU D 5 16.67 48.43 43.61
C LEU D 5 15.44 49.00 44.30
N GLN D 6 15.38 50.33 44.55
CA GLN D 6 14.27 50.93 45.27
C GLN D 6 13.12 51.31 44.33
N PRO D 7 11.87 51.22 44.77
CA PRO D 7 10.76 51.65 43.90
C PRO D 7 10.68 53.17 43.80
N GLY D 8 10.42 53.66 42.57
CA GLY D 8 10.18 55.07 42.30
C GLY D 8 8.71 55.45 42.33
N GLN D 9 8.30 56.38 41.47
CA GLN D 9 6.94 56.88 41.47
C GLN D 9 6.16 56.31 40.29
N PHE D 10 4.90 56.00 40.53
CA PHE D 10 4.00 55.49 39.52
C PHE D 10 2.62 56.05 39.78
N SER D 11 1.85 56.22 38.70
CA SER D 11 0.50 56.73 38.83
C SER D 11 -0.39 55.68 39.50
N ALA D 12 -1.39 56.17 40.25
CA ALA D 12 -2.28 55.30 41.02
C ALA D 12 -3.49 54.85 40.18
N ASP D 13 -3.20 54.12 39.11
CA ASP D 13 -4.22 53.56 38.25
C ASP D 13 -3.65 52.32 37.57
N GLU D 14 -4.49 51.64 36.77
CA GLU D 14 -4.05 50.38 36.15
C GLU D 14 -2.87 50.60 35.22
N ALA D 15 -2.86 51.72 34.49
CA ALA D 15 -1.75 52.00 33.59
C ALA D 15 -0.45 52.15 34.36
N GLY D 16 -0.50 52.82 35.50
CA GLY D 16 0.68 52.93 36.34
C GLY D 16 1.11 51.59 36.92
N ALA D 17 0.15 50.77 37.35
CA ALA D 17 0.48 49.47 37.91
C ALA D 17 1.18 48.56 36.89
N GLN D 18 0.83 48.67 35.61
CA GLN D 18 1.59 47.93 34.59
C GLN D 18 3.04 48.35 34.57
N LEU D 19 3.32 49.67 34.68
CA LEU D 19 4.70 50.15 34.72
C LEU D 19 5.40 49.74 36.01
N PHE D 20 4.66 49.78 37.12
CA PHE D 20 5.18 49.29 38.41
C PHE D 20 5.62 47.82 38.30
N ALA D 21 4.79 46.99 37.67
CA ALA D 21 5.11 45.56 37.54
C ALA D 21 6.37 45.34 36.73
N GLN D 22 6.52 46.08 35.62
CA GLN D 22 7.72 45.95 34.81
C GLN D 22 8.96 46.40 35.58
N SER D 23 8.83 47.46 36.37
CA SER D 23 9.98 47.95 37.14
C SER D 23 10.36 46.98 38.25
N TYR D 24 9.37 46.41 38.93
CA TYR D 24 9.61 45.36 39.92
C TYR D 24 10.40 44.19 39.35
N GLN D 25 9.97 43.66 38.20
CA GLN D 25 10.63 42.49 37.62
C GLN D 25 12.13 42.73 37.40
N SER D 26 12.52 43.91 36.92
CA SER D 26 13.93 44.12 36.62
C SER D 26 14.79 43.97 37.87
N SER D 27 14.33 44.51 38.99
CA SER D 27 15.14 44.46 40.20
C SER D 27 14.98 43.13 40.92
N ALA D 28 13.80 42.53 40.85
CA ALA D 28 13.55 41.30 41.59
C ALA D 28 14.43 40.16 41.05
N GLU D 29 14.68 40.12 39.74
CA GLU D 29 15.54 39.08 39.19
C GLU D 29 16.92 39.14 39.83
N GLN D 30 17.43 40.34 40.08
CA GLN D 30 18.76 40.48 40.69
C GLN D 30 18.75 40.04 42.15
N VAL D 31 17.71 40.41 42.89
CA VAL D 31 17.61 40.06 44.30
C VAL D 31 17.40 38.56 44.49
N LEU D 32 16.53 37.97 43.66
CA LEU D 32 16.33 36.52 43.70
C LEU D 32 17.60 35.77 43.34
N PHE D 33 18.29 36.21 42.28
CA PHE D 33 19.54 35.55 41.90
C PHE D 33 20.54 35.52 43.04
N GLN D 34 20.77 36.65 43.72
CA GLN D 34 21.79 36.67 44.78
C GLN D 34 21.40 35.73 45.94
N SER D 35 20.10 35.62 46.22
CA SER D 35 19.61 34.72 47.26
C SER D 35 19.79 33.25 46.86
N VAL D 36 19.39 32.89 45.64
CA VAL D 36 19.54 31.50 45.20
C VAL D 36 21.01 31.11 45.12
N ALA D 37 21.85 32.02 44.62
CA ALA D 37 23.28 31.72 44.53
C ALA D 37 23.89 31.47 45.90
N ALA D 38 23.52 32.28 46.89
CA ALA D 38 24.04 32.08 48.25
C ALA D 38 23.51 30.77 48.84
N SER D 39 22.25 30.43 48.57
CA SER D 39 21.72 29.14 49.01
C SER D 39 22.45 27.97 48.35
N TRP D 40 22.80 28.11 47.06
CA TRP D 40 23.56 27.06 46.37
C TRP D 40 24.94 26.89 47.02
N ALA D 41 25.62 28.01 47.29
CA ALA D 41 26.96 27.93 47.88
C ALA D 41 26.95 27.23 49.24
N HIS D 42 25.87 27.39 50.01
CA HIS D 42 25.74 26.72 51.31
C HIS D 42 25.39 25.24 51.16
N ASP D 43 24.35 24.93 50.37
CA ASP D 43 23.87 23.55 50.28
C ASP D 43 24.87 22.61 49.60
N THR D 44 25.80 23.12 48.78
CA THR D 44 26.87 22.29 48.22
C THR D 44 28.17 22.36 49.01
N ASN D 45 28.15 23.03 50.16
CA ASN D 45 29.34 23.24 50.98
C ASN D 45 28.90 23.80 52.35
N ILE D 46 28.43 22.95 53.26
CA ILE D 46 27.85 23.42 54.51
C ILE D 46 28.95 23.90 55.43
N THR D 47 28.98 25.21 55.71
CA THR D 47 29.90 25.79 56.68
C THR D 47 29.20 26.94 57.39
N ALA D 48 29.71 27.31 58.56
CA ALA D 48 29.15 28.44 59.29
C ALA D 48 29.28 29.73 58.47
N GLU D 49 30.37 29.87 57.73
CA GLU D 49 30.55 31.09 56.94
C GLU D 49 29.57 31.17 55.77
N ASN D 50 29.30 30.04 55.13
CA ASN D 50 28.34 30.08 54.03
C ASN D 50 26.92 30.26 54.56
N ALA D 51 26.64 29.77 55.77
CA ALA D 51 25.35 30.05 56.40
C ALA D 51 25.21 31.55 56.68
N ARG D 52 26.28 32.18 57.16
CA ARG D 52 26.26 33.63 57.40
C ARG D 52 25.98 34.40 56.11
N ARG D 53 26.63 34.02 55.00
CA ARG D 53 26.42 34.70 53.72
C ARG D 53 24.99 34.48 53.22
N GLN D 54 24.44 33.30 53.46
CA GLN D 54 23.06 33.04 53.03
C GLN D 54 22.07 33.85 53.85
N GLU D 55 22.35 34.03 55.14
CA GLU D 55 21.47 34.83 56.01
C GLU D 55 21.52 36.31 55.63
N GLU D 56 22.69 36.80 55.24
CA GLU D 56 22.82 38.17 54.76
C GLU D 56 22.01 38.38 53.48
N ALA D 57 22.07 37.41 52.55
CA ALA D 57 21.29 37.50 51.31
C ALA D 57 19.79 37.42 51.59
N ALA D 58 19.39 36.60 52.56
CA ALA D 58 17.98 36.52 52.94
C ALA D 58 17.48 37.84 53.52
N LEU D 59 18.33 38.52 54.29
CA LEU D 59 17.94 39.82 54.85
C LEU D 59 17.73 40.85 53.75
N LEU D 60 18.58 40.83 52.72
CA LEU D 60 18.39 41.74 51.60
C LEU D 60 17.07 41.47 50.90
N SER D 61 16.75 40.18 50.67
CA SER D 61 15.48 39.84 50.03
C SER D 61 14.27 40.34 50.84
N GLN D 62 14.33 40.25 52.18
CA GLN D 62 13.27 40.76 53.02
C GLN D 62 13.16 42.29 52.93
N GLU D 63 14.29 42.98 52.88
CA GLU D 63 14.28 44.44 52.73
C GLU D 63 13.64 44.85 51.40
N PHE D 64 14.01 44.15 50.31
CA PHE D 64 13.41 44.35 49.00
C PHE D 64 11.90 44.11 49.03
N ALA D 65 11.46 42.97 49.59
CA ALA D 65 10.04 42.64 49.59
C ALA D 65 9.22 43.67 50.37
N GLU D 66 9.75 44.17 51.48
CA GLU D 66 9.03 45.18 52.26
C GLU D 66 8.87 46.47 51.46
N ALA D 67 9.93 46.95 50.82
CA ALA D 67 9.85 48.22 50.11
C ALA D 67 8.84 48.15 48.96
N TRP D 68 8.90 47.09 48.15
CA TRP D 68 7.99 46.99 47.00
C TRP D 68 6.58 46.62 47.44
N GLY D 69 6.44 45.83 48.51
CA GLY D 69 5.13 45.53 49.05
C GLY D 69 4.43 46.76 49.60
N GLN D 70 5.17 47.60 50.33
CA GLN D 70 4.58 48.83 50.88
C GLN D 70 4.24 49.83 49.78
N LYS D 71 5.03 49.88 48.70
CA LYS D 71 4.68 50.77 47.60
C LYS D 71 3.42 50.30 46.89
N ALA D 72 3.29 48.99 46.66
CA ALA D 72 2.08 48.47 46.04
C ALA D 72 0.84 48.82 46.85
N LYS D 73 0.92 48.70 48.16
CA LYS D 73 -0.22 49.04 49.00
C LYS D 73 -0.50 50.54 48.97
N GLU D 74 0.55 51.37 48.97
CA GLU D 74 0.36 52.82 48.95
C GLU D 74 -0.40 53.27 47.72
N LEU D 75 -0.07 52.72 46.56
CA LEU D 75 -0.62 53.16 45.27
C LEU D 75 -1.91 52.44 44.87
N TYR D 76 -2.07 51.16 45.21
CA TYR D 76 -3.08 50.32 44.56
C TYR D 76 -4.02 49.55 45.48
N GLU D 77 -3.87 49.64 46.81
CA GLU D 77 -4.65 48.80 47.70
C GLU D 77 -6.17 48.90 47.47
N PRO D 78 -6.76 50.08 47.22
CA PRO D 78 -8.22 50.13 47.04
C PRO D 78 -8.71 49.76 45.64
N ILE D 79 -7.81 49.54 44.67
CA ILE D 79 -8.22 49.41 43.28
C ILE D 79 -7.68 48.18 42.58
N TRP D 80 -6.65 47.48 43.09
CA TRP D 80 -6.03 46.42 42.29
C TRP D 80 -6.99 45.27 42.01
N GLN D 81 -7.92 44.99 42.93
CA GLN D 81 -8.81 43.86 42.73
C GLN D 81 -9.80 44.09 41.60
N GLN D 82 -9.98 45.34 41.18
CA GLN D 82 -10.85 45.69 40.06
C GLN D 82 -10.10 45.94 38.77
N PHE D 83 -8.79 45.73 38.74
CA PHE D 83 -8.05 45.88 37.49
C PHE D 83 -8.59 44.90 36.45
N THR D 84 -8.52 45.30 35.19
CA THR D 84 -9.08 44.50 34.12
C THR D 84 -8.16 43.37 33.65
N ASP D 85 -6.84 43.51 33.83
CA ASP D 85 -5.89 42.52 33.35
C ASP D 85 -5.72 41.46 34.43
N PRO D 86 -6.14 40.20 34.21
CA PRO D 86 -6.08 39.22 35.30
C PRO D 86 -4.66 38.83 35.67
N GLN D 87 -3.71 38.86 34.73
N GLN D 87 -3.72 38.82 34.73
CA GLN D 87 -2.33 38.58 35.08
CA GLN D 87 -2.33 38.58 35.09
C GLN D 87 -1.72 39.69 35.93
C GLN D 87 -1.82 39.67 36.01
N LEU D 88 -2.11 40.94 35.68
CA LEU D 88 -1.69 42.04 36.53
C LEU D 88 -2.23 41.89 37.94
N ARG D 89 -3.49 41.51 38.07
CA ARG D 89 -4.05 41.29 39.40
C ARG D 89 -3.24 40.25 40.17
N ARG D 90 -2.82 39.17 39.48
CA ARG D 90 -2.07 38.12 40.19
C ARG D 90 -0.69 38.63 40.59
N ILE D 91 -0.06 39.46 39.76
CA ILE D 91 1.25 40.01 40.08
C ILE D 91 1.15 40.91 41.32
N ILE D 92 0.16 41.81 41.33
CA ILE D 92 0.03 42.74 42.46
C ILE D 92 -0.29 41.97 43.74
N GLY D 93 -1.15 40.95 43.63
CA GLY D 93 -1.47 40.15 44.81
C GLY D 93 -0.25 39.46 45.39
N ALA D 94 0.68 39.02 44.54
CA ALA D 94 1.91 38.41 45.03
C ALA D 94 2.81 39.43 45.72
N VAL D 95 3.00 40.59 45.07
CA VAL D 95 3.92 41.59 45.61
C VAL D 95 3.45 42.11 46.97
N ARG D 96 2.14 42.21 47.19
CA ARG D 96 1.61 42.73 48.47
C ARG D 96 1.63 41.70 49.61
N THR D 97 2.09 40.46 49.35
CA THR D 97 2.22 39.43 50.39
C THR D 97 3.66 39.45 50.90
N LEU D 98 3.88 39.88 52.15
CA LEU D 98 5.23 40.09 52.65
C LEU D 98 5.86 38.89 53.36
N GLY D 99 5.06 38.02 53.97
CA GLY D 99 5.65 36.87 54.66
C GLY D 99 6.59 37.29 55.78
N SER D 100 7.77 36.67 55.82
CA SER D 100 8.72 36.97 56.90
C SER D 100 9.18 38.43 56.88
N ALA D 101 9.04 39.13 55.75
CA ALA D 101 9.38 40.55 55.71
C ALA D 101 8.47 41.41 56.58
N ASN D 102 7.35 40.87 57.06
CA ASN D 102 6.54 41.54 58.06
C ASN D 102 7.23 41.61 59.42
N LEU D 103 8.21 40.77 59.69
CA LEU D 103 8.85 40.77 60.99
C LEU D 103 9.81 41.98 61.11
N PRO D 104 9.97 42.54 62.31
CA PRO D 104 11.05 43.52 62.50
C PRO D 104 12.42 42.88 62.38
N LEU D 105 13.41 43.74 62.14
CA LEU D 105 14.75 43.28 61.80
C LEU D 105 15.25 42.20 62.75
N ALA D 106 15.11 42.42 64.07
CA ALA D 106 15.70 41.46 65.00
C ALA D 106 15.04 40.08 64.88
N LYS D 107 13.74 40.04 64.57
CA LYS D 107 13.06 38.77 64.41
C LYS D 107 13.33 38.13 63.04
N ARG D 108 13.56 38.94 62.00
CA ARG D 108 14.06 38.39 60.73
C ARG D 108 15.38 37.66 60.94
N GLN D 109 16.28 38.26 61.72
CA GLN D 109 17.57 37.63 61.99
C GLN D 109 17.40 36.32 62.76
N GLN D 110 16.48 36.29 63.74
N GLN D 110 16.46 36.28 63.72
CA GLN D 110 16.19 35.04 64.44
CA GLN D 110 16.17 35.06 64.46
C GLN D 110 15.66 33.99 63.47
C GLN D 110 15.61 33.99 63.52
N TYR D 111 14.65 34.37 62.68
CA TYR D 111 14.01 33.45 61.74
C TYR D 111 15.01 32.87 60.75
N ASN D 112 15.82 33.72 60.11
CA ASN D 112 16.78 33.25 59.13
C ASN D 112 17.80 32.31 59.76
N ALA D 113 18.23 32.61 61.00
CA ALA D 113 19.19 31.76 61.68
C ALA D 113 18.59 30.40 62.02
N LEU D 114 17.31 30.37 62.42
CA LEU D 114 16.67 29.08 62.71
C LEU D 114 16.64 28.19 61.47
N LEU D 115 16.28 28.75 60.31
CA LEU D 115 16.30 27.96 59.08
C LEU D 115 17.70 27.39 58.79
N SER D 116 18.75 28.18 58.99
N SER D 116 18.75 28.20 58.95
CA SER D 116 20.08 27.71 58.70
CA SER D 116 20.11 27.70 58.72
C SER D 116 20.50 26.59 59.66
C SER D 116 20.43 26.55 59.65
N GLN D 117 20.14 26.72 60.93
CA GLN D 117 20.55 25.72 61.92
C GLN D 117 19.76 24.42 61.80
N MET D 118 18.46 24.48 61.49
CA MET D 118 17.68 23.25 61.26
C MET D 118 18.19 22.49 60.04
N SER D 119 18.53 23.21 58.96
CA SER D 119 19.10 22.55 57.79
C SER D 119 20.43 21.87 58.12
N ARG D 120 21.30 22.55 58.87
CA ARG D 120 22.59 21.95 59.24
C ARG D 120 22.39 20.68 60.07
N ILE D 121 21.51 20.72 61.06
CA ILE D 121 21.30 19.55 61.94
C ILE D 121 20.87 18.33 61.12
N TYR D 122 19.89 18.52 60.23
CA TYR D 122 19.38 17.39 59.44
C TYR D 122 20.44 16.83 58.50
N SER D 123 21.13 17.69 57.76
CA SER D 123 21.97 17.20 56.69
C SER D 123 23.37 16.79 57.16
N THR D 124 23.72 17.03 58.43
CA THR D 124 24.99 16.54 58.96
C THR D 124 24.84 15.44 60.02
N ALA D 125 23.61 15.02 60.34
CA ALA D 125 23.40 13.97 61.34
C ALA D 125 23.97 12.64 60.85
N LYS D 126 24.50 11.84 61.80
CA LYS D 126 25.11 10.54 61.50
C LYS D 126 24.73 9.51 62.56
N VAL D 127 24.86 8.24 62.19
CA VAL D 127 24.64 7.10 63.10
C VAL D 127 25.97 6.36 63.25
N CYS D 128 26.53 6.37 64.46
CA CYS D 128 27.82 5.74 64.71
C CYS D 128 27.65 4.37 65.38
N LEU D 129 28.57 3.46 65.08
CA LEU D 129 28.49 2.10 65.58
C LEU D 129 29.30 1.95 66.86
N PRO D 130 29.12 0.84 67.59
CA PRO D 130 29.94 0.57 68.78
C PRO D 130 31.35 0.11 68.44
N ALA D 134 35.59 2.37 64.60
CA ALA D 134 35.13 3.74 64.36
C ALA D 134 34.51 3.86 62.97
N THR D 135 33.18 3.77 62.93
CA THR D 135 32.43 3.72 61.68
C THR D 135 31.12 4.47 61.88
N CYS D 136 30.90 5.58 61.16
CA CYS D 136 29.62 6.27 61.22
C CYS D 136 28.96 6.33 59.84
N TRP D 137 27.64 6.10 59.86
CA TRP D 137 26.82 5.99 58.67
C TRP D 137 26.15 7.34 58.38
N SER D 138 26.22 7.79 57.13
CA SER D 138 25.49 8.96 56.65
C SER D 138 24.10 8.52 56.19
N LEU D 139 23.15 9.47 56.11
CA LEU D 139 21.83 9.11 55.57
C LEU D 139 21.94 8.69 54.10
N ASP D 140 22.69 9.45 53.30
CA ASP D 140 22.90 9.19 51.88
C ASP D 140 24.40 9.09 51.63
N PRO D 141 24.95 7.92 51.23
CA PRO D 141 24.27 6.68 50.83
C PRO D 141 23.98 5.61 51.89
N ASP D 142 24.60 5.66 53.08
CA ASP D 142 24.69 4.46 53.92
C ASP D 142 23.34 3.99 54.46
N LEU D 143 22.61 4.85 55.16
CA LEU D 143 21.36 4.42 55.76
C LEU D 143 20.30 4.14 54.70
N THR D 144 20.28 4.94 53.62
CA THR D 144 19.37 4.68 52.51
C THR D 144 19.59 3.28 51.94
N ASN D 145 20.85 2.88 51.76
CA ASN D 145 21.14 1.57 51.18
C ASN D 145 20.80 0.43 52.14
N ILE D 146 20.99 0.65 53.45
CA ILE D 146 20.61 -0.36 54.45
C ILE D 146 19.09 -0.58 54.46
N LEU D 147 18.30 0.50 54.59
CA LEU D 147 16.85 0.37 54.62
C LEU D 147 16.32 -0.28 53.33
N ALA D 148 16.99 -0.05 52.21
CA ALA D 148 16.53 -0.61 50.94
C ALA D 148 16.93 -2.08 50.75
N SER D 149 18.08 -2.52 51.27
N SER D 149 18.08 -2.51 51.28
CA SER D 149 18.64 -3.80 50.85
CA SER D 149 18.71 -3.76 50.86
C SER D 149 18.94 -4.79 51.96
C SER D 149 18.88 -4.80 51.97
N SER D 150 18.97 -4.38 53.22
CA SER D 150 19.17 -5.34 54.30
C SER D 150 17.88 -6.12 54.56
N ARG D 151 18.02 -7.43 54.77
CA ARG D 151 16.93 -8.28 55.24
C ARG D 151 17.26 -8.85 56.63
N SER D 152 18.06 -8.13 57.40
CA SER D 152 18.37 -8.44 58.79
C SER D 152 17.55 -7.53 59.73
N TYR D 153 16.68 -8.12 60.54
CA TYR D 153 15.82 -7.33 61.41
C TYR D 153 16.64 -6.41 62.32
N ALA D 154 17.75 -6.92 62.88
CA ALA D 154 18.52 -6.13 63.83
C ALA D 154 19.30 -5.00 63.14
N MET D 155 19.87 -5.26 61.96
N MET D 155 19.87 -5.25 61.95
CA MET D 155 20.55 -4.20 61.23
CA MET D 155 20.56 -4.17 61.24
C MET D 155 19.59 -3.06 60.91
C MET D 155 19.60 -3.04 60.87
N LEU D 156 18.43 -3.39 60.34
CA LEU D 156 17.40 -2.39 60.02
C LEU D 156 17.01 -1.59 61.27
N LEU D 157 16.86 -2.27 62.40
CA LEU D 157 16.44 -1.60 63.61
C LEU D 157 17.48 -0.60 64.10
N PHE D 158 18.75 -1.00 64.08
CA PHE D 158 19.82 -0.09 64.51
C PHE D 158 19.84 1.17 63.64
N ALA D 159 19.64 1.01 62.33
CA ALA D 159 19.63 2.16 61.42
C ALA D 159 18.42 3.06 61.67
N TRP D 160 17.21 2.47 61.84
CA TRP D 160 16.00 3.25 62.05
C TRP D 160 16.05 4.03 63.36
N GLU D 161 16.38 3.34 64.45
CA GLU D 161 16.48 3.98 65.77
C GLU D 161 17.58 5.03 65.79
N GLY D 162 18.76 4.69 65.25
CA GLY D 162 19.86 5.63 65.27
C GLY D 162 19.54 6.92 64.53
N TRP D 163 18.90 6.80 63.36
CA TRP D 163 18.58 7.99 62.58
C TRP D 163 17.54 8.86 63.28
N HIS D 164 16.45 8.25 63.76
CA HIS D 164 15.39 9.07 64.33
C HIS D 164 15.86 9.79 65.59
N ASN D 165 16.73 9.15 66.40
CA ASN D 165 17.28 9.81 67.58
C ASN D 165 18.27 10.92 67.20
N ALA D 166 19.14 10.65 66.22
CA ALA D 166 20.22 11.59 65.91
C ALA D 166 19.69 12.86 65.26
N ALA D 167 18.74 12.72 64.33
CA ALA D 167 18.21 13.89 63.61
C ALA D 167 17.11 14.59 64.39
N GLY D 168 16.19 13.84 64.98
CA GLY D 168 14.99 14.43 65.56
C GLY D 168 15.17 15.16 66.89
N ILE D 169 15.85 14.53 67.85
CA ILE D 169 15.95 15.10 69.20
C ILE D 169 16.47 16.54 69.19
N PRO D 170 17.61 16.85 68.56
CA PRO D 170 18.13 18.23 68.64
C PRO D 170 17.29 19.26 67.90
N LEU D 171 16.45 18.86 66.96
CA LEU D 171 15.61 19.81 66.23
C LEU D 171 14.43 20.36 67.05
N LYS D 172 13.97 19.64 68.07
CA LYS D 172 12.68 19.99 68.67
C LYS D 172 12.63 21.42 69.21
N PRO D 173 13.60 21.89 70.01
CA PRO D 173 13.48 23.27 70.51
C PRO D 173 13.49 24.33 69.41
N LEU D 174 14.27 24.11 68.34
CA LEU D 174 14.31 25.06 67.23
C LEU D 174 12.99 25.09 66.45
N TYR D 175 12.36 23.92 66.28
CA TYR D 175 11.13 23.87 65.50
C TYR D 175 9.99 24.60 66.23
N GLU D 176 9.95 24.51 67.56
N GLU D 176 9.96 24.50 67.56
CA GLU D 176 8.97 25.29 68.33
CA GLU D 176 8.99 25.27 68.36
C GLU D 176 9.15 26.78 68.08
C GLU D 176 9.15 26.77 68.09
N ASP D 177 10.39 27.26 68.18
CA ASP D 177 10.66 28.67 67.94
C ASP D 177 10.31 29.09 66.53
N PHE D 178 10.63 28.25 65.53
CA PHE D 178 10.31 28.57 64.14
C PHE D 178 8.81 28.70 63.94
N THR D 179 8.04 27.75 64.49
CA THR D 179 6.59 27.77 64.31
C THR D 179 5.99 29.10 64.79
N ALA D 180 6.43 29.57 65.96
CA ALA D 180 5.87 30.82 66.51
C ALA D 180 6.18 32.03 65.62
N LEU D 181 7.44 32.16 65.16
CA LEU D 181 7.79 33.29 64.31
C LEU D 181 7.09 33.23 62.95
N SER D 182 6.97 32.03 62.37
CA SER D 182 6.27 31.90 61.10
C SER D 182 4.81 32.36 61.22
N ASN D 183 4.11 31.92 62.27
CA ASN D 183 2.74 32.37 62.50
C ASN D 183 2.68 33.89 62.68
N GLU D 184 3.60 34.46 63.45
CA GLU D 184 3.63 35.91 63.64
C GLU D 184 3.77 36.64 62.31
N ALA D 185 4.59 36.10 61.41
CA ALA D 185 4.82 36.74 60.12
C ALA D 185 3.55 36.75 59.26
N TYR D 186 2.91 35.59 59.07
CA TYR D 186 1.78 35.51 58.14
C TYR D 186 0.48 36.05 58.74
N LYS D 187 0.39 36.17 60.07
CA LYS D 187 -0.75 36.85 60.66
C LYS D 187 -0.87 38.29 60.16
N GLN D 188 0.27 38.91 59.85
CA GLN D 188 0.27 40.28 59.32
C GLN D 188 -0.13 40.35 57.85
N ASP D 189 -0.19 39.23 57.14
CA ASP D 189 -0.78 39.18 55.81
C ASP D 189 -2.27 38.83 55.85
N GLY D 190 -2.84 38.64 57.04
CA GLY D 190 -4.26 38.33 57.18
C GLY D 190 -4.62 36.87 57.43
N PHE D 191 -3.65 35.98 57.58
CA PHE D 191 -3.92 34.56 57.74
C PHE D 191 -3.92 34.15 59.21
N THR D 192 -4.85 33.28 59.58
CA THR D 192 -4.96 32.89 60.99
C THR D 192 -3.73 32.12 61.48
N ASP D 193 -3.07 31.35 60.60
CA ASP D 193 -1.80 30.70 60.91
C ASP D 193 -1.11 30.32 59.60
N THR D 194 0.15 29.86 59.70
CA THR D 194 0.94 29.57 58.48
C THR D 194 0.26 28.53 57.60
N GLY D 195 -0.38 27.53 58.21
CA GLY D 195 -1.04 26.50 57.42
C GLY D 195 -2.15 27.03 56.53
N ALA D 196 -2.92 28.02 57.02
CA ALA D 196 -3.94 28.64 56.18
C ALA D 196 -3.32 29.34 54.99
N TYR D 197 -2.13 29.91 55.16
CA TYR D 197 -1.44 30.51 54.04
C TYR D 197 -1.02 29.44 53.03
N TRP D 198 -0.42 28.33 53.50
CA TRP D 198 -0.03 27.27 52.56
C TRP D 198 -1.24 26.73 51.78
N ARG D 199 -2.36 26.49 52.45
CA ARG D 199 -3.53 25.96 51.75
C ARG D 199 -4.12 26.95 50.74
N SER D 200 -3.91 28.26 50.93
CA SER D 200 -4.51 29.26 50.05
C SER D 200 -3.99 29.16 48.61
N TRP D 201 -2.81 28.56 48.40
CA TRP D 201 -2.29 28.40 47.06
C TRP D 201 -3.22 27.61 46.15
N TYR D 202 -4.12 26.78 46.71
CA TYR D 202 -5.00 25.95 45.89
C TYR D 202 -6.31 26.64 45.55
N ASN D 203 -6.53 27.86 46.04
CA ASN D 203 -7.68 28.70 45.70
C ASN D 203 -8.94 27.86 45.54
N SER D 204 -9.27 27.13 46.62
CA SER D 204 -10.45 26.28 46.68
C SER D 204 -11.05 26.33 48.09
N PRO D 205 -12.29 26.78 48.26
CA PRO D 205 -12.85 26.85 49.63
C PRO D 205 -13.11 25.49 50.25
N THR D 206 -13.16 24.41 49.47
CA THR D 206 -13.44 23.07 50.00
C THR D 206 -12.22 22.15 49.92
N PHE D 207 -11.01 22.72 49.93
CA PHE D 207 -9.78 21.94 49.74
C PHE D 207 -9.72 20.74 50.68
N GLU D 208 -9.86 20.99 51.99
CA GLU D 208 -9.67 19.90 52.95
C GLU D 208 -10.76 18.84 52.82
N ASP D 209 -12.01 19.26 52.58
CA ASP D 209 -13.09 18.31 52.33
C ASP D 209 -12.83 17.50 51.06
N ASP D 210 -12.35 18.18 50.01
CA ASP D 210 -12.08 17.49 48.75
C ASP D 210 -10.98 16.44 48.90
N LEU D 211 -9.92 16.76 49.66
CA LEU D 211 -8.86 15.78 49.92
C LEU D 211 -9.39 14.57 50.67
N GLU D 212 -10.18 14.80 51.72
CA GLU D 212 -10.71 13.69 52.50
C GLU D 212 -11.57 12.77 51.62
N HIS D 213 -12.35 13.35 50.70
N HIS D 213 -12.37 13.35 50.71
CA HIS D 213 -13.20 12.52 49.84
CA HIS D 213 -13.19 12.53 49.82
C HIS D 213 -12.37 11.71 48.85
C HIS D 213 -12.32 11.67 48.91
N LEU D 214 -11.24 12.25 48.38
CA LEU D 214 -10.32 11.47 47.56
C LEU D 214 -9.72 10.32 48.34
N TYR D 215 -9.27 10.57 49.56
CA TYR D 215 -8.62 9.49 50.30
C TYR D 215 -9.60 8.36 50.61
N GLN D 216 -10.88 8.67 50.88
CA GLN D 216 -11.88 7.62 51.10
C GLN D 216 -12.00 6.68 49.91
N GLN D 217 -11.90 7.20 48.68
CA GLN D 217 -11.94 6.34 47.51
C GLN D 217 -10.69 5.47 47.37
N LEU D 218 -9.55 5.96 47.86
CA LEU D 218 -8.28 5.30 47.67
C LEU D 218 -7.96 4.33 48.80
N GLU D 219 -8.53 4.53 50.00
CA GLU D 219 -8.12 3.73 51.15
C GLU D 219 -8.27 2.21 50.95
N PRO D 220 -9.33 1.67 50.32
CA PRO D 220 -9.38 0.20 50.17
C PRO D 220 -8.20 -0.38 49.43
N LEU D 221 -7.67 0.35 48.43
CA LEU D 221 -6.50 -0.14 47.69
C LEU D 221 -5.30 -0.26 48.63
N TYR D 222 -5.09 0.75 49.48
CA TYR D 222 -4.00 0.68 50.46
C TYR D 222 -4.20 -0.45 51.47
N LEU D 223 -5.42 -0.59 52.00
CA LEU D 223 -5.63 -1.64 53.02
C LEU D 223 -5.30 -3.02 52.45
N ASN D 224 -5.66 -3.27 51.19
CA ASN D 224 -5.38 -4.58 50.61
C ASN D 224 -3.89 -4.77 50.32
N LEU D 225 -3.20 -3.73 49.83
CA LEU D 225 -1.74 -3.83 49.64
C LEU D 225 -1.05 -4.11 50.96
N HIS D 226 -1.45 -3.37 52.01
CA HIS D 226 -0.88 -3.49 53.35
C HIS D 226 -1.00 -4.91 53.89
N ALA D 227 -2.19 -5.51 53.79
CA ALA D 227 -2.41 -6.86 54.31
C ALA D 227 -1.57 -7.89 53.54
N PHE D 228 -1.45 -7.72 52.23
CA PHE D 228 -0.66 -8.64 51.41
C PHE D 228 0.82 -8.60 51.81
N VAL D 229 1.37 -7.39 51.96
CA VAL D 229 2.78 -7.26 52.35
C VAL D 229 3.00 -7.75 53.78
N ARG D 230 2.08 -7.44 54.70
CA ARG D 230 2.21 -7.92 56.07
C ARG D 230 2.29 -9.44 56.13
N ARG D 231 1.52 -10.13 55.30
CA ARG D 231 1.58 -11.59 55.25
C ARG D 231 2.98 -12.09 54.87
N ALA D 232 3.56 -11.46 53.85
CA ALA D 232 4.91 -11.84 53.43
C ALA D 232 5.92 -11.61 54.54
N LEU D 233 5.81 -10.47 55.26
CA LEU D 233 6.72 -10.18 56.36
C LEU D 233 6.54 -11.19 57.49
N HIS D 234 5.31 -11.62 57.75
CA HIS D 234 5.08 -12.61 58.80
C HIS D 234 5.82 -13.91 58.49
N ARG D 235 5.77 -14.36 57.23
CA ARG D 235 6.45 -15.60 56.89
C ARG D 235 7.95 -15.48 57.03
N ARG D 236 8.51 -14.30 56.78
CA ARG D 236 9.95 -14.06 56.86
C ARG D 236 10.46 -13.87 58.30
N TYR D 237 9.81 -13.01 59.06
CA TYR D 237 10.34 -12.59 60.35
C TYR D 237 9.68 -13.28 61.54
N GLY D 238 8.49 -13.87 61.36
CA GLY D 238 7.85 -14.69 62.37
C GLY D 238 6.85 -13.94 63.24
N ASP D 239 6.08 -14.75 64.00
CA ASP D 239 4.96 -14.24 64.80
C ASP D 239 5.39 -13.35 65.95
N ARG D 240 6.63 -13.48 66.41
CA ARG D 240 7.09 -12.63 67.51
C ARG D 240 7.23 -11.18 67.06
N TYR D 241 7.58 -10.94 65.79
CA TYR D 241 7.88 -9.59 65.31
C TYR D 241 6.85 -9.03 64.33
N ILE D 242 5.90 -9.84 63.87
CA ILE D 242 4.82 -9.41 62.98
C ILE D 242 3.48 -9.88 63.56
N ASN D 243 2.54 -8.95 63.75
CA ASN D 243 1.18 -9.25 64.21
C ASN D 243 0.22 -9.15 63.02
N LEU D 244 -0.39 -10.27 62.64
CA LEU D 244 -1.26 -10.28 61.48
C LEU D 244 -2.54 -9.47 61.66
N ARG D 245 -2.82 -8.96 62.85
CA ARG D 245 -3.96 -8.07 63.06
C ARG D 245 -3.52 -6.72 63.63
N GLY D 246 -2.24 -6.39 63.53
CA GLY D 246 -1.72 -5.14 64.05
C GLY D 246 -0.88 -4.36 63.04
N PRO D 247 -0.39 -3.19 63.47
CA PRO D 247 0.43 -2.37 62.57
C PRO D 247 1.78 -3.02 62.27
N ILE D 248 2.33 -2.69 61.09
CA ILE D 248 3.63 -3.23 60.67
C ILE D 248 4.75 -2.43 61.33
N PRO D 249 5.80 -3.06 61.87
CA PRO D 249 6.96 -2.30 62.36
C PRO D 249 7.57 -1.40 61.27
N ALA D 250 7.82 -0.12 61.62
CA ALA D 250 8.05 0.93 60.62
C ALA D 250 9.42 0.85 59.91
N HIS D 251 10.30 -0.10 60.24
CA HIS D 251 11.64 -0.19 59.65
C HIS D 251 11.75 -1.29 58.59
N LEU D 252 10.64 -1.95 58.25
CA LEU D 252 10.71 -3.17 57.46
C LEU D 252 10.23 -3.01 56.04
N LEU D 253 9.96 -1.78 55.57
CA LEU D 253 9.25 -1.60 54.32
C LEU D 253 10.10 -0.95 53.22
N GLY D 254 11.43 -0.90 53.39
CA GLY D 254 12.34 -0.54 52.32
C GLY D 254 12.85 0.89 52.34
N ASP D 255 12.41 1.70 53.28
CA ASP D 255 12.52 3.15 53.22
C ASP D 255 12.52 3.67 54.66
N MET D 256 13.36 4.68 54.94
CA MET D 256 13.48 5.18 56.32
C MET D 256 12.14 5.65 56.89
N TRP D 257 11.22 6.14 56.05
CA TRP D 257 9.92 6.68 56.46
C TRP D 257 8.78 5.74 56.12
N ALA D 258 9.09 4.54 55.60
CA ALA D 258 8.07 3.59 55.12
C ALA D 258 7.15 4.26 54.10
N GLN D 259 7.67 5.24 53.38
CA GLN D 259 6.80 6.06 52.55
C GLN D 259 6.55 5.48 51.17
N SER D 260 7.44 4.64 50.68
CA SER D 260 7.14 3.84 49.50
C SER D 260 7.93 2.55 49.64
N TRP D 261 7.42 1.49 49.03
CA TRP D 261 7.87 0.15 49.37
C TRP D 261 8.52 -0.57 48.19
N GLU D 262 8.87 0.14 47.10
CA GLU D 262 9.40 -0.56 45.92
C GLU D 262 10.69 -1.31 46.22
N ASN D 263 11.45 -0.92 47.27
CA ASN D 263 12.71 -1.59 47.54
C ASN D 263 12.56 -2.96 48.22
N ILE D 264 11.36 -3.38 48.64
CA ILE D 264 11.14 -4.76 49.10
C ILE D 264 10.39 -5.59 48.06
N TYR D 265 10.33 -5.13 46.81
CA TYR D 265 9.69 -5.91 45.76
C TYR D 265 10.23 -7.35 45.71
N ASP D 266 11.55 -7.52 45.88
CA ASP D 266 12.11 -8.88 45.70
C ASP D 266 11.72 -9.83 46.83
N MET D 267 11.08 -9.30 47.89
CA MET D 267 10.53 -10.11 48.97
C MET D 267 9.05 -10.47 48.76
N VAL D 268 8.35 -9.83 47.83
CA VAL D 268 6.89 -10.01 47.70
C VAL D 268 6.43 -10.33 46.28
N VAL D 269 7.35 -10.43 45.33
CA VAL D 269 7.01 -10.63 43.90
C VAL D 269 6.02 -11.80 43.72
N PRO D 270 4.86 -11.57 43.11
CA PRO D 270 3.86 -12.65 42.99
C PRO D 270 4.29 -13.84 42.14
N PHE D 271 5.00 -13.62 41.03
CA PHE D 271 5.33 -14.68 40.06
C PHE D 271 6.81 -14.65 39.71
N PRO D 272 7.65 -15.26 40.55
CA PRO D 272 9.11 -15.12 40.38
C PRO D 272 9.69 -15.72 39.10
N ASP D 273 8.94 -16.53 38.33
CA ASP D 273 9.46 -17.10 37.07
C ASP D 273 9.48 -16.11 35.92
N LYS D 274 8.86 -14.95 36.08
CA LYS D 274 8.78 -13.98 34.99
C LYS D 274 9.99 -13.06 35.04
N PRO D 275 10.13 -12.16 34.05
CA PRO D 275 11.34 -11.32 33.99
C PRO D 275 11.48 -10.47 35.25
N ASN D 276 12.74 -10.25 35.66
CA ASN D 276 13.05 -9.43 36.84
C ASN D 276 12.89 -7.96 36.46
N LEU D 277 11.89 -7.30 37.06
CA LEU D 277 11.54 -5.92 36.72
C LEU D 277 12.40 -4.86 37.40
N ASP D 278 13.27 -5.25 38.31
CA ASP D 278 14.28 -4.34 38.87
C ASP D 278 15.53 -4.44 38.02
N VAL D 279 15.79 -3.40 37.23
CA VAL D 279 16.86 -3.42 36.24
C VAL D 279 18.17 -2.87 36.80
N THR D 280 18.26 -2.65 38.12
CA THR D 280 19.48 -2.09 38.71
C THR D 280 20.72 -2.91 38.35
N SER D 281 20.64 -4.24 38.48
CA SER D 281 21.84 -5.05 38.22
C SER D 281 22.30 -4.93 36.78
N THR D 282 21.37 -4.75 35.83
CA THR D 282 21.74 -4.52 34.44
C THR D 282 22.38 -3.16 34.25
N MET D 283 21.90 -2.12 34.96
CA MET D 283 22.55 -0.82 34.87
C MET D 283 24.01 -0.90 35.31
N LEU D 284 24.27 -1.64 36.39
CA LEU D 284 25.63 -1.76 36.90
C LEU D 284 26.50 -2.56 35.94
N GLN D 285 25.97 -3.66 35.40
CA GLN D 285 26.75 -4.47 34.46
C GLN D 285 27.15 -3.69 33.21
N GLN D 286 26.24 -2.85 32.71
CA GLN D 286 26.51 -2.06 31.51
C GLN D 286 27.35 -0.83 31.78
N GLY D 287 27.67 -0.54 33.04
CA GLY D 287 28.52 0.61 33.36
C GLY D 287 27.84 1.96 33.36
N TRP D 288 26.54 2.02 33.62
CA TRP D 288 25.86 3.32 33.74
C TRP D 288 26.49 4.12 34.87
N GLN D 289 26.58 5.43 34.68
CA GLN D 289 26.97 6.38 35.71
C GLN D 289 25.94 7.50 35.77
N ALA D 290 26.11 8.42 36.74
CA ALA D 290 25.14 9.50 36.92
C ALA D 290 24.91 10.27 35.63
N THR D 291 25.98 10.67 34.94
CA THR D 291 25.79 11.48 33.74
C THR D 291 24.94 10.76 32.70
N HIS D 292 25.09 9.44 32.55
CA HIS D 292 24.27 8.71 31.57
C HIS D 292 22.81 8.74 31.94
N MET D 293 22.52 8.61 33.23
CA MET D 293 21.14 8.64 33.70
C MET D 293 20.49 9.97 33.35
N PHE D 294 21.22 11.08 33.52
CA PHE D 294 20.67 12.40 33.18
C PHE D 294 20.52 12.58 31.66
N ARG D 295 21.44 12.04 30.86
CA ARG D 295 21.33 12.16 29.39
C ARG D 295 20.17 11.34 28.83
N VAL D 296 19.91 10.15 29.40
CA VAL D 296 18.77 9.36 28.95
C VAL D 296 17.45 10.02 29.32
N ALA D 297 17.37 10.62 30.51
CA ALA D 297 16.17 11.39 30.87
C ALA D 297 15.98 12.57 29.93
N GLU D 298 17.06 13.31 29.66
CA GLU D 298 16.99 14.44 28.73
C GLU D 298 16.44 14.01 27.37
N GLU D 299 16.90 12.87 26.86
CA GLU D 299 16.49 12.48 25.51
C GLU D 299 15.00 12.12 25.44
N PHE D 300 14.40 11.66 26.54
CA PHE D 300 12.93 11.50 26.55
C PHE D 300 12.24 12.84 26.36
N PHE D 301 12.70 13.87 27.10
CA PHE D 301 12.11 15.21 26.93
C PHE D 301 12.22 15.69 25.48
N THR D 302 13.40 15.58 24.86
CA THR D 302 13.56 16.06 23.48
C THR D 302 12.78 15.19 22.49
N SER D 303 12.54 13.91 22.81
CA SER D 303 11.73 13.08 21.91
C SER D 303 10.31 13.62 21.79
N LEU D 304 9.85 14.36 22.80
CA LEU D 304 8.56 15.03 22.82
C LEU D 304 8.63 16.43 22.23
N GLU D 305 9.77 16.83 21.69
CA GLU D 305 10.00 18.21 21.23
C GLU D 305 9.90 19.22 22.37
N LEU D 306 10.26 18.81 23.57
CA LEU D 306 10.52 19.74 24.65
C LEU D 306 12.01 20.07 24.63
N SER D 307 12.47 20.91 25.59
CA SER D 307 13.81 21.51 25.49
C SER D 307 14.88 20.60 26.09
N PRO D 308 16.06 20.57 25.47
CA PRO D 308 17.23 19.96 26.12
C PRO D 308 17.69 20.80 27.30
N MET D 309 18.56 20.21 28.13
CA MET D 309 19.20 20.96 29.20
C MET D 309 20.27 21.89 28.60
N PRO D 310 20.34 23.14 29.05
CA PRO D 310 21.29 24.09 28.45
C PRO D 310 22.70 23.86 28.97
N PRO D 311 23.73 24.44 28.32
CA PRO D 311 25.10 24.24 28.80
C PRO D 311 25.29 24.63 30.26
N GLU D 312 24.65 25.72 30.68
CA GLU D 312 24.78 26.18 32.07
C GLU D 312 24.33 25.10 33.06
N PHE D 313 23.38 24.25 32.67
CA PHE D 313 22.97 23.13 33.52
C PHE D 313 24.08 22.09 33.68
N TRP D 314 24.71 21.69 32.56
CA TRP D 314 25.75 20.66 32.65
C TRP D 314 27.00 21.20 33.32
N GLU D 315 27.33 22.47 33.10
CA GLU D 315 28.53 23.02 33.71
C GLU D 315 28.35 23.33 35.20
N GLY D 316 27.13 23.65 35.64
CA GLY D 316 26.95 24.09 37.01
C GLY D 316 26.38 23.08 38.00
N SER D 317 25.72 22.02 37.54
CA SER D 317 25.03 21.09 38.44
C SER D 317 26.00 20.22 39.23
N MET D 318 25.51 19.68 40.37
CA MET D 318 26.23 18.72 41.19
C MET D 318 25.48 17.40 41.07
N LEU D 319 26.00 16.47 40.27
CA LEU D 319 25.27 15.23 39.97
C LEU D 319 25.82 14.02 40.71
N GLU D 320 26.91 14.19 41.49
CA GLU D 320 27.42 13.14 42.37
C GLU D 320 27.84 13.77 43.69
N LYS D 321 27.79 12.96 44.76
CA LYS D 321 28.28 13.39 46.07
C LYS D 321 29.77 13.71 46.00
N PRO D 322 30.22 14.87 46.51
CA PRO D 322 31.65 15.21 46.43
C PRO D 322 32.50 14.19 47.19
N ALA D 323 33.63 13.83 46.60
CA ALA D 323 34.54 12.84 47.16
C ALA D 323 35.58 13.47 48.09
N ASP D 324 35.62 14.79 48.17
CA ASP D 324 36.51 15.46 49.10
C ASP D 324 35.99 15.44 50.53
N GLY D 325 34.99 14.58 50.73
CA GLY D 325 34.34 14.44 51.99
C GLY D 325 33.61 15.65 52.57
N ARG D 326 33.43 16.76 51.84
CA ARG D 326 32.69 18.00 52.21
C ARG D 326 31.31 17.75 52.72
N GLU D 327 30.77 18.57 53.61
CA GLU D 327 29.40 18.35 54.01
C GLU D 327 28.50 19.01 52.99
N VAL D 328 27.48 18.30 52.50
CA VAL D 328 26.52 18.81 51.53
C VAL D 328 25.13 18.37 51.94
N VAL D 329 24.13 19.08 51.41
CA VAL D 329 22.73 18.63 51.45
C VAL D 329 22.56 17.64 50.30
N CYS D 330 22.48 16.35 50.60
CA CYS D 330 22.35 15.37 49.54
C CYS D 330 20.93 15.23 49.00
N HIS D 331 19.91 15.60 49.77
CA HIS D 331 18.52 15.42 49.32
C HIS D 331 18.33 16.09 47.97
N ALA D 332 17.87 15.32 46.98
CA ALA D 332 17.85 15.80 45.60
C ALA D 332 16.96 17.04 45.43
N SER D 333 17.41 18.02 44.65
CA SER D 333 16.60 19.22 44.43
C SER D 333 16.95 19.92 43.11
N ALA D 334 15.96 20.67 42.60
CA ALA D 334 16.01 21.44 41.36
C ALA D 334 15.99 22.94 41.66
N TRP D 335 16.72 23.71 40.83
CA TRP D 335 17.07 25.11 41.15
C TRP D 335 16.85 26.05 39.95
N ASP D 336 15.96 27.02 40.14
CA ASP D 336 15.77 28.16 39.22
C ASP D 336 16.45 29.38 39.83
N PHE D 337 17.40 29.98 39.10
CA PHE D 337 18.14 31.14 39.60
C PHE D 337 17.49 32.47 39.23
N TYR D 338 16.35 32.46 38.52
CA TYR D 338 15.55 33.62 38.17
C TYR D 338 16.29 34.63 37.29
N ASN D 339 17.33 34.19 36.57
CA ASN D 339 17.99 35.07 35.61
C ASN D 339 17.79 34.57 34.17
N ARG D 340 16.95 33.56 33.98
CA ARG D 340 16.56 33.02 32.68
C ARG D 340 17.70 32.31 31.97
N LYS D 341 18.82 32.03 32.67
CA LYS D 341 19.98 31.35 32.11
C LYS D 341 20.47 30.17 32.94
N ASP D 342 20.55 30.33 34.26
CA ASP D 342 21.09 29.31 35.15
C ASP D 342 19.97 28.47 35.74
N PHE D 343 20.09 27.16 35.60
CA PHE D 343 19.17 26.15 36.09
C PHE D 343 20.02 24.93 36.43
N ARG D 344 19.81 24.31 37.61
CA ARG D 344 20.72 23.27 38.09
C ARG D 344 19.98 22.20 38.89
N ILE D 345 20.51 20.97 38.89
CA ILE D 345 20.11 19.95 39.86
C ILE D 345 21.28 19.69 40.81
N LYS D 346 20.95 19.45 42.08
CA LYS D 346 21.91 19.05 43.12
C LYS D 346 21.44 17.69 43.67
N GLN D 347 22.10 16.60 43.24
CA GLN D 347 21.71 15.23 43.63
C GLN D 347 22.94 14.37 43.86
N CYS D 348 22.97 13.64 45.00
CA CYS D 348 24.01 12.66 45.28
C CYS D 348 23.64 11.34 44.62
N THR D 349 23.66 11.35 43.28
CA THR D 349 23.07 10.27 42.47
C THR D 349 23.76 8.94 42.71
N ARG D 350 22.95 7.89 42.88
CA ARG D 350 23.42 6.51 42.91
C ARG D 350 22.85 5.75 41.73
N VAL D 351 23.54 4.70 41.29
CA VAL D 351 23.14 3.96 40.08
C VAL D 351 22.17 2.86 40.50
N THR D 352 20.88 3.19 40.47
CA THR D 352 19.78 2.26 40.81
C THR D 352 18.55 2.64 39.99
N MET D 353 17.59 1.71 39.92
CA MET D 353 16.36 1.97 39.17
C MET D 353 15.53 3.06 39.84
N ASP D 354 15.41 3.05 41.17
CA ASP D 354 14.54 4.06 41.75
C ASP D 354 15.21 5.45 41.69
N GLN D 355 16.56 5.51 41.64
CA GLN D 355 17.24 6.78 41.38
C GLN D 355 17.03 7.27 39.95
N LEU D 356 16.91 6.37 38.96
CA LEU D 356 16.56 6.83 37.63
C LEU D 356 15.21 7.54 37.64
N SER D 357 14.27 7.05 38.45
CA SER D 357 12.99 7.75 38.62
C SER D 357 13.17 9.12 39.26
N THR D 358 14.01 9.22 40.30
CA THR D 358 14.26 10.52 40.93
C THR D 358 14.90 11.52 39.95
N VAL D 359 15.78 11.02 39.06
CA VAL D 359 16.37 11.89 38.02
C VAL D 359 15.26 12.48 37.15
N HIS D 360 14.29 11.67 36.72
CA HIS D 360 13.19 12.19 35.91
C HIS D 360 12.33 13.17 36.71
N HIS D 361 12.07 12.86 37.98
CA HIS D 361 11.32 13.80 38.86
C HIS D 361 11.96 15.19 38.88
N GLU D 362 13.27 15.25 39.15
CA GLU D 362 13.98 16.52 39.22
C GLU D 362 14.05 17.22 37.86
N MET D 363 14.30 16.48 36.77
CA MET D 363 14.36 17.13 35.46
C MET D 363 13.00 17.66 35.05
N GLY D 364 11.91 17.06 35.55
CA GLY D 364 10.59 17.64 35.32
C GLY D 364 10.46 19.06 35.86
N HIS D 365 11.02 19.29 37.06
CA HIS D 365 11.06 20.65 37.62
C HIS D 365 11.84 21.59 36.69
N ILE D 366 13.02 21.16 36.24
CA ILE D 366 13.85 21.98 35.34
C ILE D 366 13.09 22.32 34.07
N GLN D 367 12.41 21.33 33.46
CA GLN D 367 11.69 21.61 32.22
C GLN D 367 10.61 22.68 32.42
N TYR D 368 9.90 22.63 33.55
CA TYR D 368 8.94 23.69 33.87
C TYR D 368 9.64 25.05 33.88
N TYR D 369 10.80 25.15 34.54
CA TYR D 369 11.53 26.42 34.61
C TYR D 369 11.90 26.92 33.21
N LEU D 370 12.36 26.02 32.33
CA LEU D 370 12.76 26.43 30.99
C LEU D 370 11.57 26.97 30.22
N GLN D 371 10.40 26.36 30.39
CA GLN D 371 9.23 26.71 29.58
C GLN D 371 8.56 28.01 30.03
N TYR D 372 8.64 28.40 31.30
CA TYR D 372 7.97 29.63 31.72
C TYR D 372 8.95 30.78 32.05
N LYS D 373 10.20 30.66 31.60
CA LYS D 373 11.25 31.59 32.04
C LYS D 373 11.02 33.02 31.56
N ASP D 374 10.22 33.23 30.51
CA ASP D 374 9.97 34.57 29.99
C ASP D 374 8.68 35.20 30.50
N LEU D 375 7.97 34.52 31.40
CA LEU D 375 6.85 35.14 32.07
C LEU D 375 7.35 36.13 33.13
N PRO D 376 6.47 37.00 33.60
CA PRO D 376 6.80 37.84 34.75
C PRO D 376 7.20 36.98 35.95
N VAL D 377 8.15 37.51 36.73
CA VAL D 377 8.79 36.74 37.80
C VAL D 377 7.76 36.14 38.75
N SER D 378 6.72 36.92 39.08
CA SER D 378 5.71 36.46 40.04
C SER D 378 4.90 35.27 39.53
N LEU D 379 4.89 35.04 38.22
CA LEU D 379 4.12 33.96 37.61
C LEU D 379 4.97 32.75 37.24
N ARG D 380 6.24 32.73 37.65
CA ARG D 380 7.12 31.60 37.34
C ARG D 380 6.98 30.52 38.43
N ARG D 381 5.78 29.94 38.47
N ARG D 381 5.80 29.91 38.44
CA ARG D 381 5.45 28.83 39.34
CA ARG D 381 5.47 28.78 39.30
C ARG D 381 4.55 27.86 38.58
C ARG D 381 4.56 27.84 38.56
N GLY D 382 4.29 26.69 39.18
CA GLY D 382 3.31 25.79 38.62
C GLY D 382 1.89 26.32 38.82
N ALA D 383 0.96 25.80 38.02
CA ALA D 383 -0.43 26.25 38.16
C ALA D 383 -0.94 26.08 39.58
N ASN D 384 -0.61 24.95 40.25
CA ASN D 384 -0.53 24.87 41.70
C ASN D 384 0.68 23.98 42.04
N PRO D 385 1.09 23.87 43.31
CA PRO D 385 2.34 23.12 43.58
C PRO D 385 2.28 21.64 43.17
N GLY D 386 1.10 21.03 43.15
CA GLY D 386 0.98 19.65 42.69
C GLY D 386 1.32 19.47 41.23
N PHE D 387 1.02 20.47 40.38
CA PHE D 387 1.42 20.41 38.98
C PHE D 387 2.93 20.26 38.83
N HIS D 388 3.70 21.09 39.59
CA HIS D 388 5.16 21.04 39.50
C HIS D 388 5.69 19.66 39.87
N GLU D 389 5.09 19.03 40.88
CA GLU D 389 5.53 17.70 41.30
C GLU D 389 5.19 16.60 40.30
N ALA D 390 4.19 16.79 39.45
CA ALA D 390 3.70 15.70 38.61
C ALA D 390 4.45 15.54 37.29
N ILE D 391 5.15 16.58 36.80
CA ILE D 391 5.65 16.56 35.41
C ILE D 391 6.62 15.39 35.19
N GLY D 392 7.66 15.30 36.01
CA GLY D 392 8.65 14.27 35.80
C GLY D 392 8.11 12.89 36.09
N ASP D 393 7.21 12.77 37.08
CA ASP D 393 6.59 11.48 37.39
C ASP D 393 5.79 10.93 36.20
N VAL D 394 5.14 11.82 35.42
CA VAL D 394 4.35 11.36 34.27
C VAL D 394 5.25 10.68 33.24
N LEU D 395 6.39 11.30 32.92
CA LEU D 395 7.31 10.66 31.97
C LEU D 395 7.86 9.36 32.53
N ALA D 396 8.13 9.33 33.84
CA ALA D 396 8.69 8.13 34.46
C ALA D 396 7.71 6.98 34.45
N LEU D 397 6.41 7.25 34.39
CA LEU D 397 5.44 6.17 34.21
C LEU D 397 5.63 5.45 32.87
N SER D 398 5.91 6.22 31.79
CA SER D 398 6.21 5.60 30.49
C SER D 398 7.54 4.87 30.51
N VAL D 399 8.56 5.47 31.13
CA VAL D 399 9.90 4.88 31.16
C VAL D 399 9.90 3.51 31.84
N SER D 400 9.14 3.35 32.92
N SER D 400 9.12 3.36 32.90
CA SER D 400 9.20 2.13 33.72
CA SER D 400 9.13 2.15 33.73
C SER D 400 8.46 0.94 33.09
C SER D 400 8.49 0.94 33.06
N THR D 401 7.72 1.15 32.00
CA THR D 401 7.01 0.03 31.38
C THR D 401 8.02 -0.98 30.84
N PRO D 402 7.75 -2.28 30.97
CA PRO D 402 8.68 -3.26 30.40
C PRO D 402 8.98 -3.04 28.92
N GLU D 403 8.00 -2.59 28.15
CA GLU D 403 8.24 -2.30 26.74
C GLU D 403 9.23 -1.16 26.55
N HIS D 404 9.13 -0.09 27.35
CA HIS D 404 10.14 0.98 27.19
C HIS D 404 11.50 0.52 27.66
N LEU D 405 11.57 -0.21 28.77
CA LEU D 405 12.86 -0.67 29.27
C LEU D 405 13.56 -1.54 28.22
N HIS D 406 12.79 -2.33 27.46
CA HIS D 406 13.39 -3.11 26.37
C HIS D 406 13.97 -2.19 25.29
N LYS D 407 13.26 -1.10 24.95
CA LYS D 407 13.76 -0.16 23.95
C LYS D 407 15.10 0.46 24.32
N ILE D 408 15.36 0.68 25.60
CA ILE D 408 16.61 1.32 26.02
C ILE D 408 17.62 0.31 26.55
N GLY D 409 17.42 -0.98 26.25
CA GLY D 409 18.44 -1.98 26.50
C GLY D 409 18.53 -2.47 27.91
N LEU D 410 17.51 -2.25 28.74
CA LEU D 410 17.58 -2.60 30.15
C LEU D 410 16.78 -3.84 30.51
N LEU D 411 16.06 -4.44 29.56
CA LEU D 411 15.24 -5.62 29.87
C LEU D 411 15.15 -6.46 28.58
N ASP D 412 15.90 -7.56 28.54
CA ASP D 412 16.00 -8.36 27.31
C ASP D 412 14.72 -9.15 27.06
N ARG D 413 14.28 -9.91 28.06
CA ARG D 413 13.12 -10.77 27.89
C ARG D 413 11.84 -9.95 27.75
N VAL D 414 10.96 -10.42 26.85
CA VAL D 414 9.69 -9.78 26.51
C VAL D 414 8.57 -10.78 26.79
N THR D 415 7.50 -10.32 27.46
CA THR D 415 6.34 -11.14 27.76
C THR D 415 5.09 -10.26 27.87
N ASN D 416 3.91 -10.80 27.46
CA ASN D 416 2.59 -10.09 27.61
C ASN D 416 1.54 -11.09 28.06
N ASP D 417 1.63 -11.53 29.30
CA ASP D 417 0.71 -12.49 29.87
C ASP D 417 0.19 -11.96 31.19
N THR D 418 -0.81 -12.63 31.74
CA THR D 418 -1.49 -12.09 32.92
C THR D 418 -0.58 -12.06 34.15
N GLU D 419 0.30 -13.05 34.31
CA GLU D 419 1.22 -13.05 35.46
C GLU D 419 2.20 -11.89 35.39
N SER D 420 2.74 -11.62 34.18
CA SER D 420 3.70 -10.53 34.03
C SER D 420 3.06 -9.19 34.34
N ASP D 421 1.79 -9.01 33.95
CA ASP D 421 1.05 -7.80 34.24
C ASP D 421 0.87 -7.59 35.73
N ILE D 422 0.55 -8.66 36.46
CA ILE D 422 0.38 -8.55 37.91
C ILE D 422 1.71 -8.18 38.59
N ASN D 423 2.83 -8.78 38.14
CA ASN D 423 4.13 -8.39 38.71
C ASN D 423 4.38 -6.90 38.54
N TYR D 424 4.16 -6.38 37.32
CA TYR D 424 4.42 -4.96 37.06
C TYR D 424 3.51 -4.06 37.88
N LEU D 425 2.21 -4.32 37.86
CA LEU D 425 1.28 -3.49 38.62
C LEU D 425 1.51 -3.57 40.13
N LEU D 426 1.91 -4.74 40.64
CA LEU D 426 2.26 -4.82 42.06
C LEU D 426 3.48 -3.96 42.38
N LYS D 427 4.51 -4.02 41.54
CA LYS D 427 5.70 -3.18 41.74
C LYS D 427 5.33 -1.69 41.72
N MET D 428 4.46 -1.30 40.77
CA MET D 428 4.03 0.11 40.73
C MET D 428 3.13 0.47 41.93
N ALA D 429 2.37 -0.50 42.48
CA ALA D 429 1.57 -0.22 43.67
C ALA D 429 2.45 0.02 44.89
N LEU D 430 3.55 -0.73 45.02
CA LEU D 430 4.52 -0.50 46.09
C LEU D 430 5.09 0.91 46.03
N GLU D 431 5.27 1.44 44.82
CA GLU D 431 5.85 2.79 44.66
C GLU D 431 4.81 3.89 44.87
N LYS D 432 3.56 3.70 44.38
CA LYS D 432 2.55 4.76 44.30
C LYS D 432 1.42 4.65 45.32
N ILE D 433 0.85 3.45 45.49
N ILE D 433 0.84 3.45 45.50
CA ILE D 433 -0.27 3.28 46.42
CA ILE D 433 -0.29 3.33 46.42
C ILE D 433 0.21 3.41 47.87
C ILE D 433 0.19 3.37 47.88
N ALA D 434 1.36 2.81 48.18
CA ALA D 434 1.85 2.86 49.55
C ALA D 434 2.16 4.29 50.00
N PHE D 435 2.49 5.18 49.07
CA PHE D 435 2.82 6.57 49.40
C PHE D 435 1.59 7.38 49.79
N LEU D 436 0.41 7.03 49.27
CA LEU D 436 -0.76 7.88 49.46
C LEU D 436 -1.05 8.25 50.92
N PRO D 437 -1.12 7.30 51.88
CA PRO D 437 -1.36 7.72 53.28
C PRO D 437 -0.29 8.64 53.84
N PHE D 438 0.98 8.44 53.48
CA PHE D 438 2.05 9.30 53.96
C PHE D 438 1.94 10.70 53.35
N GLY D 439 1.72 10.78 52.04
CA GLY D 439 1.56 12.09 51.41
C GLY D 439 0.43 12.89 52.02
N TYR D 440 -0.62 12.21 52.51
CA TYR D 440 -1.79 12.87 53.10
C TYR D 440 -1.53 13.30 54.55
N LEU D 441 -0.80 12.50 55.34
CA LEU D 441 -0.76 12.73 56.78
C LEU D 441 0.26 13.80 57.22
N VAL D 442 1.34 14.03 56.44
CA VAL D 442 2.43 14.90 56.92
C VAL D 442 1.92 16.31 57.22
N ASP D 443 1.17 16.91 56.30
CA ASP D 443 0.66 18.25 56.55
C ASP D 443 -0.59 18.27 57.44
N GLN D 444 -1.30 17.14 57.62
CA GLN D 444 -2.26 17.10 58.72
C GLN D 444 -1.56 17.34 60.05
N TRP D 445 -0.38 16.72 60.24
CA TRP D 445 0.38 16.97 61.45
C TRP D 445 0.79 18.45 61.53
N ARG D 446 1.35 19.00 60.46
CA ARG D 446 1.87 20.36 60.52
C ARG D 446 0.76 21.39 60.62
N TRP D 447 -0.38 21.17 59.94
CA TRP D 447 -1.50 22.09 60.08
C TRP D 447 -1.94 22.17 61.53
N GLY D 448 -1.97 21.03 62.23
CA GLY D 448 -2.32 21.02 63.64
C GLY D 448 -1.28 21.67 64.54
N VAL D 449 0.00 21.59 64.18
CA VAL D 449 1.03 22.32 64.93
C VAL D 449 0.88 23.83 64.72
N PHE D 450 0.70 24.26 63.47
CA PHE D 450 0.57 25.70 63.19
C PHE D 450 -0.67 26.29 63.86
N SER D 451 -1.78 25.54 63.90
CA SER D 451 -3.03 26.06 64.48
C SER D 451 -3.05 26.05 66.00
N GLY D 452 -2.09 25.39 66.65
CA GLY D 452 -2.09 25.23 68.09
C GLY D 452 -2.80 24.01 68.63
N ARG D 453 -3.49 23.23 67.79
CA ARG D 453 -4.13 22.01 68.27
C ARG D 453 -3.11 20.98 68.78
N THR D 454 -1.89 20.97 68.21
CA THR D 454 -0.81 20.11 68.68
C THR D 454 0.31 20.97 69.28
N PRO D 455 0.35 21.16 70.61
CA PRO D 455 1.44 21.90 71.22
C PRO D 455 2.69 21.04 71.33
N PRO D 456 3.84 21.64 71.66
CA PRO D 456 5.08 20.84 71.82
C PRO D 456 4.92 19.61 72.73
N SER D 457 4.11 19.71 73.78
CA SER D 457 3.93 18.58 74.69
C SER D 457 3.28 17.37 74.03
N ARG D 458 2.76 17.50 72.80
CA ARG D 458 2.16 16.38 72.10
C ARG D 458 2.71 16.20 70.68
N TYR D 459 3.89 16.77 70.36
CA TYR D 459 4.44 16.61 69.00
C TYR D 459 4.51 15.13 68.58
N ASN D 460 5.06 14.27 69.44
CA ASN D 460 5.31 12.87 69.03
C ASN D 460 4.08 11.99 69.20
N PHE D 461 3.33 12.21 70.28
CA PHE D 461 2.03 11.55 70.50
C PHE D 461 1.11 11.71 69.29
N ASP D 462 0.99 12.94 68.76
CA ASP D 462 0.10 13.20 67.62
C ASP D 462 0.72 12.73 66.29
N TRP D 463 2.05 12.80 66.14
CA TRP D 463 2.70 12.23 64.96
C TRP D 463 2.40 10.73 64.85
N TRP D 464 2.60 9.97 65.92
CA TRP D 464 2.39 8.54 65.84
C TRP D 464 0.90 8.17 65.80
N TYR D 465 0.02 9.01 66.38
CA TYR D 465 -1.42 8.82 66.15
C TYR D 465 -1.72 8.81 64.65
N LEU D 466 -1.18 9.80 63.91
CA LEU D 466 -1.47 9.91 62.48
C LEU D 466 -0.79 8.80 61.68
N ARG D 467 0.47 8.46 62.03
CA ARG D 467 1.18 7.40 61.34
C ARG D 467 0.43 6.07 61.45
N THR D 468 -0.10 5.76 62.63
CA THR D 468 -0.87 4.53 62.81
C THR D 468 -2.23 4.64 62.11
N LYS D 469 -2.93 5.77 62.30
CA LYS D 469 -4.25 5.95 61.69
C LYS D 469 -4.24 5.70 60.18
N TYR D 470 -3.28 6.30 59.47
CA TYR D 470 -3.26 6.24 58.00
C TYR D 470 -2.35 5.16 57.43
N GLN D 471 -1.08 5.05 57.89
CA GLN D 471 -0.19 4.05 57.29
C GLN D 471 -0.31 2.68 57.97
N GLY D 472 -0.85 2.60 59.18
CA GLY D 472 -0.89 1.29 59.83
C GLY D 472 0.48 0.75 60.17
N ILE D 473 1.37 1.60 60.67
CA ILE D 473 2.70 1.21 61.13
C ILE D 473 2.86 1.63 62.59
N CYS D 474 3.88 1.08 63.25
CA CYS D 474 4.21 1.37 64.63
C CYS D 474 5.72 1.48 64.79
N PRO D 475 6.20 2.27 65.76
CA PRO D 475 7.67 2.38 65.98
C PRO D 475 8.23 1.08 66.52
N PRO D 476 9.39 0.62 66.03
CA PRO D 476 9.92 -0.68 66.46
C PRO D 476 10.71 -0.64 67.76
N VAL D 477 10.96 0.55 68.32
CA VAL D 477 11.41 0.72 69.69
C VAL D 477 10.46 1.74 70.33
N THR D 478 10.40 1.71 71.66
CA THR D 478 9.51 2.60 72.40
C THR D 478 9.90 4.07 72.19
N ARG D 479 8.90 4.93 72.03
CA ARG D 479 9.14 6.37 71.90
C ARG D 479 8.42 7.12 73.00
N ASN D 480 8.91 8.33 73.31
CA ASN D 480 8.26 9.23 74.27
C ASN D 480 8.45 10.67 73.79
N GLU D 481 8.01 11.66 74.59
CA GLU D 481 8.05 13.04 74.09
C GLU D 481 9.43 13.68 74.13
N THR D 482 10.46 12.98 74.57
CA THR D 482 11.80 13.48 74.29
C THR D 482 12.15 13.32 72.81
N HIS D 483 11.55 12.33 72.15
CA HIS D 483 11.75 12.12 70.73
C HIS D 483 10.90 13.10 69.91
N PHE D 484 11.42 13.41 68.69
CA PHE D 484 10.77 14.33 67.74
C PHE D 484 10.91 13.71 66.34
N ASP D 485 10.15 12.63 66.12
CA ASP D 485 10.33 11.79 64.93
C ASP D 485 9.85 12.47 63.65
N ALA D 486 8.92 13.42 63.73
CA ALA D 486 8.57 14.22 62.57
C ALA D 486 9.78 15.00 62.04
N GLY D 487 10.70 15.41 62.93
CA GLY D 487 11.86 16.19 62.53
C GLY D 487 12.89 15.39 61.76
N ALA D 488 12.83 14.06 61.83
CA ALA D 488 13.74 13.20 61.07
C ALA D 488 13.31 12.98 59.62
N LYS D 489 12.32 13.73 59.13
CA LYS D 489 11.93 13.73 57.72
C LYS D 489 12.30 15.09 57.11
N PHE D 490 13.05 15.06 56.00
CA PHE D 490 13.66 16.26 55.39
C PHE D 490 12.77 17.50 55.38
N HIS D 491 11.53 17.38 54.88
CA HIS D 491 10.72 18.55 54.60
C HIS D 491 10.30 19.33 55.86
N VAL D 492 10.38 18.74 57.04
CA VAL D 492 9.97 19.40 58.28
C VAL D 492 11.03 20.44 58.67
N PRO D 493 12.28 20.07 58.98
CA PRO D 493 13.30 21.10 59.22
C PRO D 493 13.61 22.00 58.04
N ASN D 494 13.44 21.54 56.80
CA ASN D 494 13.72 22.38 55.64
C ASN D 494 12.48 23.17 55.17
N VAL D 495 11.38 23.12 55.96
CA VAL D 495 10.17 23.93 55.78
C VAL D 495 9.66 23.94 54.34
N THR D 496 9.48 22.76 53.78
CA THR D 496 8.85 22.60 52.48
C THR D 496 7.50 21.94 52.66
N PRO D 497 6.39 22.53 52.16
CA PRO D 497 5.08 21.89 52.30
C PRO D 497 5.01 20.53 51.61
N TYR D 498 4.08 19.68 52.08
CA TYR D 498 4.00 18.28 51.65
C TYR D 498 2.70 17.90 50.91
N ILE D 499 1.58 18.60 51.09
CA ILE D 499 0.33 18.13 50.48
C ILE D 499 0.44 18.10 48.94
N ARG D 500 1.36 18.91 48.36
CA ARG D 500 1.68 18.87 46.94
C ARG D 500 1.95 17.45 46.42
N TYR D 501 2.56 16.58 47.24
CA TYR D 501 2.90 15.23 46.77
C TYR D 501 1.68 14.31 46.75
N PHE D 502 0.77 14.45 47.71
CA PHE D 502 -0.50 13.73 47.62
C PHE D 502 -1.29 14.17 46.38
N VAL D 503 -1.40 15.49 46.16
CA VAL D 503 -2.08 16.00 44.97
C VAL D 503 -1.43 15.42 43.71
N SER D 504 -0.09 15.45 43.67
CA SER D 504 0.64 14.97 42.50
C SER D 504 0.40 13.50 42.19
N PHE D 505 0.37 12.64 43.23
CA PHE D 505 0.26 11.21 42.97
C PHE D 505 -1.12 10.84 42.42
N VAL D 506 -2.14 11.68 42.63
CA VAL D 506 -3.43 11.50 41.97
C VAL D 506 -3.42 12.14 40.59
N LEU D 507 -2.94 13.39 40.51
CA LEU D 507 -2.93 14.17 39.28
C LEU D 507 -2.13 13.49 38.16
N GLN D 508 -1.00 12.87 38.49
CA GLN D 508 -0.13 12.36 37.43
C GLN D 508 -0.82 11.27 36.60
N PHE D 509 -1.77 10.53 37.18
CA PHE D 509 -2.52 9.54 36.40
C PHE D 509 -3.58 10.23 35.52
N GLN D 510 -4.16 11.34 35.97
CA GLN D 510 -5.00 12.14 35.07
C GLN D 510 -4.21 12.65 33.85
N PHE D 511 -2.99 13.15 34.09
CA PHE D 511 -2.12 13.61 33.00
C PHE D 511 -1.75 12.47 32.04
N HIS D 512 -1.37 11.32 32.60
CA HIS D 512 -0.96 10.16 31.81
C HIS D 512 -2.09 9.71 30.89
N GLU D 513 -3.30 9.61 31.43
CA GLU D 513 -4.44 9.21 30.61
C GLU D 513 -4.63 10.17 29.45
N ALA D 514 -4.58 11.48 29.72
CA ALA D 514 -4.80 12.49 28.68
C ALA D 514 -3.71 12.48 27.63
N LEU D 515 -2.44 12.33 28.04
CA LEU D 515 -1.37 12.34 27.05
C LEU D 515 -1.38 11.07 26.21
N CYS D 516 -1.73 9.93 26.83
CA CYS D 516 -1.82 8.67 26.12
C CYS D 516 -2.95 8.71 25.07
N LYS D 517 -4.07 9.34 25.39
CA LYS D 517 -5.13 9.51 24.40
C LYS D 517 -4.64 10.40 23.25
N GLU D 518 -3.98 11.52 23.60
CA GLU D 518 -3.51 12.44 22.57
C GLU D 518 -2.43 11.79 21.67
N ALA D 519 -1.69 10.82 22.20
CA ALA D 519 -0.70 10.10 21.41
C ALA D 519 -1.32 9.10 20.46
N GLY D 520 -2.63 8.88 20.56
CA GLY D 520 -3.26 7.86 19.74
C GLY D 520 -3.13 6.46 20.27
N TYR D 521 -2.73 6.29 21.54
CA TYR D 521 -2.59 4.97 22.13
C TYR D 521 -3.96 4.42 22.52
N GLU D 522 -4.19 3.12 22.28
CA GLU D 522 -5.50 2.53 22.53
C GLU D 522 -5.50 1.25 23.36
N GLY D 523 -4.35 0.80 23.86
CA GLY D 523 -4.31 -0.35 24.73
C GLY D 523 -4.54 -0.04 26.20
N PRO D 524 -4.21 -1.00 27.06
CA PRO D 524 -4.34 -0.78 28.50
C PRO D 524 -3.49 0.40 28.98
N LEU D 525 -4.07 1.17 29.91
CA LEU D 525 -3.43 2.41 30.34
C LEU D 525 -2.05 2.17 30.91
N HIS D 526 -1.86 1.07 31.65
CA HIS D 526 -0.58 0.79 32.28
C HIS D 526 0.48 0.27 31.31
N GLN D 527 0.14 0.10 30.02
CA GLN D 527 1.13 -0.27 29.02
C GLN D 527 1.40 0.87 28.03
N CYS D 528 0.84 2.05 28.26
CA CYS D 528 1.12 3.20 27.40
C CYS D 528 2.56 3.68 27.57
N ASP D 529 3.20 4.04 26.44
CA ASP D 529 4.50 4.72 26.42
C ASP D 529 4.40 5.91 25.47
N ILE D 530 4.52 7.15 25.99
CA ILE D 530 4.38 8.33 25.13
C ILE D 530 5.69 8.74 24.44
N TYR D 531 6.76 7.98 24.60
CA TYR D 531 8.04 8.28 23.93
C TYR D 531 7.84 8.61 22.46
N ARG D 532 8.46 9.70 22.01
CA ARG D 532 8.47 10.18 20.62
C ARG D 532 7.12 10.70 20.11
N SER D 533 6.13 10.89 20.99
CA SER D 533 4.85 11.50 20.58
C SER D 533 4.93 13.02 20.62
N THR D 534 5.07 13.65 19.46
CA THR D 534 5.13 15.10 19.40
C THR D 534 3.79 15.74 19.75
N LYS D 535 2.66 15.05 19.49
CA LYS D 535 1.36 15.58 19.88
C LYS D 535 1.19 15.58 21.39
N ALA D 536 1.57 14.49 22.06
CA ALA D 536 1.54 14.51 23.52
C ALA D 536 2.45 15.62 24.04
N GLY D 537 3.63 15.76 23.45
CA GLY D 537 4.55 16.80 23.85
C GLY D 537 3.93 18.19 23.76
N ALA D 538 3.15 18.43 22.70
CA ALA D 538 2.55 19.76 22.52
C ALA D 538 1.49 20.03 23.57
N LYS D 539 0.74 19.00 23.97
CA LYS D 539 -0.27 19.16 24.99
C LYS D 539 0.36 19.44 26.34
N LEU D 540 1.47 18.78 26.65
CA LEU D 540 2.20 19.05 27.90
C LEU D 540 2.84 20.44 27.88
N ARG D 541 3.44 20.85 26.76
CA ARG D 541 4.09 22.15 26.66
C ARG D 541 3.12 23.30 26.95
N LYS D 542 1.88 23.17 26.50
CA LYS D 542 0.87 24.19 26.79
C LYS D 542 0.69 24.38 28.30
N VAL D 543 0.68 23.30 29.07
CA VAL D 543 0.61 23.42 30.52
C VAL D 543 1.84 24.14 31.06
N LEU D 544 3.04 23.72 30.63
CA LEU D 544 4.26 24.22 31.24
C LEU D 544 4.44 25.71 30.97
N ARG D 545 4.08 26.17 29.77
CA ARG D 545 4.29 27.57 29.42
C ARG D 545 3.33 28.52 30.14
N ALA D 546 2.23 28.02 30.72
CA ALA D 546 1.28 28.87 31.40
C ALA D 546 1.74 29.32 32.78
N GLY D 547 2.71 28.63 33.39
CA GLY D 547 3.11 29.03 34.75
C GLY D 547 1.90 29.11 35.66
N SER D 548 1.85 30.16 36.51
CA SER D 548 0.69 30.45 37.34
C SER D 548 -0.11 31.65 36.81
N SER D 549 -0.07 31.87 35.50
CA SER D 549 -0.77 33.00 34.90
C SER D 549 -2.28 32.80 34.87
N ARG D 550 -2.75 31.56 34.98
CA ARG D 550 -4.18 31.27 34.90
C ARG D 550 -4.63 30.34 36.03
N PRO D 551 -5.93 30.38 36.37
CA PRO D 551 -6.44 29.46 37.39
C PRO D 551 -6.14 28.01 37.03
N TRP D 552 -5.69 27.24 38.03
CA TRP D 552 -5.28 25.86 37.74
C TRP D 552 -6.45 25.02 37.25
N GLN D 553 -7.66 25.28 37.75
CA GLN D 553 -8.82 24.52 37.31
C GLN D 553 -9.04 24.65 35.80
N GLU D 554 -8.79 25.85 35.25
CA GLU D 554 -8.98 26.07 33.83
C GLU D 554 -7.87 25.43 33.00
N VAL D 555 -6.61 25.49 33.48
CA VAL D 555 -5.53 24.81 32.78
C VAL D 555 -5.78 23.31 32.76
N LEU D 556 -6.25 22.75 33.88
CA LEU D 556 -6.51 21.31 33.92
C LEU D 556 -7.61 20.92 32.94
N LYS D 557 -8.67 21.72 32.85
CA LYS D 557 -9.77 21.43 31.93
C LYS D 557 -9.29 21.41 30.49
N ASP D 558 -8.51 22.41 30.09
CA ASP D 558 -7.93 22.40 28.75
C ASP D 558 -7.12 21.14 28.50
N MET D 559 -6.45 20.62 29.53
CA MET D 559 -5.55 19.49 29.33
C MET D 559 -6.29 18.16 29.31
N VAL D 560 -7.14 17.92 30.30
CA VAL D 560 -7.72 16.59 30.50
C VAL D 560 -9.23 16.57 30.37
N GLY D 561 -9.90 17.72 30.20
CA GLY D 561 -11.34 17.74 30.03
C GLY D 561 -12.14 17.85 31.31
N LEU D 562 -11.47 17.98 32.45
CA LEU D 562 -12.14 18.09 33.74
C LEU D 562 -11.45 19.19 34.53
N ASP D 563 -12.22 19.91 35.35
CA ASP D 563 -11.70 21.04 36.09
C ASP D 563 -11.43 20.72 37.57
N ALA D 564 -11.23 19.43 37.90
CA ALA D 564 -11.04 19.01 39.29
C ALA D 564 -10.13 17.79 39.36
N LEU D 565 -9.51 17.63 40.53
CA LEU D 565 -8.82 16.39 40.86
C LEU D 565 -9.81 15.22 40.84
N ASP D 566 -9.37 14.08 40.31
CA ASP D 566 -10.23 12.91 40.09
C ASP D 566 -9.40 11.63 40.22
N ALA D 567 -9.85 10.70 41.06
CA ALA D 567 -9.15 9.44 41.32
C ALA D 567 -9.40 8.37 40.27
N GLN D 568 -10.37 8.55 39.37
CA GLN D 568 -10.72 7.45 38.47
C GLN D 568 -9.57 7.02 37.57
N PRO D 569 -8.76 7.92 37.01
CA PRO D 569 -7.63 7.43 36.19
C PRO D 569 -6.65 6.55 36.97
N LEU D 570 -6.35 6.90 38.22
CA LEU D 570 -5.50 6.03 39.04
C LEU D 570 -6.17 4.68 39.26
N LEU D 571 -7.49 4.68 39.55
CA LEU D 571 -8.17 3.40 39.75
C LEU D 571 -8.17 2.55 38.49
N LYS D 572 -8.37 3.18 37.32
CA LYS D 572 -8.36 2.45 36.06
C LYS D 572 -6.99 1.83 35.77
N TYR D 573 -5.92 2.57 36.04
CA TYR D 573 -4.56 2.08 35.83
C TYR D 573 -4.30 0.80 36.65
N PHE D 574 -4.73 0.76 37.91
CA PHE D 574 -4.38 -0.33 38.82
C PHE D 574 -5.42 -1.45 38.87
N GLN D 575 -6.53 -1.33 38.13
CA GLN D 575 -7.69 -2.21 38.32
C GLN D 575 -7.34 -3.69 38.44
N LEU D 576 -6.46 -4.20 37.56
CA LEU D 576 -6.19 -5.65 37.56
C LEU D 576 -5.55 -6.11 38.87
N VAL D 577 -4.62 -5.33 39.43
CA VAL D 577 -3.97 -5.75 40.66
C VAL D 577 -4.84 -5.43 41.88
N THR D 578 -5.70 -4.40 41.81
CA THR D 578 -6.67 -4.17 42.87
C THR D 578 -7.58 -5.39 43.04
N GLN D 579 -8.06 -5.94 41.92
CA GLN D 579 -8.90 -7.14 41.98
C GLN D 579 -8.11 -8.35 42.48
N TRP D 580 -6.89 -8.54 41.96
CA TRP D 580 -6.06 -9.68 42.36
C TRP D 580 -5.72 -9.65 43.84
N LEU D 581 -5.34 -8.48 44.37
CA LEU D 581 -5.00 -8.40 45.79
C LEU D 581 -6.23 -8.72 46.66
N GLN D 582 -7.40 -8.22 46.27
CA GLN D 582 -8.61 -8.49 47.04
C GLN D 582 -8.90 -9.99 47.09
N GLU D 583 -8.74 -10.69 45.96
CA GLU D 583 -8.94 -12.13 45.91
C GLU D 583 -7.91 -12.89 46.74
N GLN D 584 -6.63 -12.53 46.63
CA GLN D 584 -5.60 -13.19 47.43
C GLN D 584 -5.84 -13.02 48.93
N ASN D 585 -6.19 -11.81 49.37
CA ASN D 585 -6.38 -11.59 50.81
C ASN D 585 -7.60 -12.37 51.32
N GLN D 586 -8.68 -12.42 50.53
CA GLN D 586 -9.84 -13.20 50.95
C GLN D 586 -9.50 -14.68 51.05
N GLN D 587 -8.78 -15.22 50.06
CA GLN D 587 -8.40 -16.63 50.11
C GLN D 587 -7.54 -16.94 51.32
N ASN D 588 -6.70 -16.00 51.75
CA ASN D 588 -5.84 -16.23 52.89
C ASN D 588 -6.50 -15.89 54.21
N GLY D 589 -7.75 -15.44 54.19
CA GLY D 589 -8.45 -15.08 55.42
C GLY D 589 -7.88 -13.89 56.17
N GLU D 590 -7.36 -12.90 55.45
CA GLU D 590 -6.77 -11.75 56.13
C GLU D 590 -7.82 -10.87 56.80
N VAL D 591 -7.38 -10.20 57.84
CA VAL D 591 -8.10 -9.03 58.38
C VAL D 591 -7.56 -7.80 57.67
N LEU D 592 -8.44 -7.03 57.04
CA LEU D 592 -8.04 -5.76 56.45
C LEU D 592 -8.01 -4.68 57.53
N GLY D 593 -6.89 -3.99 57.66
CA GLY D 593 -6.70 -3.05 58.75
C GLY D 593 -5.85 -3.65 59.86
N TRP D 594 -5.84 -2.93 60.99
CA TRP D 594 -4.98 -3.23 62.13
C TRP D 594 -5.76 -2.96 63.42
N PRO D 595 -6.76 -3.81 63.70
CA PRO D 595 -7.61 -3.59 64.89
C PRO D 595 -6.86 -3.69 66.21
N GLU D 596 -5.72 -4.38 66.27
CA GLU D 596 -4.89 -4.38 67.47
C GLU D 596 -3.95 -3.17 67.41
N TYR D 597 -4.57 -1.98 67.57
CA TYR D 597 -3.88 -0.71 67.33
C TYR D 597 -2.79 -0.39 68.36
N GLN D 598 -2.78 -1.07 69.52
CA GLN D 598 -1.81 -0.87 70.60
C GLN D 598 -0.51 -1.63 70.42
N TRP D 599 -0.45 -2.56 69.47
CA TRP D 599 0.65 -3.52 69.43
C TRP D 599 1.95 -2.89 68.93
N HIS D 600 3.06 -3.25 69.59
CA HIS D 600 4.43 -2.94 69.22
C HIS D 600 5.29 -4.19 69.32
N PRO D 601 6.29 -4.38 68.45
CA PRO D 601 7.14 -5.59 68.55
C PRO D 601 8.12 -5.49 69.71
N PRO D 602 8.59 -6.62 70.24
CA PRO D 602 9.63 -6.57 71.28
C PRO D 602 11.00 -6.29 70.68
N LEU D 603 11.98 -6.05 71.56
CA LEU D 603 13.35 -5.95 71.12
C LEU D 603 13.93 -7.33 70.78
N PRO D 604 14.80 -7.41 69.78
CA PRO D 604 15.47 -8.69 69.50
C PRO D 604 16.41 -9.10 70.62
N ASP D 605 16.68 -10.40 70.66
CA ASP D 605 17.66 -10.94 71.59
C ASP D 605 19.01 -10.28 71.37
N ASN D 606 19.67 -9.92 72.47
CA ASN D 606 21.05 -9.44 72.43
C ASN D 606 21.19 -8.13 71.65
N TYR D 607 20.12 -7.33 71.61
CA TYR D 607 20.16 -6.02 70.96
C TYR D 607 20.36 -4.91 71.99
N PRO D 608 21.24 -3.93 71.75
CA PRO D 608 22.14 -3.69 70.61
C PRO D 608 23.54 -4.29 70.80
N GLU D 609 23.72 -5.07 71.87
CA GLU D 609 25.04 -5.57 72.23
C GLU D 609 25.63 -6.44 71.11
N GLY D 610 24.80 -7.20 70.41
CA GLY D 610 25.27 -8.07 69.36
C GLY D 610 25.37 -7.46 67.97
N ILE D 611 25.27 -6.14 67.83
CA ILE D 611 25.28 -5.54 66.49
C ILE D 611 26.64 -5.66 65.80
N ASP D 612 27.74 -5.81 66.55
CA ASP D 612 29.03 -5.97 65.88
C ASP D 612 29.15 -7.32 65.18
N LEU D 613 28.31 -8.29 65.52
CA LEU D 613 28.33 -9.58 64.83
C LEU D 613 27.62 -9.55 63.48
N VAL D 614 26.73 -8.57 63.24
CA VAL D 614 25.95 -8.54 62.01
C VAL D 614 26.20 -7.26 61.21
N THR D 615 27.32 -6.58 61.47
CA THR D 615 27.73 -5.41 60.70
C THR D 615 29.23 -5.47 60.46
N ASP D 616 29.67 -4.77 59.42
CA ASP D 616 31.06 -4.68 59.02
C ASP D 616 31.67 -3.40 59.55
N GLU D 617 32.93 -3.47 60.00
CA GLU D 617 33.68 -2.28 60.42
C GLU D 617 34.06 -1.45 59.20
#